data_7R1F
#
_entry.id   7R1F
#
_cell.length_a   1.00
_cell.length_b   1.00
_cell.length_c   1.00
_cell.angle_alpha   90.00
_cell.angle_beta   90.00
_cell.angle_gamma   90.00
#
_symmetry.space_group_name_H-M   'P 1'
#
loop_
_entity.id
_entity.type
_entity.pdbx_description
1 polymer 'Polymerase acidic protein'
2 polymer 'RNA-directed RNA polymerase catalytic subunit'
3 polymer 'Polymerase basic protein 2'
4 polymer "5' vRNA"
5 polymer "3' vRNA"
6 polymer mRNA
7 non-polymer 'MAGNESIUM ION'
8 non-polymer "P1-7-METHYLGUANOSINE-P3-ADENOSINE-5',5'-TRIPHOSPHATE"
9 water water
#
loop_
_entity_poly.entity_id
_entity_poly.type
_entity_poly.pdbx_seq_one_letter_code
_entity_poly.pdbx_strand_id
1 'polypeptide(L)'
;GSHHHHHHHHGSGSMDTFITRNFQTTIIQKAKNTMAEFSEDPELQPAMLFNICVHLEVCYVISDMNFLDEEGKAYTALEG
QGKEQNLRPQYEVIEGMPRTIAWMVQRSLAQEHGIETPKYLADLFDYKTKRFIEVGITKGLADDYFWKKKEKLGNSMELM
IFSYNQDYSLSNESSLDEEGKGRVLSRLTELQAELSLKNLWQVLIGEEDVEKGIDFKLGQTISRLRDISVPAGFSNFEGM
RSYIDNIDPKGAIERNLARMSPLVSVTPKKLTWEDLRPIGPHIYNHELPEVPYNAFLLMSDELGLANMTEGKSKKPKTLA
KECLEKYSTLRDQTDPILIMKSEKANENFLWKLWRDCVNTISNEEMSNELQKTNYAKWATGDGLTYQKIMKEVAIDDETM
CQEEPKIPNKCRVAAWVQTEMNLLSTLTSKRALDLPEIGPDVAPVEHVGSERRKYFVNEINYCKASTVMMKYVLFHTSLL
NESNASMGKYKVIPITNRVVNEKGESFDMLYGLAVKGQSHLRGDTDVVTVVTFEFSSTDPRVDSGKWPKYTVFRIGSLFV
SGREKSVYLYCRVNGTNKIQMKWGMEARRCLLQSMQQMEAIVEQESSIQGYDMTKACFKGDRVNSPKTFSIGTQEGKLVK
GSFGKALRVIFTKCLMHYVFGNAQLEGFSAESRRLLLLIQALKDRKGPWVFDLEGMYSGIEECISNNPWVIQSAYWFNEW
LGFEKEGSKVLESVDEIMDEGSGSGENLYFQ
;
A
2 'polypeptide(L)'
;GSGSGSGSGMNINPYFLFIDVPIQAAISTTFPYTGVPPYSHGTGTGYTIDTVIRTHEYSNKGKQYISDVTGCTMVDPTNG
PLPEDNEPSAYAQLDCVLEALDRMDEEHPGLFQAASQNAMETLMVTTVDKLTQGRQTFDWTVCRNQPAATALNTTITSFR
LNDLNGADKGGLIPFCQDIIDSLDRPEMTFFSVKNIKKKLPAKNRKGFLIKRIPMKVKDKITKVEYIKRALSLNTMTKDA
ERGKLKRRAIATAGIQIRGFVLVVENLAKNICENLEQSGLPVGGNEKKAKLSNAVAKMLSNCPPGGISMTVTGDNTKWNE
CLNPRIFLAMTERITRDSPIWFRDFCSIAPVLFSNKIARLGKGFMITSKTKRLKAQIPCPDLFSIPLERYNEETRAKLKK
LKPFFNEEGTASLSPGMMMGMFNMLSTVLGVAALGIKNIGNKEYLWDGLQSSDDFALFVNAKDEETCMEGINDFYRTCKL
LGINMSKKKSYCNETGMFEFTSMFYRDGFVSNFAMELPSFGVAGVNESADMAIGMTIIKNNMINNGMGPATAQTAIQLFI
ADYRYTYKCHRGDSKVEGKRMKIIKELWENTKGRDGLLVADGGPNIYNLRNLHIPEIVLKYNLMDPEYKGRLLHPQNPFV
GHLSIEGIKEADITPAHGPVKKMDYDAVSGTHSWRTKRNRSILNTDQRNMILEEQCYAKCCNLFEACFNSASYRKPVGQH
SMLEAMAHRLRMDARLDYESGRMSKDDFEKAMAHLGEIGYIGSGSGENLYFQ
;
B
3 'polypeptide(L)'
;GSGSGSGSGMTLAKIELLKQLLRDNEAKTVLKQTTVDQYNIIRKFNTSRIEKNPSLRMKWAMCSNFPLALTKGDMANRIP
LEYKGIQLKTNAEDIGTKGQMCSIAAVTWWNTYGPIGDTEGFERVYESFFLRKMRLDNATWGRITFGPVERVRKRVLLNP
LTKEMPPDEASNVIMEILFPKEAGIPRESTWIHRELIKEKREKLKGTMITPIVLAYMLERELVARRRFLPVAGATSAEFI
EMLHCLQGENWRQIYHPGGNKLTESRSQSMIVACRKIIRRSIVASNPLELAVEIANKTVIDTEPLKSCLAAIDGGDVACD
IIRAALGLKIRQRQRFGRLELKRISGRGFKNDEEILIGNGTIQKIGIWDGEEEFHVRCGECRGILKKSKMKLEKLLINSA
KKEDMRDLIILCMVFSQDTRMFQGVRGEINFLNRAGQLLSPMYQLQRYFLNRSNDLFDQWGYEESPKASELHGINESMNA
SDYTLKGVVVTRNVIDDFSSTETEKVSITKNLSLIKRTGEVIMGANDVSELESQAQLMITYDTPKMWEMGTTKELVQNTY
QWVLKNLVTLKAQFLLGKEDMFQWDAFEAFESIIPQKMAGQYSGFARAVLKQMRDQEVMKTDQFIKLLPFCFSPPKLRSN
GEPYQFLKLVLKGGGENFIEVRKGSPLFSYNPQTEVLTICGRMMSLKGKIEDEERNRSMGNAVLAGFLVSGKYDPDLGDF
KTIEELEKLKPGEKANILLYQGKPVKVVKRKRYSALSNDISQGIKRQRMTVESMGWALSGWSHPQFEKGSGSENLYFQ
;
C
4 'polyribonucleotide' AGUAGUAACAAGAG V
5 'polyribonucleotide' UAUACAACUGAGAAAGCUAUU R
6 'polyribonucleotide' AUCUAUAAUAGCUUUCUC(K1F)(K1F) M
#
loop_
_chem_comp.id
_chem_comp.type
_chem_comp.name
_chem_comp.formula
A RNA linking ADENOSINE-5'-MONOPHOSPHATE 'C10 H14 N5 O7 P'
C RNA linking CYTIDINE-5'-MONOPHOSPHATE 'C9 H14 N3 O8 P'
G RNA linking GUANOSINE-5'-MONOPHOSPHATE 'C10 H14 N5 O8 P'
GTA non-polymer P1-7-METHYLGUANOSINE-P3-ADENOSINE-5',5'-TRIPHOSPHATE 'C21 H30 N10 O17 P3 1'
K1F RNA linking '[(2R,3S,4R,5R)-5-(3-aminocarbonyl-2-oxidanylidene-pyrazin-1-yl)-3,4-bis(oxidanyl)oxolan-2-yl]methyl dihydrogen phosphate' 'C10 H14 N3 O9 P'
MG non-polymer 'MAGNESIUM ION' 'Mg 2'
U RNA linking URIDINE-5'-MONOPHOSPHATE 'C9 H13 N2 O9 P'
#
# COMPACT_ATOMS: atom_id res chain seq x y z
N MET A 15 3.12 -40.20 -42.75
CA MET A 15 3.35 -39.53 -41.48
C MET A 15 2.40 -40.02 -40.40
N ASP A 16 1.22 -39.38 -40.31
CA ASP A 16 0.23 -39.77 -39.32
C ASP A 16 -0.63 -40.95 -39.77
N THR A 17 -0.64 -41.25 -41.06
CA THR A 17 -1.50 -42.31 -41.56
C THR A 17 -1.13 -43.67 -40.98
N PHE A 18 0.18 -43.97 -40.91
CA PHE A 18 0.62 -45.24 -40.35
C PHE A 18 0.23 -45.37 -38.88
N ILE A 19 0.42 -44.31 -38.11
CA ILE A 19 0.11 -44.35 -36.69
C ILE A 19 -1.40 -44.48 -36.47
N THR A 20 -2.20 -43.76 -37.27
CA THR A 20 -3.65 -43.89 -37.15
C THR A 20 -4.13 -45.29 -37.54
N ARG A 21 -3.53 -45.88 -38.57
CA ARG A 21 -3.98 -47.21 -39.01
C ARG A 21 -3.52 -48.31 -38.05
N ASN A 22 -2.36 -48.13 -37.41
CA ASN A 22 -1.83 -49.18 -36.54
C ASN A 22 -2.24 -49.01 -35.09
N PHE A 23 -2.20 -47.79 -34.57
CA PHE A 23 -2.52 -47.53 -33.17
C PHE A 23 -3.98 -47.12 -33.02
N GLN A 24 -4.49 -47.28 -31.81
CA GLN A 24 -5.87 -46.96 -31.51
C GLN A 24 -6.06 -45.46 -31.34
N THR A 25 -7.33 -45.03 -31.38
CA THR A 25 -7.64 -43.60 -31.24
C THR A 25 -7.27 -43.08 -29.86
N THR A 26 -7.55 -43.87 -28.81
CA THR A 26 -7.23 -43.43 -27.46
C THR A 26 -5.72 -43.30 -27.26
N ILE A 27 -4.95 -44.25 -27.80
CA ILE A 27 -3.49 -44.23 -27.62
C ILE A 27 -2.89 -42.99 -28.29
N ILE A 28 -3.32 -42.72 -29.52
CA ILE A 28 -2.78 -41.56 -30.22
C ILE A 28 -3.25 -40.27 -29.57
N GLN A 29 -4.48 -40.24 -29.06
CA GLN A 29 -4.96 -39.05 -28.36
C GLN A 29 -4.14 -38.80 -27.10
N LYS A 30 -3.82 -39.86 -26.35
CA LYS A 30 -2.98 -39.71 -25.17
C LYS A 30 -1.59 -39.21 -25.55
N ALA A 31 -1.03 -39.75 -26.64
CA ALA A 31 0.29 -39.30 -27.08
C ALA A 31 0.27 -37.82 -27.47
N LYS A 32 -0.77 -37.40 -28.19
CA LYS A 32 -0.88 -36.00 -28.58
C LYS A 32 -1.04 -35.10 -27.36
N ASN A 33 -1.84 -35.52 -26.39
CA ASN A 33 -1.99 -34.73 -25.16
C ASN A 33 -0.68 -34.61 -24.42
N THR A 34 0.09 -35.71 -24.36
CA THR A 34 1.39 -35.67 -23.71
C THR A 34 2.34 -34.71 -24.42
N MET A 35 2.39 -34.77 -25.74
CA MET A 35 3.24 -33.85 -26.49
C MET A 35 2.81 -32.40 -26.28
N ALA A 36 1.50 -32.16 -26.26
CA ALA A 36 1.00 -30.80 -26.01
C ALA A 36 1.43 -30.31 -24.63
N GLU A 37 1.37 -31.18 -23.63
CA GLU A 37 1.87 -30.82 -22.31
C GLU A 37 3.37 -30.57 -22.33
N PHE A 38 4.10 -31.27 -23.21
CA PHE A 38 5.54 -31.09 -23.31
C PHE A 38 5.94 -29.87 -24.14
N SER A 39 4.98 -29.18 -24.75
CA SER A 39 5.21 -27.91 -25.44
C SER A 39 6.13 -28.07 -26.66
N GLU A 40 5.78 -29.03 -27.51
CA GLU A 40 6.48 -29.20 -28.78
C GLU A 40 5.46 -29.37 -29.89
N ASP A 41 5.82 -28.88 -31.08
CA ASP A 41 4.91 -28.89 -32.21
C ASP A 41 4.66 -30.33 -32.66
N PRO A 42 3.39 -30.70 -32.89
CA PRO A 42 3.08 -32.10 -33.20
C PRO A 42 3.42 -32.50 -34.63
N GLU A 43 3.46 -31.54 -35.54
CA GLU A 43 3.60 -31.84 -36.96
C GLU A 43 5.05 -32.04 -37.39
N LEU A 44 5.96 -31.20 -36.91
CA LEU A 44 7.33 -31.22 -37.43
C LEU A 44 8.19 -32.32 -36.82
N GLN A 45 7.73 -32.99 -35.77
CA GLN A 45 8.49 -34.07 -35.13
C GLN A 45 7.60 -35.29 -34.97
N PRO A 46 7.39 -36.06 -36.04
CA PRO A 46 6.67 -37.34 -35.89
C PRO A 46 7.43 -38.39 -35.09
N ALA A 47 8.76 -38.24 -34.95
CA ALA A 47 9.55 -39.26 -34.26
C ALA A 47 9.17 -39.36 -32.79
N MET A 48 9.02 -38.22 -32.11
CA MET A 48 8.60 -38.23 -30.71
C MET A 48 7.19 -38.80 -30.58
N LEU A 49 6.31 -38.47 -31.52
CA LEU A 49 4.96 -39.01 -31.50
C LEU A 49 4.98 -40.53 -31.58
N PHE A 50 5.76 -41.07 -32.51
CA PHE A 50 5.84 -42.52 -32.66
C PHE A 50 6.44 -43.18 -31.43
N ASN A 51 7.49 -42.56 -30.86
CA ASN A 51 8.12 -43.14 -29.67
C ASN A 51 7.15 -43.17 -28.50
N ILE A 52 6.43 -42.07 -28.26
CA ILE A 52 5.46 -42.04 -27.18
C ILE A 52 4.36 -43.07 -27.41
N CYS A 53 3.88 -43.18 -28.66
CA CYS A 53 2.84 -44.15 -28.96
C CYS A 53 3.31 -45.56 -28.65
N VAL A 54 4.49 -45.94 -29.12
CA VAL A 54 4.95 -47.32 -28.91
C VAL A 54 5.22 -47.57 -27.43
N HIS A 55 5.75 -46.57 -26.71
CA HIS A 55 6.03 -46.74 -25.29
C HIS A 55 4.75 -47.01 -24.51
N LEU A 56 3.74 -46.15 -24.69
CA LEU A 56 2.52 -46.35 -23.93
C LEU A 56 1.76 -47.60 -24.39
N GLU A 57 1.88 -47.96 -25.68
CA GLU A 57 1.21 -49.17 -26.16
C GLU A 57 1.83 -50.42 -25.55
N VAL A 58 3.17 -50.50 -25.51
CA VAL A 58 3.79 -51.67 -24.90
C VAL A 58 3.55 -51.68 -23.40
N CYS A 59 3.42 -50.50 -22.77
CA CYS A 59 3.03 -50.48 -21.36
C CYS A 59 1.64 -51.08 -21.17
N TYR A 60 0.69 -50.75 -22.05
CA TYR A 60 -0.63 -51.34 -21.95
C TYR A 60 -0.58 -52.85 -22.20
N VAL A 61 0.25 -53.28 -23.15
CA VAL A 61 0.37 -54.71 -23.42
C VAL A 61 0.90 -55.44 -22.20
N ILE A 62 1.91 -54.88 -21.54
CA ILE A 62 2.44 -55.48 -20.32
C ILE A 62 1.36 -55.51 -19.23
N SER A 63 0.63 -54.40 -19.06
CA SER A 63 -0.35 -54.33 -17.99
C SER A 63 -1.51 -55.29 -18.19
N ASP A 64 -1.89 -55.56 -19.44
CA ASP A 64 -3.04 -56.41 -19.71
C ASP A 64 -2.74 -57.89 -19.58
N MET A 65 -1.67 -58.27 -18.88
CA MET A 65 -1.29 -59.67 -18.71
C MET A 65 -1.64 -60.23 -17.34
N ASN A 66 -1.35 -59.51 -16.26
CA ASN A 66 -1.49 -60.03 -14.91
C ASN A 66 -2.65 -59.35 -14.19
N PHE A 67 -3.23 -60.07 -13.23
CA PHE A 67 -4.38 -59.59 -12.48
C PHE A 67 -4.28 -60.09 -11.04
N LEU A 68 -5.00 -59.40 -10.15
CA LEU A 68 -4.89 -59.64 -8.71
C LEU A 68 -6.09 -60.45 -8.19
N ASP A 69 -5.79 -61.42 -7.32
CA ASP A 69 -6.81 -62.20 -6.64
C ASP A 69 -7.13 -61.56 -5.29
N GLU A 70 -7.85 -62.29 -4.44
CA GLU A 70 -8.17 -61.82 -3.10
C GLU A 70 -7.14 -62.21 -2.05
N GLU A 71 -6.17 -63.07 -2.40
CA GLU A 71 -5.14 -63.48 -1.45
C GLU A 71 -3.77 -62.90 -1.81
N GLY A 72 -3.75 -61.82 -2.59
CA GLY A 72 -2.50 -61.16 -2.93
C GLY A 72 -1.57 -61.96 -3.83
N LYS A 73 -2.11 -62.60 -4.86
CA LYS A 73 -1.30 -63.31 -5.85
C LYS A 73 -1.62 -62.78 -7.24
N ALA A 74 -0.63 -62.89 -8.13
CA ALA A 74 -0.74 -62.38 -9.50
C ALA A 74 -1.01 -63.55 -10.43
N TYR A 75 -2.21 -63.58 -11.01
CA TYR A 75 -2.63 -64.65 -11.91
C TYR A 75 -2.81 -64.10 -13.33
N THR A 76 -3.14 -65.00 -14.25
CA THR A 76 -3.30 -64.66 -15.66
C THR A 76 -4.74 -64.91 -16.09
N ALA A 77 -5.23 -64.03 -16.96
CA ALA A 77 -6.54 -64.18 -17.58
C ALA A 77 -6.37 -64.63 -19.04
N LEU A 78 -7.48 -65.04 -19.63
CA LEU A 78 -7.49 -65.52 -21.01
C LEU A 78 -8.86 -65.20 -21.61
N GLU A 79 -9.09 -65.69 -22.83
CA GLU A 79 -10.36 -65.44 -23.50
C GLU A 79 -11.51 -66.09 -22.73
N GLY A 80 -12.65 -65.40 -22.72
CA GLY A 80 -13.83 -65.90 -22.04
C GLY A 80 -13.91 -65.53 -20.57
N GLN A 81 -13.64 -64.27 -20.24
CA GLN A 81 -13.70 -63.78 -18.87
C GLN A 81 -14.55 -62.54 -18.80
N GLY A 82 -15.40 -62.46 -17.77
CA GLY A 82 -16.29 -61.34 -17.59
C GLY A 82 -15.61 -60.16 -16.92
N LYS A 83 -16.39 -59.09 -16.74
CA LYS A 83 -15.90 -57.86 -16.12
C LYS A 83 -15.93 -57.90 -14.60
N GLU A 84 -16.60 -58.87 -14.00
CA GLU A 84 -16.50 -59.03 -12.55
C GLU A 84 -15.18 -59.66 -12.14
N GLN A 85 -14.67 -60.58 -12.95
CA GLN A 85 -13.35 -61.15 -12.73
C GLN A 85 -12.23 -60.18 -13.11
N ASN A 86 -12.52 -59.21 -13.97
CA ASN A 86 -11.56 -58.20 -14.41
C ASN A 86 -12.05 -56.85 -13.89
N LEU A 87 -11.68 -56.54 -12.65
CA LEU A 87 -12.08 -55.29 -12.00
C LEU A 87 -10.91 -54.46 -11.53
N ARG A 88 -9.82 -55.08 -11.11
CA ARG A 88 -8.65 -54.35 -10.63
C ARG A 88 -7.40 -54.90 -11.29
N PRO A 89 -6.44 -54.03 -11.63
CA PRO A 89 -5.27 -54.49 -12.38
C PRO A 89 -4.12 -54.95 -11.50
N GLN A 90 -3.05 -55.43 -12.13
CA GLN A 90 -1.81 -55.78 -11.45
C GLN A 90 -0.78 -54.66 -11.55
N TYR A 91 -0.44 -54.28 -12.78
CA TYR A 91 0.52 -53.21 -13.04
C TYR A 91 -0.25 -51.92 -13.30
N GLU A 92 0.04 -50.90 -12.52
CA GLU A 92 -0.60 -49.59 -12.67
C GLU A 92 0.25 -48.76 -13.63
N VAL A 93 -0.34 -48.35 -14.75
CA VAL A 93 0.37 -47.64 -15.81
C VAL A 93 0.26 -46.14 -15.55
N ILE A 94 1.40 -45.46 -15.50
CA ILE A 94 1.46 -44.05 -15.18
C ILE A 94 1.74 -43.20 -16.41
N GLU A 95 2.57 -43.67 -17.33
CA GLU A 95 2.84 -42.91 -18.54
C GLU A 95 1.60 -42.79 -19.39
N GLY A 96 1.51 -41.68 -20.12
CA GLY A 96 0.33 -41.32 -20.87
C GLY A 96 -0.66 -40.47 -20.10
N MET A 97 -0.57 -40.45 -18.77
CA MET A 97 -1.36 -39.56 -17.94
C MET A 97 -0.72 -38.18 -17.90
N PRO A 98 -1.51 -37.15 -17.63
CA PRO A 98 -0.94 -35.80 -17.50
C PRO A 98 0.03 -35.71 -16.34
N ARG A 99 0.88 -34.68 -16.39
CA ARG A 99 1.93 -34.53 -15.38
C ARG A 99 1.35 -34.43 -13.98
N THR A 100 0.29 -33.63 -13.81
CA THR A 100 -0.32 -33.48 -12.49
C THR A 100 -0.95 -34.78 -12.01
N ILE A 101 -1.72 -35.44 -12.88
CA ILE A 101 -2.36 -36.70 -12.51
C ILE A 101 -1.30 -37.77 -12.24
N ALA A 102 -0.27 -37.83 -13.08
CA ALA A 102 0.79 -38.83 -12.89
C ALA A 102 1.53 -38.60 -11.58
N TRP A 103 1.85 -37.35 -11.26
CA TRP A 103 2.50 -37.05 -9.99
C TRP A 103 1.61 -37.42 -8.81
N MET A 104 0.31 -37.10 -8.91
CA MET A 104 -0.60 -37.45 -7.84
C MET A 104 -0.64 -38.95 -7.63
N VAL A 105 -0.72 -39.72 -8.72
CA VAL A 105 -0.79 -41.17 -8.61
C VAL A 105 0.49 -41.73 -7.98
N GLN A 106 1.64 -41.24 -8.45
CA GLN A 106 2.90 -41.75 -7.95
C GLN A 106 3.09 -41.42 -6.47
N ARG A 107 2.82 -40.18 -6.08
CA ARG A 107 2.96 -39.79 -4.68
C ARG A 107 1.95 -40.52 -3.81
N SER A 108 0.74 -40.76 -4.30
CA SER A 108 -0.26 -41.49 -3.53
C SER A 108 0.19 -42.92 -3.27
N LEU A 109 0.63 -43.62 -4.33
CA LEU A 109 1.10 -44.98 -4.15
C LEU A 109 2.30 -45.04 -3.21
N ALA A 110 3.26 -44.13 -3.39
CA ALA A 110 4.44 -44.13 -2.54
C ALA A 110 4.10 -43.80 -1.08
N GLN A 111 3.21 -42.85 -0.86
CA GLN A 111 2.91 -42.38 0.49
C GLN A 111 2.05 -43.37 1.26
N GLU A 112 1.15 -44.09 0.57
CA GLU A 112 0.33 -45.08 1.23
C GLU A 112 0.92 -46.48 1.19
N HIS A 113 2.05 -46.66 0.50
CA HIS A 113 2.80 -47.92 0.56
C HIS A 113 4.09 -47.78 1.36
N GLY A 114 4.27 -46.67 2.07
CA GLY A 114 5.46 -46.48 2.89
C GLY A 114 6.76 -46.47 2.14
N ILE A 115 6.78 -45.82 0.97
CA ILE A 115 7.94 -45.81 0.09
C ILE A 115 8.27 -44.36 -0.24
N GLU A 116 9.55 -44.00 -0.13
CA GLU A 116 9.98 -42.67 -0.50
C GLU A 116 9.74 -42.43 -1.99
N THR A 117 9.19 -41.27 -2.31
CA THR A 117 8.84 -40.95 -3.69
C THR A 117 10.10 -40.57 -4.47
N PRO A 118 10.35 -41.17 -5.62
CA PRO A 118 11.53 -40.80 -6.41
C PRO A 118 11.43 -39.39 -6.97
N LYS A 119 12.58 -38.85 -7.34
CA LYS A 119 12.66 -37.50 -7.88
C LYS A 119 12.31 -37.43 -9.36
N TYR A 120 12.05 -38.57 -10.01
CA TYR A 120 11.65 -38.60 -11.41
C TYR A 120 10.36 -39.39 -11.57
N LEU A 121 9.54 -38.96 -12.52
CA LEU A 121 8.27 -39.63 -12.77
C LEU A 121 8.50 -41.03 -13.30
N ALA A 122 7.76 -42.00 -12.77
CA ALA A 122 7.93 -43.38 -13.16
C ALA A 122 7.08 -43.69 -14.39
N ASP A 123 7.10 -44.96 -14.80
CA ASP A 123 6.30 -45.44 -15.92
C ASP A 123 5.29 -46.50 -15.54
N LEU A 124 5.54 -47.30 -14.50
CA LEU A 124 4.63 -48.32 -14.05
C LEU A 124 4.85 -48.55 -12.56
N PHE A 125 3.86 -49.13 -11.91
CA PHE A 125 3.97 -49.52 -10.51
C PHE A 125 3.45 -50.94 -10.35
N ASP A 126 4.20 -51.76 -9.63
CA ASP A 126 3.83 -53.16 -9.40
C ASP A 126 3.50 -53.37 -7.93
N TYR A 127 2.31 -53.94 -7.68
CA TYR A 127 1.85 -54.24 -6.33
C TYR A 127 2.50 -55.49 -5.76
N LYS A 128 2.87 -56.46 -6.60
CA LYS A 128 3.45 -57.69 -6.10
C LYS A 128 4.78 -57.43 -5.38
N THR A 129 5.62 -56.59 -5.97
CA THR A 129 6.84 -56.14 -5.31
C THR A 129 6.73 -54.72 -4.77
N LYS A 130 5.63 -54.01 -5.08
CA LYS A 130 5.42 -52.63 -4.64
C LYS A 130 6.60 -51.75 -5.05
N ARG A 131 6.83 -51.66 -6.35
CA ARG A 131 7.98 -50.93 -6.85
C ARG A 131 7.62 -50.16 -8.12
N PHE A 132 8.35 -49.09 -8.36
CA PHE A 132 8.19 -48.28 -9.56
C PHE A 132 9.16 -48.73 -10.64
N ILE A 133 8.70 -48.66 -11.89
CA ILE A 133 9.42 -49.19 -13.04
C ILE A 133 9.45 -48.12 -14.13
N GLU A 134 10.62 -47.94 -14.73
CA GLU A 134 10.80 -46.99 -15.84
C GLU A 134 11.02 -47.81 -17.11
N VAL A 135 9.92 -48.07 -17.83
CA VAL A 135 10.00 -48.88 -19.05
C VAL A 135 10.58 -48.04 -20.17
N GLY A 136 11.64 -48.53 -20.79
CA GLY A 136 12.29 -47.82 -21.88
C GLY A 136 12.59 -48.74 -23.04
N ILE A 137 12.71 -48.14 -24.22
CA ILE A 137 13.04 -48.86 -25.45
C ILE A 137 14.18 -48.13 -26.14
N THR A 138 15.19 -48.88 -26.58
CA THR A 138 16.35 -48.29 -27.25
C THR A 138 16.70 -49.08 -28.50
N LYS A 139 17.87 -48.79 -29.08
CA LYS A 139 18.29 -49.48 -30.30
C LYS A 139 19.66 -50.13 -30.09
N GLY A 140 20.55 -49.44 -29.39
CA GLY A 140 21.92 -49.90 -29.21
C GLY A 140 22.06 -51.00 -28.20
N LEU A 141 23.21 -51.04 -27.55
CA LEU A 141 23.46 -52.05 -26.52
C LEU A 141 22.48 -51.90 -25.38
N ALA A 142 21.83 -53.00 -25.02
CA ALA A 142 20.83 -52.95 -23.96
C ALA A 142 21.46 -52.63 -22.60
N ASP A 143 22.61 -53.25 -22.29
CA ASP A 143 23.26 -53.00 -21.02
C ASP A 143 23.79 -51.57 -20.92
N ASP A 144 24.23 -50.99 -22.04
CA ASP A 144 24.72 -49.62 -22.01
C ASP A 144 23.63 -48.66 -21.58
N TYR A 145 22.45 -48.75 -22.21
CA TYR A 145 21.32 -47.92 -21.82
C TYR A 145 20.86 -48.25 -20.41
N PHE A 146 20.90 -49.53 -20.03
CA PHE A 146 20.51 -49.93 -18.68
C PHE A 146 21.37 -49.24 -17.64
N TRP A 147 22.69 -49.26 -17.82
CA TRP A 147 23.57 -48.61 -16.85
C TRP A 147 23.50 -47.09 -16.94
N LYS A 148 23.26 -46.53 -18.13
CA LYS A 148 23.07 -45.09 -18.24
C LYS A 148 21.86 -44.63 -17.44
N LYS A 149 20.76 -45.38 -17.53
CA LYS A 149 19.60 -45.09 -16.69
C LYS A 149 19.90 -45.35 -15.22
N LYS A 150 20.72 -46.35 -14.93
CA LYS A 150 21.11 -46.66 -13.56
C LYS A 150 21.99 -45.58 -12.94
N GLU A 151 22.57 -44.71 -13.77
CA GLU A 151 23.51 -43.72 -13.25
C GLU A 151 22.84 -42.73 -12.30
N LYS A 152 21.61 -42.31 -12.62
CA LYS A 152 21.00 -41.19 -11.90
C LYS A 152 20.69 -41.56 -10.45
N LEU A 153 19.86 -42.58 -10.24
CA LEU A 153 19.45 -42.95 -8.89
C LEU A 153 19.81 -44.38 -8.50
N GLY A 154 20.22 -45.22 -9.46
CA GLY A 154 20.66 -46.56 -9.13
C GLY A 154 19.54 -47.57 -9.00
N ASN A 155 18.81 -47.53 -7.87
CA ASN A 155 17.78 -48.52 -7.62
C ASN A 155 16.47 -47.90 -7.16
N SER A 156 16.27 -46.60 -7.39
CA SER A 156 14.99 -45.98 -7.04
C SER A 156 13.86 -46.58 -7.84
N MET A 157 14.14 -47.04 -9.05
CA MET A 157 13.15 -47.71 -9.90
C MET A 157 13.79 -48.92 -10.55
N GLU A 158 13.08 -50.05 -10.52
CA GLU A 158 13.53 -51.26 -11.21
C GLU A 158 13.21 -51.12 -12.69
N LEU A 159 13.93 -50.21 -13.34
CA LEU A 159 13.64 -49.87 -14.72
C LEU A 159 14.02 -51.02 -15.66
N MET A 160 13.24 -51.16 -16.72
CA MET A 160 13.39 -52.24 -17.70
C MET A 160 13.73 -51.64 -19.06
N ILE A 161 14.68 -52.26 -19.76
CA ILE A 161 15.15 -51.78 -21.04
C ILE A 161 14.84 -52.81 -22.10
N PHE A 162 14.16 -52.39 -23.17
CA PHE A 162 13.90 -53.22 -24.33
C PHE A 162 14.62 -52.64 -25.54
N SER A 163 14.68 -53.44 -26.61
CA SER A 163 15.33 -53.03 -27.85
C SER A 163 14.66 -53.73 -29.02
N TYR A 164 14.84 -53.14 -30.21
CA TYR A 164 14.21 -53.67 -31.41
C TYR A 164 14.91 -54.90 -31.97
N ASN A 165 16.15 -55.17 -31.55
CA ASN A 165 16.89 -56.34 -31.99
C ASN A 165 16.69 -57.54 -31.05
N GLN A 166 15.55 -57.61 -30.38
CA GLN A 166 15.20 -58.70 -29.47
C GLN A 166 16.17 -58.81 -28.30
N ASP A 167 16.87 -57.73 -27.97
CA ASP A 167 17.70 -57.68 -26.78
C ASP A 167 16.99 -56.87 -25.70
N TYR A 168 17.21 -57.26 -24.45
CA TYR A 168 16.58 -56.57 -23.33
C TYR A 168 17.44 -56.73 -22.09
N SER A 169 17.47 -55.70 -21.25
CA SER A 169 18.18 -55.73 -19.98
C SER A 169 17.14 -55.61 -18.88
N LEU A 170 16.56 -56.74 -18.50
CA LEU A 170 15.59 -56.76 -17.42
C LEU A 170 16.26 -56.54 -16.08
N SER A 171 15.60 -55.76 -15.22
CA SER A 171 16.10 -55.47 -13.89
C SER A 171 16.04 -56.73 -13.02
N ASN A 172 16.64 -56.64 -11.83
CA ASN A 172 16.69 -57.80 -10.93
C ASN A 172 15.29 -58.23 -10.50
N GLU A 173 14.39 -57.28 -10.29
CA GLU A 173 13.02 -57.58 -9.87
C GLU A 173 12.29 -58.15 -11.08
N SER A 174 12.38 -59.47 -11.24
CA SER A 174 11.74 -60.15 -12.36
C SER A 174 10.23 -60.17 -12.14
N SER A 175 9.47 -59.63 -13.08
CA SER A 175 8.04 -59.52 -12.94
C SER A 175 7.25 -60.04 -14.13
N LEU A 176 7.89 -60.34 -15.25
CA LEU A 176 7.22 -60.83 -16.45
C LEU A 176 7.68 -62.25 -16.78
N ASP A 177 6.75 -63.08 -17.24
CA ASP A 177 7.07 -64.46 -17.58
C ASP A 177 7.43 -64.55 -19.07
N GLU A 178 7.51 -65.78 -19.58
CA GLU A 178 7.91 -65.98 -20.97
C GLU A 178 6.79 -65.64 -21.95
N GLU A 179 5.54 -65.95 -21.58
CA GLU A 179 4.42 -65.77 -22.51
C GLU A 179 4.26 -64.29 -22.89
N GLY A 180 4.18 -63.41 -21.88
CA GLY A 180 3.99 -62.00 -22.17
C GLY A 180 5.19 -61.36 -22.83
N LYS A 181 6.40 -61.72 -22.41
CA LYS A 181 7.60 -61.16 -23.02
C LYS A 181 7.69 -61.57 -24.49
N GLY A 182 7.41 -62.84 -24.78
CA GLY A 182 7.40 -63.27 -26.16
C GLY A 182 6.30 -62.61 -26.97
N ARG A 183 5.14 -62.38 -26.35
CA ARG A 183 4.07 -61.66 -27.03
C ARG A 183 4.52 -60.26 -27.41
N VAL A 184 5.14 -59.55 -26.47
CA VAL A 184 5.60 -58.18 -26.73
C VAL A 184 6.67 -58.18 -27.81
N LEU A 185 7.62 -59.12 -27.74
CA LEU A 185 8.69 -59.16 -28.72
C LEU A 185 8.15 -59.46 -30.12
N SER A 186 7.22 -60.42 -30.23
CA SER A 186 6.63 -60.73 -31.53
C SER A 186 5.84 -59.57 -32.08
N ARG A 187 5.09 -58.88 -31.22
CA ARG A 187 4.34 -57.70 -31.67
C ARG A 187 5.28 -56.59 -32.13
N LEU A 188 6.38 -56.37 -31.41
CA LEU A 188 7.36 -55.37 -31.82
C LEU A 188 7.99 -55.74 -33.16
N THR A 189 8.33 -57.02 -33.35
CA THR A 189 8.91 -57.45 -34.62
C THR A 189 7.92 -57.27 -35.77
N GLU A 190 6.65 -57.62 -35.55
CA GLU A 190 5.64 -57.43 -36.59
C GLU A 190 5.48 -55.96 -36.92
N LEU A 191 5.43 -55.10 -35.91
CA LEU A 191 5.29 -53.66 -36.16
C LEU A 191 6.49 -53.11 -36.92
N GLN A 192 7.70 -53.54 -36.54
CA GLN A 192 8.90 -53.09 -37.24
C GLN A 192 8.89 -53.53 -38.70
N ALA A 193 8.49 -54.78 -38.96
CA ALA A 193 8.39 -55.25 -40.34
C ALA A 193 7.35 -54.46 -41.12
N GLU A 194 6.19 -54.21 -40.51
CA GLU A 194 5.13 -53.48 -41.20
C GLU A 194 5.56 -52.04 -41.52
N LEU A 195 6.29 -51.40 -40.62
CA LEU A 195 6.78 -50.06 -40.93
C LEU A 195 7.91 -50.10 -41.95
N SER A 196 8.74 -51.15 -41.93
CA SER A 196 9.88 -51.23 -42.84
C SER A 196 9.41 -51.45 -44.28
N LEU A 197 8.38 -52.29 -44.48
CA LEU A 197 7.85 -52.46 -45.82
C LEU A 197 7.27 -51.17 -46.36
N LYS A 198 6.81 -50.27 -45.49
CA LYS A 198 6.34 -48.96 -45.91
C LYS A 198 7.46 -47.94 -46.01
N ASN A 199 8.67 -48.30 -45.60
CA ASN A 199 9.84 -47.42 -45.66
C ASN A 199 9.59 -46.11 -44.88
N LEU A 200 9.43 -46.26 -43.57
CA LEU A 200 9.29 -45.13 -42.67
C LEU A 200 10.49 -44.94 -41.76
N TRP A 201 11.45 -45.86 -41.79
CA TRP A 201 12.57 -45.80 -40.86
C TRP A 201 13.43 -44.56 -41.07
N GLN A 202 13.70 -44.22 -42.32
CA GLN A 202 14.49 -43.02 -42.61
C GLN A 202 13.73 -41.75 -42.27
N VAL A 203 12.40 -41.80 -42.26
CA VAL A 203 11.61 -40.63 -41.87
C VAL A 203 11.77 -40.32 -40.39
N LEU A 204 12.04 -41.32 -39.55
CA LEU A 204 12.10 -41.14 -38.11
C LEU A 204 13.51 -41.11 -37.54
N ILE A 205 14.47 -41.84 -38.12
CA ILE A 205 15.81 -41.88 -37.54
C ILE A 205 16.51 -40.53 -37.73
N GLY A 206 16.28 -39.88 -38.87
CA GLY A 206 16.93 -38.62 -39.16
C GLY A 206 16.54 -37.49 -38.23
N GLU A 207 17.47 -37.04 -37.40
CA GLU A 207 17.18 -36.00 -36.42
C GLU A 207 17.04 -34.65 -37.13
N GLU A 208 15.84 -34.08 -37.08
CA GLU A 208 15.55 -32.76 -37.64
C GLU A 208 14.93 -31.91 -36.53
N ASP A 209 15.78 -31.27 -35.73
CA ASP A 209 15.34 -30.40 -34.64
C ASP A 209 15.98 -29.03 -34.83
N VAL A 210 15.25 -28.11 -35.43
CA VAL A 210 15.63 -26.71 -35.48
C VAL A 210 15.08 -26.03 -34.23
N GLU A 211 15.76 -24.99 -33.78
CA GLU A 211 15.35 -24.32 -32.55
C GLU A 211 14.04 -23.58 -32.76
N LYS A 212 13.07 -23.86 -31.89
CA LYS A 212 11.72 -23.34 -32.01
C LYS A 212 11.42 -22.40 -30.84
N GLY A 213 10.71 -21.31 -31.13
CA GLY A 213 10.32 -20.38 -30.08
C GLY A 213 8.82 -20.34 -29.85
N ILE A 214 8.31 -19.17 -29.49
CA ILE A 214 6.90 -18.97 -29.21
C ILE A 214 6.25 -18.38 -30.46
N ASP A 215 5.12 -18.93 -30.86
CA ASP A 215 4.40 -18.49 -32.05
C ASP A 215 3.36 -17.45 -31.66
N PHE A 216 3.47 -16.26 -32.26
CA PHE A 216 2.48 -15.20 -32.05
C PHE A 216 2.41 -14.39 -33.34
N LYS A 217 1.43 -14.74 -34.18
CA LYS A 217 1.29 -14.13 -35.50
C LYS A 217 0.07 -13.22 -35.50
N LEU A 218 0.22 -12.06 -36.16
CA LEU A 218 -0.85 -11.07 -36.23
C LEU A 218 -1.69 -11.29 -37.49
N GLY A 219 -3.01 -11.30 -37.32
CA GLY A 219 -3.93 -11.48 -38.43
C GLY A 219 -4.04 -10.23 -39.28
N GLN A 220 -5.12 -10.15 -40.04
CA GLN A 220 -5.29 -9.03 -40.95
C GLN A 220 -5.85 -7.80 -40.24
N THR A 221 -6.87 -7.98 -39.41
CA THR A 221 -7.51 -6.84 -38.76
C THR A 221 -6.56 -6.13 -37.81
N ILE A 222 -5.84 -6.90 -36.99
CA ILE A 222 -4.91 -6.29 -36.05
C ILE A 222 -3.74 -5.65 -36.78
N SER A 223 -3.31 -6.24 -37.89
CA SER A 223 -2.25 -5.62 -38.69
C SER A 223 -2.71 -4.30 -39.28
N ARG A 224 -3.95 -4.24 -39.78
CA ARG A 224 -4.49 -2.99 -40.32
C ARG A 224 -4.65 -1.94 -39.22
N LEU A 225 -5.08 -2.35 -38.04
CA LEU A 225 -5.19 -1.42 -36.92
C LEU A 225 -3.81 -0.86 -36.56
N ARG A 226 -2.80 -1.72 -36.52
CA ARG A 226 -1.45 -1.27 -36.22
C ARG A 226 -0.92 -0.34 -37.31
N ASP A 227 -1.23 -0.64 -38.56
CA ASP A 227 -0.79 0.23 -39.65
C ASP A 227 -1.41 1.61 -39.55
N ILE A 228 -2.71 1.70 -39.24
CA ILE A 228 -3.33 3.01 -39.08
C ILE A 228 -3.06 3.63 -37.72
N SER A 229 -2.37 2.92 -36.83
CA SER A 229 -2.05 3.44 -35.50
C SER A 229 -0.68 4.09 -35.42
N VAL A 230 0.05 4.20 -36.52
CA VAL A 230 1.40 4.76 -36.49
C VAL A 230 1.31 6.29 -36.45
N PRO A 231 2.35 6.98 -35.95
CA PRO A 231 2.33 8.44 -35.96
C PRO A 231 2.25 8.99 -37.38
N ALA A 232 1.87 10.26 -37.46
CA ALA A 232 1.75 10.93 -38.75
C ALA A 232 3.13 11.10 -39.38
N GLY A 233 3.25 10.70 -40.64
CA GLY A 233 4.52 10.72 -41.35
C GLY A 233 5.02 9.35 -41.75
N PHE A 234 4.29 8.28 -41.44
CA PHE A 234 4.66 6.93 -41.85
C PHE A 234 3.47 6.29 -42.56
N SER A 235 3.80 5.38 -43.48
CA SER A 235 2.75 4.69 -44.22
C SER A 235 2.20 3.51 -43.44
N ASN A 236 3.08 2.62 -43.01
CA ASN A 236 2.72 1.38 -42.34
C ASN A 236 3.58 1.23 -41.09
N PHE A 237 3.38 0.13 -40.38
CA PHE A 237 4.16 -0.11 -39.17
C PHE A 237 5.57 -0.58 -39.47
N GLU A 238 5.80 -1.23 -40.62
CA GLU A 238 7.14 -1.69 -40.95
C GLU A 238 8.09 -0.52 -41.11
N GLY A 239 7.66 0.53 -41.83
CA GLY A 239 8.49 1.70 -41.98
C GLY A 239 8.74 2.40 -40.67
N MET A 240 7.72 2.51 -39.83
CA MET A 240 7.90 3.14 -38.52
C MET A 240 8.88 2.36 -37.66
N ARG A 241 8.77 1.03 -37.66
CA ARG A 241 9.68 0.20 -36.86
C ARG A 241 11.11 0.33 -37.38
N SER A 242 11.28 0.34 -38.70
CA SER A 242 12.61 0.53 -39.26
C SER A 242 13.19 1.89 -38.88
N TYR A 243 12.35 2.92 -38.90
CA TYR A 243 12.80 4.25 -38.48
C TYR A 243 13.21 4.24 -37.01
N ILE A 244 12.44 3.57 -36.15
CA ILE A 244 12.77 3.50 -34.74
C ILE A 244 14.12 2.82 -34.55
N ASP A 245 14.35 1.72 -35.28
CA ASP A 245 15.56 0.94 -35.06
C ASP A 245 16.81 1.56 -35.69
N ASN A 246 16.68 2.25 -36.83
CA ASN A 246 17.84 2.59 -37.63
C ASN A 246 18.04 4.09 -37.82
N ILE A 247 17.59 4.92 -36.89
CA ILE A 247 17.76 6.36 -37.01
C ILE A 247 18.28 6.90 -35.69
N ASP A 248 19.36 7.69 -35.76
CA ASP A 248 19.92 8.33 -34.57
C ASP A 248 19.17 9.62 -34.29
N PRO A 249 18.49 9.74 -33.16
CA PRO A 249 17.67 10.93 -32.91
C PRO A 249 18.46 12.06 -32.25
N LYS A 250 19.78 11.97 -32.28
CA LYS A 250 20.61 12.90 -31.54
C LYS A 250 20.45 14.32 -32.07
N GLY A 251 20.31 15.27 -31.15
CA GLY A 251 20.15 16.67 -31.49
C GLY A 251 18.75 17.08 -31.86
N ALA A 252 17.80 16.15 -31.86
CA ALA A 252 16.44 16.48 -32.28
C ALA A 252 15.78 17.47 -31.33
N ILE A 253 16.01 17.33 -30.03
CA ILE A 253 15.36 18.20 -29.06
C ILE A 253 15.87 19.63 -29.20
N GLU A 254 17.18 19.80 -29.39
CA GLU A 254 17.73 21.14 -29.59
C GLU A 254 17.16 21.78 -30.85
N ARG A 255 17.07 21.03 -31.94
CA ARG A 255 16.53 21.57 -33.19
C ARG A 255 15.07 21.96 -33.02
N ASN A 256 14.28 21.11 -32.36
CA ASN A 256 12.86 21.41 -32.18
C ASN A 256 12.66 22.62 -31.27
N LEU A 257 13.46 22.74 -30.22
CA LEU A 257 13.36 23.91 -29.35
C LEU A 257 13.86 25.17 -30.04
N ALA A 258 14.76 25.04 -31.00
CA ALA A 258 15.23 26.22 -31.73
C ALA A 258 14.14 26.81 -32.60
N ARG A 259 13.15 26.02 -33.01
CA ARG A 259 12.08 26.52 -33.88
C ARG A 259 10.74 26.67 -33.18
N MET A 260 10.61 26.20 -31.94
CA MET A 260 9.36 26.40 -31.20
C MET A 260 9.20 27.88 -30.87
N SER A 261 7.96 28.34 -30.93
CA SER A 261 7.68 29.76 -30.77
C SER A 261 8.09 30.24 -29.38
N PRO A 262 8.64 31.45 -29.25
CA PRO A 262 8.98 31.97 -27.92
C PRO A 262 7.77 32.21 -27.03
N LEU A 263 6.56 32.25 -27.60
CA LEU A 263 5.35 32.41 -26.79
C LEU A 263 5.09 31.23 -25.89
N VAL A 264 5.66 30.06 -26.19
CA VAL A 264 5.55 28.91 -25.30
C VAL A 264 6.58 29.11 -24.20
N SER A 265 6.14 29.63 -23.06
CA SER A 265 7.03 29.99 -21.97
C SER A 265 6.38 29.62 -20.65
N VAL A 266 7.22 29.44 -19.64
CA VAL A 266 6.72 29.21 -18.29
C VAL A 266 6.46 30.53 -17.57
N THR A 267 6.95 31.65 -18.10
CA THR A 267 6.74 33.00 -17.60
C THR A 267 6.93 33.07 -16.08
N PRO A 268 8.15 32.88 -15.57
CA PRO A 268 8.35 32.94 -14.13
C PRO A 268 8.18 34.35 -13.61
N LYS A 269 7.58 34.46 -12.43
CA LYS A 269 7.46 35.74 -11.74
C LYS A 269 7.82 35.53 -10.28
N LYS A 270 8.69 36.37 -9.75
CA LYS A 270 9.12 36.23 -8.37
C LYS A 270 8.02 36.73 -7.44
N LEU A 271 7.52 35.86 -6.58
CA LEU A 271 6.43 36.21 -5.69
C LEU A 271 6.89 37.21 -4.64
N THR A 272 6.04 38.19 -4.37
CA THR A 272 6.26 39.17 -3.32
C THR A 272 5.00 39.30 -2.49
N TRP A 273 5.13 39.92 -1.32
CA TRP A 273 3.97 40.13 -0.47
C TRP A 273 2.93 41.02 -1.14
N GLU A 274 3.39 42.01 -1.91
CA GLU A 274 2.48 42.90 -2.62
C GLU A 274 1.69 42.18 -3.70
N ASP A 275 2.15 41.02 -4.16
CA ASP A 275 1.45 40.26 -5.18
C ASP A 275 0.40 39.32 -4.61
N LEU A 276 0.29 39.20 -3.30
CA LEU A 276 -0.69 38.34 -2.67
C LEU A 276 -1.92 39.16 -2.33
N ARG A 277 -2.98 38.97 -3.09
CA ARG A 277 -4.21 39.72 -2.92
C ARG A 277 -5.21 38.92 -2.10
N PRO A 278 -6.21 39.59 -1.52
CA PRO A 278 -7.26 38.86 -0.81
C PRO A 278 -8.02 37.92 -1.73
N ILE A 279 -8.38 36.76 -1.22
CA ILE A 279 -9.15 35.80 -2.00
C ILE A 279 -10.63 36.13 -1.90
N GLY A 280 -11.35 35.84 -2.98
CA GLY A 280 -12.79 35.99 -3.03
C GLY A 280 -13.30 37.36 -2.61
N PRO A 281 -12.99 38.39 -3.40
CA PRO A 281 -13.47 39.73 -3.05
C PRO A 281 -15.00 39.85 -3.00
N HIS A 282 -15.71 39.02 -3.76
CA HIS A 282 -17.16 39.12 -3.79
C HIS A 282 -17.80 38.81 -2.45
N ILE A 283 -17.09 38.15 -1.54
CA ILE A 283 -17.64 37.92 -0.21
C ILE A 283 -17.73 39.19 0.61
N TYR A 284 -17.11 40.27 0.16
CA TYR A 284 -17.29 41.58 0.79
C TYR A 284 -18.39 42.40 0.12
N ASN A 285 -18.96 41.91 -0.98
CA ASN A 285 -19.96 42.66 -1.72
C ASN A 285 -21.30 42.62 -1.00
N HIS A 286 -21.76 43.77 -0.53
CA HIS A 286 -23.00 43.85 0.25
C HIS A 286 -24.25 43.68 -0.60
N GLU A 287 -24.12 43.65 -1.92
CA GLU A 287 -25.28 43.40 -2.76
C GLU A 287 -25.73 41.94 -2.72
N LEU A 288 -24.94 41.06 -2.13
CA LEU A 288 -25.27 39.66 -2.00
C LEU A 288 -25.89 39.38 -0.63
N PRO A 289 -26.75 38.37 -0.53
CA PRO A 289 -27.31 38.01 0.79
C PRO A 289 -26.23 37.44 1.70
N GLU A 290 -26.42 37.65 3.00
CA GLU A 290 -25.60 36.96 3.97
C GLU A 290 -25.83 35.47 3.88
N VAL A 291 -24.76 34.70 4.04
CA VAL A 291 -24.89 33.24 3.92
C VAL A 291 -25.78 32.73 5.04
N PRO A 292 -26.83 31.96 4.74
CA PRO A 292 -27.75 31.52 5.78
C PRO A 292 -27.19 30.34 6.57
N TYR A 293 -27.86 30.05 7.69
CA TYR A 293 -27.50 28.92 8.53
C TYR A 293 -28.11 27.66 7.93
N ASN A 294 -27.26 26.72 7.54
CA ASN A 294 -27.72 25.49 6.89
C ASN A 294 -27.26 24.23 7.61
N ALA A 295 -26.70 24.35 8.81
CA ALA A 295 -26.30 23.17 9.56
C ALA A 295 -27.51 22.33 9.93
N PHE A 296 -27.29 21.02 10.06
CA PHE A 296 -28.39 20.09 10.29
C PHE A 296 -29.08 20.35 11.62
N LEU A 297 -28.32 20.66 12.67
CA LEU A 297 -28.86 20.96 13.97
C LEU A 297 -28.32 22.29 14.45
N LEU A 298 -28.98 22.88 15.43
CA LEU A 298 -28.47 24.09 16.06
C LEU A 298 -27.20 23.76 16.83
N MET A 299 -26.26 24.70 16.85
CA MET A 299 -24.99 24.49 17.52
C MET A 299 -24.78 25.43 18.70
N SER A 300 -24.75 26.73 18.48
CA SER A 300 -24.59 27.68 19.57
C SER A 300 -25.92 28.21 20.08
N ASP A 301 -26.99 28.03 19.30
CA ASP A 301 -28.33 28.43 19.68
C ASP A 301 -29.13 27.28 20.28
N GLU A 302 -28.50 26.12 20.48
CA GLU A 302 -29.20 24.99 21.07
C GLU A 302 -29.62 25.32 22.50
N LEU A 303 -30.74 24.74 22.92
CA LEU A 303 -31.24 24.87 24.29
C LEU A 303 -31.62 23.49 24.76
N GLY A 304 -30.87 22.97 25.74
CA GLY A 304 -31.16 21.66 26.28
C GLY A 304 -32.04 21.72 27.50
N LEU A 305 -33.19 21.05 27.46
CA LEU A 305 -34.00 20.88 28.66
C LEU A 305 -33.33 19.82 29.53
N ALA A 306 -32.89 20.23 30.72
CA ALA A 306 -32.13 19.36 31.61
C ALA A 306 -33.06 18.62 32.55
N ASN A 307 -32.81 17.32 32.70
CA ASN A 307 -33.54 16.48 33.65
C ASN A 307 -32.54 15.57 34.33
N MET A 308 -32.42 15.68 35.66
CA MET A 308 -31.44 14.89 36.38
C MET A 308 -31.82 13.42 36.33
N THR A 309 -31.02 12.64 35.60
CA THR A 309 -31.28 11.22 35.42
C THR A 309 -30.75 10.44 36.61
N GLU A 310 -31.27 9.22 36.77
CA GLU A 310 -30.95 8.37 37.90
C GLU A 310 -29.93 7.28 37.56
N GLY A 311 -29.09 7.53 36.56
CA GLY A 311 -28.06 6.58 36.18
C GLY A 311 -28.52 5.45 35.30
N LYS A 312 -29.80 5.41 34.94
CA LYS A 312 -30.35 4.34 34.11
C LYS A 312 -30.66 4.89 32.73
N SER A 313 -30.16 4.19 31.70
CA SER A 313 -30.49 4.52 30.32
C SER A 313 -31.84 3.89 30.01
N LYS A 314 -32.90 4.60 30.41
CA LYS A 314 -34.26 4.07 30.37
C LYS A 314 -34.71 3.73 28.95
N LYS A 315 -34.91 4.77 28.13
CA LYS A 315 -35.34 4.67 26.74
C LYS A 315 -35.42 6.07 26.15
N PRO A 316 -35.26 6.23 24.83
CA PRO A 316 -35.38 7.58 24.26
C PRO A 316 -36.76 8.19 24.40
N LYS A 317 -37.81 7.41 24.11
CA LYS A 317 -39.17 7.93 24.24
C LYS A 317 -39.50 8.25 25.69
N THR A 318 -39.12 7.37 26.62
CA THR A 318 -39.35 7.62 28.03
C THR A 318 -38.54 8.83 28.51
N LEU A 319 -37.31 8.96 28.03
CA LEU A 319 -36.49 10.09 28.41
C LEU A 319 -37.11 11.40 27.94
N ALA A 320 -37.60 11.43 26.70
CA ALA A 320 -38.28 12.63 26.21
C ALA A 320 -39.54 12.91 26.99
N LYS A 321 -40.29 11.85 27.35
CA LYS A 321 -41.51 12.04 28.13
C LYS A 321 -41.20 12.65 29.48
N GLU A 322 -40.15 12.17 30.16
CA GLU A 322 -39.78 12.74 31.45
C GLU A 322 -39.30 14.19 31.30
N CYS A 323 -38.50 14.47 30.29
CA CYS A 323 -38.03 15.84 30.10
C CYS A 323 -39.19 16.80 29.83
N LEU A 324 -40.17 16.37 29.02
CA LEU A 324 -41.31 17.22 28.76
C LEU A 324 -42.24 17.33 29.96
N GLU A 325 -42.30 16.28 30.80
CA GLU A 325 -43.06 16.38 32.03
C GLU A 325 -42.46 17.40 32.98
N LYS A 326 -41.12 17.46 33.03
CA LYS A 326 -40.48 18.48 33.86
C LYS A 326 -40.83 19.88 33.38
N TYR A 327 -40.81 20.10 32.07
CA TYR A 327 -41.18 21.39 31.49
C TYR A 327 -42.60 21.30 30.92
N SER A 328 -43.56 21.13 31.83
CA SER A 328 -44.94 20.90 31.41
C SER A 328 -45.57 22.12 30.76
N THR A 329 -45.12 23.32 31.12
CA THR A 329 -45.66 24.53 30.49
C THR A 329 -45.34 24.57 29.00
N LEU A 330 -44.10 24.23 28.63
CA LEU A 330 -43.75 24.16 27.22
C LEU A 330 -44.51 23.06 26.51
N ARG A 331 -44.67 21.91 27.18
CA ARG A 331 -45.36 20.78 26.57
C ARG A 331 -46.83 21.10 26.32
N ASP A 332 -47.47 21.81 27.25
CA ASP A 332 -48.91 22.02 27.18
C ASP A 332 -49.30 23.24 26.35
N GLN A 333 -48.34 23.97 25.79
CA GLN A 333 -48.65 25.10 24.92
C GLN A 333 -49.18 24.58 23.58
N THR A 334 -50.42 24.94 23.26
CA THR A 334 -51.06 24.44 22.05
C THR A 334 -51.39 25.51 21.01
N ASP A 335 -51.24 26.79 21.34
CA ASP A 335 -51.50 27.73 20.26
C ASP A 335 -50.19 28.23 19.66
N PRO A 336 -50.16 28.47 18.35
CA PRO A 336 -48.91 28.91 17.71
C PRO A 336 -48.74 30.43 17.79
N ILE A 337 -47.60 30.86 18.34
CA ILE A 337 -47.21 32.26 18.28
C ILE A 337 -46.07 32.38 17.27
N LEU A 338 -46.41 32.66 16.02
CA LEU A 338 -45.41 32.68 14.97
C LEU A 338 -44.50 33.88 15.11
N ILE A 339 -43.19 33.63 15.12
CA ILE A 339 -42.19 34.69 15.14
C ILE A 339 -41.60 34.92 13.75
N MET A 340 -41.20 33.84 13.08
CA MET A 340 -40.68 33.95 11.72
C MET A 340 -41.16 32.76 10.91
N LYS A 341 -41.30 32.96 9.61
CA LYS A 341 -41.80 31.93 8.72
C LYS A 341 -40.84 31.74 7.56
N SER A 342 -40.50 30.49 7.28
CA SER A 342 -39.72 30.19 6.08
C SER A 342 -40.58 30.44 4.85
N GLU A 343 -39.93 30.87 3.77
CA GLU A 343 -40.65 31.38 2.61
C GLU A 343 -41.65 30.36 2.07
N LYS A 344 -41.15 29.23 1.59
CA LYS A 344 -42.02 28.21 1.01
C LYS A 344 -42.40 27.13 2.03
N ALA A 345 -42.89 27.55 3.19
CA ALA A 345 -43.24 26.65 4.27
C ALA A 345 -44.66 26.94 4.73
N ASN A 346 -45.25 25.96 5.40
CA ASN A 346 -46.61 26.04 5.91
C ASN A 346 -46.54 26.04 7.44
N GLU A 347 -46.81 27.18 8.05
CA GLU A 347 -46.70 27.30 9.50
C GLU A 347 -47.73 26.42 10.20
N ASN A 348 -48.95 26.37 9.68
CA ASN A 348 -50.01 25.60 10.31
C ASN A 348 -49.67 24.11 10.31
N PHE A 349 -49.20 23.60 9.17
CA PHE A 349 -48.82 22.19 9.10
C PHE A 349 -47.64 21.88 10.02
N LEU A 350 -46.67 22.78 10.09
CA LEU A 350 -45.54 22.57 10.99
C LEU A 350 -45.98 22.53 12.44
N TRP A 351 -46.89 23.42 12.83
CA TRP A 351 -47.35 23.41 14.22
C TRP A 351 -48.16 22.16 14.52
N LYS A 352 -48.99 21.71 13.58
CA LYS A 352 -49.72 20.46 13.77
C LYS A 352 -48.76 19.29 13.91
N LEU A 353 -47.68 19.28 13.13
CA LEU A 353 -46.70 18.22 13.24
C LEU A 353 -46.00 18.26 14.59
N TRP A 354 -45.67 19.45 15.08
CA TRP A 354 -45.05 19.57 16.39
C TRP A 354 -45.96 19.06 17.49
N ARG A 355 -47.25 19.40 17.42
CA ARG A 355 -48.20 18.91 18.41
C ARG A 355 -48.33 17.40 18.32
N ASP A 356 -48.33 16.85 17.10
CA ASP A 356 -48.37 15.40 16.95
C ASP A 356 -47.15 14.74 17.57
N CYS A 357 -45.97 15.34 17.39
CA CYS A 357 -44.76 14.82 18.02
C CYS A 357 -44.88 14.82 19.54
N VAL A 358 -45.31 15.95 20.09
CA VAL A 358 -45.41 16.07 21.55
C VAL A 358 -46.40 15.05 22.09
N ASN A 359 -47.56 14.90 21.43
CA ASN A 359 -48.57 13.97 21.92
C ASN A 359 -48.13 12.53 21.77
N THR A 360 -47.41 12.21 20.69
CA THR A 360 -46.94 10.85 20.50
C THR A 360 -45.82 10.50 21.47
N ILE A 361 -45.04 11.49 21.89
CA ILE A 361 -43.95 11.20 22.83
C ILE A 361 -44.38 11.35 24.28
N SER A 362 -45.54 11.95 24.54
CA SER A 362 -46.03 12.09 25.90
C SER A 362 -47.03 11.02 26.30
N ASN A 363 -47.48 10.18 25.37
CA ASN A 363 -48.48 9.18 25.68
C ASN A 363 -47.82 7.98 26.35
N GLU A 364 -48.64 7.00 26.77
CA GLU A 364 -48.15 5.83 27.47
C GLU A 364 -47.84 4.66 26.54
N GLU A 365 -48.14 4.77 25.25
CA GLU A 365 -47.79 3.71 24.31
C GLU A 365 -46.27 3.64 24.14
N MET A 366 -45.81 2.51 23.61
CA MET A 366 -44.38 2.27 23.45
C MET A 366 -43.90 2.48 22.02
N SER A 367 -44.73 3.04 21.15
CA SER A 367 -44.40 3.25 19.75
C SER A 367 -44.28 4.73 19.47
N ASN A 368 -43.21 5.12 18.78
CA ASN A 368 -42.99 6.51 18.38
C ASN A 368 -43.40 6.76 16.93
N GLU A 369 -44.30 5.94 16.39
CA GLU A 369 -44.74 6.11 15.03
C GLU A 369 -45.82 7.17 14.93
N LEU A 370 -45.80 7.93 13.84
CA LEU A 370 -46.82 8.93 13.54
C LEU A 370 -47.72 8.43 12.42
N GLN A 371 -48.92 8.98 12.36
CA GLN A 371 -49.86 8.63 11.31
C GLN A 371 -49.58 9.47 10.05
N LYS A 372 -50.09 8.97 8.92
CA LYS A 372 -49.84 9.59 7.62
C LYS A 372 -50.91 10.67 7.36
N THR A 373 -50.89 11.69 8.20
CA THR A 373 -51.80 12.80 8.04
C THR A 373 -51.31 13.74 6.94
N ASN A 374 -52.20 14.65 6.53
CA ASN A 374 -51.87 15.56 5.43
C ASN A 374 -50.70 16.46 5.78
N TYR A 375 -50.64 16.95 7.02
CA TYR A 375 -49.53 17.82 7.40
C TYR A 375 -48.22 17.05 7.48
N ALA A 376 -48.26 15.82 7.99
CA ALA A 376 -47.06 14.99 7.99
C ALA A 376 -46.62 14.65 6.57
N LYS A 377 -47.57 14.35 5.69
CA LYS A 377 -47.24 14.05 4.30
C LYS A 377 -46.63 15.27 3.61
N TRP A 378 -47.15 16.47 3.89
CA TRP A 378 -46.53 17.67 3.34
C TRP A 378 -45.12 17.88 3.89
N ALA A 379 -44.95 17.70 5.20
CA ALA A 379 -43.65 17.99 5.81
C ALA A 379 -42.58 17.02 5.35
N THR A 380 -42.88 15.72 5.30
CA THR A 380 -41.89 14.76 4.87
C THR A 380 -41.69 14.79 3.35
N GLY A 381 -42.75 15.03 2.61
CA GLY A 381 -42.67 15.10 1.17
C GLY A 381 -43.09 13.76 0.60
N ASP A 382 -44.36 13.62 0.26
CA ASP A 382 -44.94 12.35 -0.13
C ASP A 382 -45.46 12.48 -1.55
N GLY A 383 -45.10 11.51 -2.39
CA GLY A 383 -45.50 11.56 -3.78
C GLY A 383 -44.86 12.66 -4.58
N LEU A 384 -43.76 13.22 -4.09
CA LEU A 384 -43.05 14.27 -4.82
C LEU A 384 -42.09 13.73 -5.86
N THR A 385 -41.85 12.43 -5.90
CA THR A 385 -41.00 11.86 -6.94
C THR A 385 -41.72 11.97 -8.28
N TYR A 386 -40.94 12.19 -9.34
CA TYR A 386 -41.50 12.27 -10.67
C TYR A 386 -41.80 10.87 -11.19
N GLN A 387 -42.94 10.72 -11.84
CA GLN A 387 -43.31 9.45 -12.42
C GLN A 387 -42.46 9.18 -13.66
N LYS A 388 -41.91 7.98 -13.74
CA LYS A 388 -41.03 7.62 -14.84
C LYS A 388 -41.83 6.97 -15.96
N ILE A 389 -41.68 7.49 -17.17
CA ILE A 389 -42.39 6.98 -18.33
C ILE A 389 -41.38 6.40 -19.31
N MET A 390 -41.89 5.78 -20.37
CA MET A 390 -41.03 5.17 -21.35
C MET A 390 -40.35 6.24 -22.21
N LYS A 391 -39.22 5.85 -22.80
CA LYS A 391 -38.41 6.80 -23.57
C LYS A 391 -39.15 7.31 -24.79
N GLU A 392 -39.90 6.42 -25.47
CA GLU A 392 -40.56 6.82 -26.71
C GLU A 392 -41.60 7.90 -26.48
N VAL A 393 -42.40 7.77 -25.42
CA VAL A 393 -43.41 8.78 -25.11
C VAL A 393 -42.75 10.12 -24.82
N ALA A 394 -41.63 10.10 -24.07
CA ALA A 394 -40.92 11.33 -23.76
C ALA A 394 -40.33 11.97 -25.02
N ILE A 395 -39.81 11.15 -25.93
CA ILE A 395 -39.25 11.68 -27.17
C ILE A 395 -40.33 12.34 -28.00
N ASP A 396 -41.52 11.72 -28.04
CA ASP A 396 -42.64 12.36 -28.74
C ASP A 396 -43.12 13.63 -28.04
N ASP A 397 -42.97 13.71 -26.73
CA ASP A 397 -43.49 14.84 -25.95
C ASP A 397 -42.47 15.97 -26.02
N GLU A 398 -42.84 17.08 -26.65
CA GLU A 398 -41.91 18.20 -26.80
C GLU A 398 -41.78 19.04 -25.54
N THR A 399 -42.67 18.87 -24.57
CA THR A 399 -42.56 19.61 -23.31
C THR A 399 -41.47 19.06 -22.41
N MET A 400 -41.15 17.77 -22.52
CA MET A 400 -40.13 17.16 -21.68
C MET A 400 -38.76 17.64 -22.16
N CYS A 401 -38.09 18.43 -21.32
CA CYS A 401 -36.80 18.98 -21.65
C CYS A 401 -35.82 18.68 -20.51
N GLN A 402 -34.54 18.64 -20.84
CA GLN A 402 -33.54 18.47 -19.80
C GLN A 402 -33.55 19.68 -18.89
N GLU A 403 -33.59 19.42 -17.59
CA GLU A 403 -33.69 20.49 -16.60
C GLU A 403 -32.34 21.17 -16.40
N GLU A 404 -32.36 22.49 -16.38
CA GLU A 404 -31.14 23.24 -16.10
C GLU A 404 -30.76 23.04 -14.63
N PRO A 405 -29.53 22.62 -14.34
CA PRO A 405 -29.15 22.38 -12.95
C PRO A 405 -29.12 23.66 -12.14
N LYS A 406 -29.47 23.54 -10.87
CA LYS A 406 -29.32 24.63 -9.93
C LYS A 406 -27.85 24.79 -9.58
N ILE A 407 -27.41 26.04 -9.47
CA ILE A 407 -26.05 26.38 -9.08
C ILE A 407 -26.09 26.95 -7.68
N PRO A 408 -25.22 26.53 -6.77
CA PRO A 408 -25.16 27.17 -5.44
C PRO A 408 -24.84 28.65 -5.60
N ASN A 409 -25.71 29.48 -5.04
CA ASN A 409 -25.62 30.92 -5.24
C ASN A 409 -24.47 31.52 -4.45
N LYS A 410 -24.11 32.75 -4.81
CA LYS A 410 -23.01 33.46 -4.17
C LYS A 410 -23.52 34.27 -2.99
N CYS A 411 -22.82 34.17 -1.86
CA CYS A 411 -23.20 34.84 -0.63
C CYS A 411 -22.01 35.59 -0.08
N ARG A 412 -22.28 36.51 0.84
CA ARG A 412 -21.24 37.29 1.49
C ARG A 412 -21.07 36.83 2.93
N VAL A 413 -20.10 37.43 3.61
CA VAL A 413 -19.74 37.02 4.96
C VAL A 413 -20.86 37.36 5.91
N ALA A 414 -21.21 36.40 6.77
CA ALA A 414 -22.21 36.58 7.81
C ALA A 414 -21.55 36.46 9.17
N ALA A 415 -21.85 37.42 10.06
CA ALA A 415 -21.17 37.47 11.36
C ALA A 415 -21.53 36.31 12.26
N TRP A 416 -22.59 35.57 11.94
CA TRP A 416 -22.97 34.47 12.82
C TRP A 416 -21.95 33.35 12.81
N VAL A 417 -21.19 33.19 11.72
CA VAL A 417 -20.16 32.15 11.70
C VAL A 417 -19.03 32.50 12.66
N GLN A 418 -18.64 33.77 12.70
CA GLN A 418 -17.65 34.21 13.69
C GLN A 418 -18.19 34.05 15.10
N THR A 419 -19.46 34.40 15.33
CA THR A 419 -20.03 34.25 16.66
C THR A 419 -20.09 32.77 17.08
N GLU A 420 -20.43 31.89 16.16
CA GLU A 420 -20.44 30.46 16.45
C GLU A 420 -19.05 29.95 16.78
N MET A 421 -18.04 30.40 16.03
CA MET A 421 -16.67 30.01 16.34
C MET A 421 -16.27 30.49 17.73
N ASN A 422 -16.68 31.69 18.10
CA ASN A 422 -16.36 32.21 19.43
C ASN A 422 -17.07 31.41 20.52
N LEU A 423 -18.32 31.02 20.29
CA LEU A 423 -19.10 30.38 21.35
C LEU A 423 -18.76 28.90 21.49
N LEU A 424 -18.49 28.21 20.40
CA LEU A 424 -18.24 26.78 20.48
C LEU A 424 -16.90 26.45 21.12
N SER A 425 -15.93 27.36 21.05
CA SER A 425 -14.63 27.15 21.65
C SER A 425 -14.54 27.68 23.07
N THR A 426 -15.65 28.15 23.62
CA THR A 426 -15.70 28.64 25.00
C THR A 426 -15.95 27.48 25.95
N LEU A 427 -15.37 27.55 27.13
CA LEU A 427 -15.59 26.53 28.14
C LEU A 427 -17.02 26.56 28.67
N THR A 428 -17.56 25.38 28.93
CA THR A 428 -18.86 25.23 29.58
C THR A 428 -18.65 24.47 30.89
N SER A 429 -19.75 24.18 31.58
CA SER A 429 -19.70 23.49 32.87
C SER A 429 -20.23 22.06 32.80
N LYS A 430 -20.47 21.54 31.60
CA LYS A 430 -20.99 20.18 31.42
C LYS A 430 -20.03 19.38 30.56
N ARG A 431 -19.92 18.08 30.85
CA ARG A 431 -19.14 17.16 30.06
C ARG A 431 -20.06 16.22 29.31
N ALA A 432 -19.83 16.06 28.01
CA ALA A 432 -20.66 15.21 27.19
C ALA A 432 -19.95 13.99 26.64
N LEU A 433 -18.61 13.93 26.73
CA LEU A 433 -17.88 12.80 26.17
C LEU A 433 -18.10 11.53 27.00
N ASP A 434 -18.25 10.41 26.30
CA ASP A 434 -18.51 9.12 26.93
C ASP A 434 -17.40 8.12 26.62
N LEU A 435 -16.16 8.55 26.78
CA LEU A 435 -15.03 7.71 26.39
C LEU A 435 -14.99 6.44 27.25
N PRO A 436 -14.94 5.26 26.65
CA PRO A 436 -14.94 4.02 27.43
C PRO A 436 -13.63 3.75 28.17
N GLU A 437 -13.58 2.63 28.87
CA GLU A 437 -12.43 2.29 29.69
C GLU A 437 -11.26 1.86 28.83
N ILE A 438 -10.06 1.99 29.40
CA ILE A 438 -8.82 1.59 28.74
C ILE A 438 -8.10 0.64 29.67
N GLY A 439 -7.24 -0.21 29.10
CA GLY A 439 -6.48 -1.15 29.88
C GLY A 439 -5.54 -0.47 30.84
N PRO A 440 -5.16 -1.18 31.91
CA PRO A 440 -4.25 -0.59 32.89
C PRO A 440 -2.87 -0.32 32.30
N ASP A 441 -2.21 0.70 32.85
CA ASP A 441 -0.89 1.11 32.38
C ASP A 441 0.20 0.29 33.05
N VAL A 442 1.17 -0.16 32.25
CA VAL A 442 2.32 -0.89 32.76
C VAL A 442 3.61 -0.19 32.33
N ALA A 443 3.76 0.01 31.02
CA ALA A 443 4.94 0.70 30.51
C ALA A 443 4.91 2.18 30.92
N PRO A 444 6.08 2.77 31.15
CA PRO A 444 6.11 4.21 31.47
C PRO A 444 5.55 5.10 30.37
N VAL A 445 5.65 4.66 29.12
CA VAL A 445 5.08 5.43 28.01
C VAL A 445 3.57 5.49 28.14
N GLU A 446 2.94 4.42 28.63
CA GLU A 446 1.50 4.44 28.86
C GLU A 446 1.14 5.39 29.98
N HIS A 447 1.95 5.46 31.03
CA HIS A 447 1.71 6.43 32.10
C HIS A 447 1.84 7.86 31.58
N VAL A 448 2.83 8.11 30.73
CA VAL A 448 2.97 9.43 30.12
C VAL A 448 1.75 9.74 29.27
N GLY A 449 1.28 8.77 28.49
CA GLY A 449 0.10 8.97 27.66
C GLY A 449 -1.13 9.30 28.49
N SER A 450 -1.34 8.58 29.59
CA SER A 450 -2.49 8.85 30.45
C SER A 450 -2.38 10.22 31.10
N GLU A 451 -1.18 10.59 31.54
CA GLU A 451 -1.00 11.91 32.14
C GLU A 451 -1.32 13.02 31.15
N ARG A 452 -0.92 12.84 29.88
CA ARG A 452 -1.26 13.83 28.86
C ARG A 452 -2.75 13.82 28.54
N ARG A 453 -3.34 12.63 28.48
CA ARG A 453 -4.77 12.52 28.18
C ARG A 453 -5.60 13.25 29.22
N LYS A 454 -5.18 13.20 30.48
CA LYS A 454 -5.88 13.97 31.51
C LYS A 454 -6.07 15.42 31.06
N TYR A 455 -4.96 16.13 30.80
CA TYR A 455 -5.04 17.53 30.41
C TYR A 455 -5.83 17.71 29.12
N PHE A 456 -5.53 16.91 28.11
CA PHE A 456 -6.12 17.15 26.79
C PHE A 456 -7.63 16.94 26.79
N VAL A 457 -8.09 15.78 27.27
CA VAL A 457 -9.54 15.54 27.28
C VAL A 457 -10.24 16.31 28.38
N ASN A 458 -9.53 16.79 29.41
CA ASN A 458 -10.18 17.68 30.36
C ASN A 458 -10.45 19.03 29.73
N GLU A 459 -9.52 19.52 28.91
CA GLU A 459 -9.75 20.79 28.22
C GLU A 459 -10.82 20.64 27.15
N ILE A 460 -10.79 19.56 26.39
CA ILE A 460 -11.77 19.38 25.32
C ILE A 460 -13.16 19.09 25.90
N ASN A 461 -13.23 18.31 26.98
CA ASN A 461 -14.50 17.80 27.48
C ASN A 461 -15.41 18.90 28.01
N TYR A 462 -14.87 20.08 28.30
CA TYR A 462 -15.65 21.16 28.89
C TYR A 462 -15.93 22.30 27.92
N CYS A 463 -15.80 22.06 26.62
CA CYS A 463 -16.14 23.07 25.63
C CYS A 463 -17.47 22.74 24.98
N LYS A 464 -18.17 23.77 24.52
CA LYS A 464 -19.48 23.57 23.92
C LYS A 464 -19.41 22.73 22.66
N ALA A 465 -18.29 22.82 21.93
CA ALA A 465 -18.14 22.05 20.70
C ALA A 465 -18.24 20.56 20.98
N SER A 466 -17.76 20.12 22.14
CA SER A 466 -17.84 18.70 22.49
C SER A 466 -19.29 18.26 22.68
N THR A 467 -20.10 19.09 23.35
CA THR A 467 -21.51 18.78 23.51
C THR A 467 -22.22 18.75 22.16
N VAL A 468 -21.91 19.70 21.28
CA VAL A 468 -22.51 19.71 19.94
C VAL A 468 -22.12 18.46 19.18
N MET A 469 -20.86 18.06 19.26
CA MET A 469 -20.40 16.88 18.56
C MET A 469 -21.11 15.63 19.07
N MET A 470 -21.27 15.51 20.39
CA MET A 470 -21.99 14.36 20.93
C MET A 470 -23.44 14.36 20.49
N LYS A 471 -24.07 15.53 20.46
CA LYS A 471 -25.44 15.63 19.99
C LYS A 471 -25.56 15.11 18.56
N TYR A 472 -24.67 15.56 17.68
CA TYR A 472 -24.66 15.09 16.30
C TYR A 472 -24.46 13.60 16.21
N VAL A 473 -23.49 13.06 16.96
CA VAL A 473 -23.15 11.65 16.87
C VAL A 473 -24.33 10.79 17.31
N LEU A 474 -24.90 11.09 18.48
CA LEU A 474 -26.00 10.30 18.99
C LEU A 474 -27.24 10.42 18.11
N PHE A 475 -27.52 11.62 17.60
CA PHE A 475 -28.69 11.76 16.74
C PHE A 475 -28.52 10.99 15.44
N HIS A 476 -27.32 11.01 14.85
CA HIS A 476 -27.12 10.26 13.61
C HIS A 476 -27.19 8.77 13.86
N THR A 477 -26.70 8.30 15.01
CA THR A 477 -26.87 6.89 15.36
C THR A 477 -28.34 6.52 15.43
N SER A 478 -29.13 7.33 16.15
CA SER A 478 -30.55 7.04 16.29
C SER A 478 -31.24 7.09 14.94
N LEU A 479 -30.89 8.06 14.10
CA LEU A 479 -31.53 8.21 12.80
C LEU A 479 -31.22 7.03 11.88
N LEU A 480 -29.97 6.58 11.85
CA LEU A 480 -29.64 5.41 11.05
C LEU A 480 -30.39 4.18 11.53
N ASN A 481 -30.42 3.97 12.85
CA ASN A 481 -31.13 2.82 13.39
C ASN A 481 -32.61 2.87 13.03
N GLU A 482 -33.24 4.04 13.18
CA GLU A 482 -34.66 4.16 12.89
C GLU A 482 -34.94 4.03 11.39
N SER A 483 -34.08 4.59 10.56
CA SER A 483 -34.28 4.50 9.11
C SER A 483 -34.22 3.06 8.64
N ASN A 484 -33.29 2.27 9.19
CA ASN A 484 -33.23 0.87 8.78
C ASN A 484 -34.39 0.09 9.36
N ALA A 485 -34.71 0.30 10.64
CA ALA A 485 -35.75 -0.50 11.29
C ALA A 485 -37.15 -0.11 10.85
N SER A 486 -37.38 1.16 10.53
CA SER A 486 -38.70 1.68 10.17
C SER A 486 -38.60 2.33 8.80
N MET A 487 -38.66 1.50 7.74
CA MET A 487 -38.52 2.03 6.40
C MET A 487 -39.76 2.81 5.97
N GLY A 488 -40.95 2.25 6.22
CA GLY A 488 -42.17 2.84 5.73
C GLY A 488 -43.05 3.44 6.81
N LYS A 489 -42.43 4.00 7.84
CA LYS A 489 -43.13 4.61 8.95
C LYS A 489 -42.55 5.98 9.24
N TYR A 490 -43.40 6.88 9.73
CA TYR A 490 -42.95 8.16 10.25
C TYR A 490 -42.69 7.99 11.75
N LYS A 491 -41.46 8.26 12.17
CA LYS A 491 -41.05 8.03 13.54
C LYS A 491 -40.62 9.34 14.18
N VAL A 492 -40.94 9.51 15.45
CA VAL A 492 -40.46 10.65 16.23
C VAL A 492 -39.16 10.24 16.89
N ILE A 493 -38.10 11.01 16.64
CA ILE A 493 -36.79 10.72 17.18
C ILE A 493 -36.33 11.91 18.03
N PRO A 494 -36.33 11.81 19.36
CA PRO A 494 -35.83 12.92 20.17
C PRO A 494 -34.35 13.18 19.91
N ILE A 495 -33.99 14.46 19.95
CA ILE A 495 -32.59 14.88 19.92
C ILE A 495 -32.14 14.99 21.37
N THR A 496 -31.31 14.05 21.81
CA THR A 496 -30.99 13.91 23.22
C THR A 496 -29.49 13.85 23.43
N ASN A 497 -29.08 14.19 24.64
CA ASN A 497 -27.70 14.08 25.06
C ASN A 497 -27.66 13.71 26.53
N ARG A 498 -26.53 13.17 26.96
CA ARG A 498 -26.31 12.88 28.38
C ARG A 498 -25.05 13.61 28.80
N VAL A 499 -25.18 14.48 29.81
CA VAL A 499 -24.07 15.31 30.24
C VAL A 499 -23.83 15.06 31.73
N VAL A 500 -22.65 15.47 32.19
CA VAL A 500 -22.25 15.26 33.58
C VAL A 500 -21.75 16.59 34.14
N ASN A 501 -22.25 16.96 35.32
CA ASN A 501 -21.83 18.17 35.99
C ASN A 501 -20.44 17.99 36.59
N GLU A 502 -19.88 19.10 37.07
CA GLU A 502 -18.61 19.02 37.80
C GLU A 502 -18.75 18.21 39.07
N LYS A 503 -19.93 18.24 39.70
CA LYS A 503 -20.20 17.42 40.86
C LYS A 503 -20.39 15.95 40.52
N GLY A 504 -20.41 15.61 39.23
CA GLY A 504 -20.57 14.24 38.79
C GLY A 504 -21.99 13.81 38.55
N GLU A 505 -22.97 14.64 38.89
CA GLU A 505 -24.37 14.27 38.66
C GLU A 505 -24.68 14.27 37.17
N SER A 506 -25.36 13.22 36.73
CA SER A 506 -25.69 13.07 35.33
C SER A 506 -27.03 13.72 35.02
N PHE A 507 -27.12 14.37 33.88
CA PHE A 507 -28.33 14.97 33.38
C PHE A 507 -28.61 14.45 31.98
N ASP A 508 -29.89 14.45 31.62
CA ASP A 508 -30.30 14.20 30.24
C ASP A 508 -30.84 15.49 29.67
N MET A 509 -30.35 15.85 28.48
CA MET A 509 -30.69 17.09 27.82
C MET A 509 -31.56 16.73 26.61
N LEU A 510 -32.74 17.32 26.54
CA LEU A 510 -33.60 17.23 25.38
C LEU A 510 -33.45 18.52 24.59
N TYR A 511 -32.81 18.45 23.43
CA TYR A 511 -32.62 19.61 22.57
C TYR A 511 -33.74 19.82 21.58
N GLY A 512 -34.62 18.85 21.42
CA GLY A 512 -35.72 18.97 20.50
C GLY A 512 -36.18 17.60 20.04
N LEU A 513 -37.07 17.62 19.07
CA LEU A 513 -37.64 16.41 18.48
C LEU A 513 -37.40 16.40 16.99
N ALA A 514 -37.52 15.22 16.39
CA ALA A 514 -37.33 15.08 14.96
C ALA A 514 -38.29 14.05 14.42
N VAL A 515 -38.72 14.26 13.17
CA VAL A 515 -39.61 13.35 12.46
C VAL A 515 -38.86 12.80 11.27
N LYS A 516 -38.84 11.49 11.14
CA LYS A 516 -38.26 10.83 9.99
C LYS A 516 -39.36 10.46 9.02
N GLY A 517 -39.22 10.86 7.77
CA GLY A 517 -40.14 10.45 6.73
C GLY A 517 -39.86 9.02 6.32
N GLN A 518 -40.51 8.61 5.24
CA GLN A 518 -40.25 7.30 4.68
C GLN A 518 -38.78 7.19 4.28
N SER A 519 -38.14 6.12 4.72
CA SER A 519 -36.73 5.88 4.44
C SER A 519 -36.61 4.53 3.74
N HIS A 520 -36.70 4.56 2.42
CA HIS A 520 -36.51 3.39 1.59
C HIS A 520 -35.22 3.57 0.80
N LEU A 521 -34.15 3.94 1.50
CA LEU A 521 -32.92 4.40 0.88
C LEU A 521 -32.21 3.28 0.16
N ARG A 522 -32.50 3.11 -1.13
CA ARG A 522 -31.84 2.07 -1.90
C ARG A 522 -30.38 2.42 -2.16
N GLY A 523 -30.12 3.65 -2.60
CA GLY A 523 -28.78 4.10 -2.87
C GLY A 523 -28.18 4.85 -1.69
N ASP A 524 -26.87 5.07 -1.78
CA ASP A 524 -26.16 5.79 -0.72
C ASP A 524 -26.43 7.28 -0.75
N THR A 525 -26.91 7.82 -1.86
CA THR A 525 -27.27 9.22 -1.96
C THR A 525 -28.76 9.47 -1.84
N ASP A 526 -29.56 8.42 -1.65
CA ASP A 526 -31.00 8.60 -1.50
C ASP A 526 -31.29 9.37 -0.22
N VAL A 527 -32.25 10.29 -0.30
CA VAL A 527 -32.52 11.26 0.76
C VAL A 527 -33.73 10.81 1.55
N VAL A 528 -33.62 10.89 2.88
CA VAL A 528 -34.74 10.79 3.80
C VAL A 528 -34.94 12.17 4.41
N THR A 529 -36.20 12.60 4.49
CA THR A 529 -36.54 13.90 5.03
C THR A 529 -36.67 13.82 6.54
N VAL A 530 -36.01 14.74 7.23
CA VAL A 530 -36.06 14.86 8.68
C VAL A 530 -36.60 16.24 9.00
N VAL A 531 -37.72 16.30 9.68
CA VAL A 531 -38.29 17.57 10.13
C VAL A 531 -37.85 17.77 11.57
N THR A 532 -37.07 18.81 11.82
CA THR A 532 -36.45 19.03 13.12
C THR A 532 -37.14 20.19 13.83
N PHE A 533 -37.48 19.99 15.10
CA PHE A 533 -38.01 21.01 15.98
C PHE A 533 -37.05 21.17 17.14
N GLU A 534 -36.29 22.25 17.16
CA GLU A 534 -35.25 22.46 18.17
C GLU A 534 -35.63 23.60 19.10
N PHE A 535 -35.44 23.38 20.39
CA PHE A 535 -35.59 24.47 21.35
C PHE A 535 -34.44 25.44 21.20
N SER A 536 -34.73 26.72 21.44
CA SER A 536 -33.67 27.73 21.44
C SER A 536 -34.12 28.89 22.34
N SER A 537 -33.14 29.67 22.78
CA SER A 537 -33.42 30.91 23.47
C SER A 537 -32.92 32.12 22.69
N THR A 538 -32.54 31.93 21.44
CA THR A 538 -32.10 33.01 20.57
C THR A 538 -33.31 33.53 19.80
N ASP A 539 -33.52 34.83 19.85
CA ASP A 539 -34.60 35.45 19.10
C ASP A 539 -34.20 35.53 17.63
N PRO A 540 -34.93 34.88 16.72
CA PRO A 540 -34.54 34.94 15.30
C PRO A 540 -34.63 36.33 14.71
N ARG A 541 -35.38 37.24 15.31
CA ARG A 541 -35.53 38.59 14.77
C ARG A 541 -34.30 39.44 14.93
N VAL A 542 -33.35 39.04 15.78
CA VAL A 542 -32.11 39.79 15.94
C VAL A 542 -31.30 39.75 14.65
N ASP A 543 -31.14 38.57 14.07
CA ASP A 543 -30.41 38.38 12.81
C ASP A 543 -31.28 37.55 11.87
N SER A 544 -32.17 38.23 11.13
CA SER A 544 -33.09 37.51 10.26
C SER A 544 -32.37 36.86 9.09
N GLY A 545 -31.28 37.45 8.62
CA GLY A 545 -30.53 36.87 7.52
C GLY A 545 -29.93 35.52 7.85
N LYS A 546 -29.79 35.19 9.13
CA LYS A 546 -29.29 33.88 9.50
C LYS A 546 -30.34 32.80 9.31
N TRP A 547 -31.61 33.13 9.42
CA TRP A 547 -32.68 32.12 9.51
C TRP A 547 -33.71 32.19 8.39
N PRO A 548 -33.31 32.05 7.12
CA PRO A 548 -34.31 31.94 6.06
C PRO A 548 -34.90 30.55 5.91
N LYS A 549 -34.26 29.54 6.48
CA LYS A 549 -34.70 28.15 6.36
C LYS A 549 -35.57 27.69 7.51
N TYR A 550 -35.87 28.57 8.46
CA TYR A 550 -36.49 28.18 9.71
C TYR A 550 -37.82 28.88 9.92
N THR A 551 -38.80 28.12 10.41
CA THR A 551 -40.06 28.64 10.90
C THR A 551 -40.02 28.59 12.42
N VAL A 552 -40.00 29.76 13.05
CA VAL A 552 -39.82 29.89 14.49
C VAL A 552 -41.13 30.32 15.11
N PHE A 553 -41.62 29.52 16.05
CA PHE A 553 -42.69 29.86 16.98
C PHE A 553 -42.09 30.13 18.35
N ARG A 554 -42.73 31.01 19.11
CA ARG A 554 -42.39 31.18 20.53
C ARG A 554 -43.30 30.28 21.33
N ILE A 555 -42.72 29.28 22.00
CA ILE A 555 -43.51 28.29 22.72
C ILE A 555 -43.49 28.47 24.22
N GLY A 556 -42.68 29.36 24.76
CA GLY A 556 -42.85 29.63 26.19
C GLY A 556 -41.74 30.44 26.80
N SER A 557 -41.54 30.20 28.09
CA SER A 557 -40.53 30.91 28.87
C SER A 557 -39.87 29.93 29.83
N LEU A 558 -38.64 30.26 30.22
CA LEU A 558 -37.86 29.44 31.12
C LEU A 558 -37.20 30.33 32.15
N PHE A 559 -36.93 29.77 33.33
CA PHE A 559 -36.33 30.51 34.44
C PHE A 559 -35.03 29.85 34.85
N VAL A 560 -33.94 30.61 34.81
CA VAL A 560 -32.65 30.19 35.33
C VAL A 560 -32.26 31.14 36.46
N SER A 561 -32.72 32.38 36.36
CA SER A 561 -32.35 33.44 37.28
C SER A 561 -33.59 34.30 37.53
N GLY A 562 -33.38 35.48 38.09
CA GLY A 562 -34.48 36.41 38.31
C GLY A 562 -35.06 36.98 37.05
N ARG A 563 -34.37 36.82 35.91
CA ARG A 563 -34.87 37.25 34.61
C ARG A 563 -35.13 36.01 33.76
N GLU A 564 -36.35 35.88 33.25
CA GLU A 564 -36.69 34.73 32.44
C GLU A 564 -36.17 34.90 31.01
N LYS A 565 -36.13 33.79 30.28
CA LYS A 565 -35.73 33.80 28.89
C LYS A 565 -36.81 33.13 28.05
N SER A 566 -37.11 33.73 26.89
CA SER A 566 -38.07 33.14 25.98
C SER A 566 -37.53 31.84 25.40
N VAL A 567 -38.43 30.90 25.16
CA VAL A 567 -38.11 29.62 24.56
C VAL A 567 -38.85 29.55 23.23
N TYR A 568 -38.09 29.48 22.14
CA TYR A 568 -38.56 29.41 20.77
C TYR A 568 -38.37 28.00 20.23
N LEU A 569 -39.17 27.66 19.23
CA LEU A 569 -39.12 26.36 18.57
C LEU A 569 -38.75 26.58 17.11
N TYR A 570 -37.49 26.31 16.77
CA TYR A 570 -37.03 26.41 15.39
C TYR A 570 -37.42 25.14 14.65
N CYS A 571 -38.27 25.28 13.64
CA CYS A 571 -38.79 24.16 12.87
C CYS A 571 -38.21 24.22 11.47
N ARG A 572 -37.74 23.09 10.96
CA ARG A 572 -37.11 23.08 9.66
C ARG A 572 -37.26 21.73 8.99
N VAL A 573 -37.63 21.75 7.71
CA VAL A 573 -37.56 20.56 6.87
C VAL A 573 -36.12 20.40 6.39
N ASN A 574 -35.56 19.21 6.58
CA ASN A 574 -34.16 18.96 6.30
C ASN A 574 -34.06 17.59 5.66
N GLY A 575 -32.87 17.22 5.21
CA GLY A 575 -32.68 15.94 4.57
C GLY A 575 -31.33 15.35 4.91
N THR A 576 -31.26 14.03 4.80
CA THR A 576 -30.00 13.33 5.02
C THR A 576 -29.97 12.11 4.13
N ASN A 577 -28.78 11.54 3.96
CA ASN A 577 -28.63 10.27 3.27
C ASN A 577 -27.83 9.33 4.17
N LYS A 578 -27.64 8.09 3.70
CA LYS A 578 -26.92 7.11 4.50
C LYS A 578 -25.47 7.52 4.71
N ILE A 579 -24.85 8.11 3.69
CA ILE A 579 -23.44 8.50 3.80
C ILE A 579 -23.27 9.55 4.89
N GLN A 580 -24.15 10.55 4.90
CA GLN A 580 -24.06 11.59 5.92
C GLN A 580 -24.33 11.04 7.31
N MET A 581 -25.29 10.13 7.45
CA MET A 581 -25.54 9.52 8.75
C MET A 581 -24.35 8.72 9.24
N LYS A 582 -23.73 7.93 8.36
CA LYS A 582 -22.57 7.15 8.75
C LYS A 582 -21.41 8.05 9.15
N TRP A 583 -21.16 9.12 8.39
CA TRP A 583 -20.07 10.01 8.76
C TRP A 583 -20.42 10.87 9.96
N GLY A 584 -21.70 10.99 10.30
CA GLY A 584 -22.06 11.65 11.53
C GLY A 584 -21.93 10.77 12.75
N MET A 585 -22.06 9.45 12.55
CA MET A 585 -21.85 8.52 13.66
C MET A 585 -20.40 8.48 14.11
N GLU A 586 -19.46 8.87 13.25
CA GLU A 586 -18.04 8.79 13.57
C GLU A 586 -17.39 10.17 13.64
N ALA A 587 -18.17 11.18 14.04
CA ALA A 587 -17.61 12.52 14.21
C ALA A 587 -16.74 12.63 15.44
N ARG A 588 -16.70 11.61 16.30
CA ARG A 588 -15.78 11.62 17.44
C ARG A 588 -14.33 11.77 17.00
N ARG A 589 -14.01 11.38 15.77
CA ARG A 589 -12.66 11.51 15.25
C ARG A 589 -12.23 12.96 15.14
N CYS A 590 -13.16 13.92 15.21
CA CYS A 590 -12.76 15.31 15.31
C CYS A 590 -11.86 15.55 16.52
N LEU A 591 -11.97 14.71 17.55
CA LEU A 591 -11.04 14.76 18.66
C LEU A 591 -9.62 14.47 18.20
N LEU A 592 -9.43 13.38 17.46
CA LEU A 592 -8.09 12.90 17.16
C LEU A 592 -7.30 13.95 16.39
N GLN A 593 -7.85 14.41 15.27
CA GLN A 593 -7.17 15.43 14.47
C GLN A 593 -6.89 16.67 15.31
N SER A 594 -7.74 16.94 16.30
CA SER A 594 -7.49 18.08 17.18
C SER A 594 -6.30 17.82 18.09
N MET A 595 -6.26 16.66 18.72
CA MET A 595 -5.29 16.48 19.80
C MET A 595 -3.95 15.98 19.29
N GLN A 596 -3.94 15.16 18.23
CA GLN A 596 -2.68 14.77 17.61
C GLN A 596 -1.88 16.01 17.25
N GLN A 597 -2.50 16.92 16.51
CA GLN A 597 -1.86 18.17 16.13
C GLN A 597 -1.32 18.91 17.34
N MET A 598 -2.03 18.84 18.47
CA MET A 598 -1.52 19.53 19.65
C MET A 598 -0.50 18.68 20.38
N GLU A 599 -0.73 17.36 20.48
CA GLU A 599 0.21 16.53 21.21
C GLU A 599 1.59 16.58 20.60
N ALA A 600 1.66 16.52 19.27
CA ALA A 600 2.93 16.67 18.58
C ALA A 600 3.66 17.91 19.05
N ILE A 601 2.93 19.03 19.17
CA ILE A 601 3.57 20.26 19.63
C ILE A 601 4.21 20.05 20.98
N VAL A 602 3.44 19.49 21.92
CA VAL A 602 3.98 19.21 23.25
C VAL A 602 5.22 18.33 23.12
N GLU A 603 5.14 17.30 22.30
CA GLU A 603 6.26 16.38 22.17
C GLU A 603 7.51 17.12 21.71
N GLN A 604 7.36 18.04 20.76
CA GLN A 604 8.51 18.82 20.32
C GLN A 604 9.19 19.49 21.50
N GLU A 605 8.40 20.17 22.33
CA GLU A 605 8.97 20.87 23.49
C GLU A 605 9.71 19.90 24.39
N SER A 606 9.18 18.69 24.57
CA SER A 606 9.84 17.73 25.42
C SER A 606 11.23 17.40 24.89
N SER A 607 11.35 17.23 23.58
CA SER A 607 12.66 16.94 23.01
C SER A 607 13.65 18.06 23.25
N ILE A 608 13.17 19.28 23.44
CA ILE A 608 14.06 20.40 23.69
C ILE A 608 14.38 20.55 25.17
N GLN A 609 13.57 19.95 26.04
CA GLN A 609 13.76 20.13 27.48
C GLN A 609 14.26 18.88 28.19
N GLY A 610 14.04 17.69 27.62
CA GLY A 610 14.46 16.46 28.25
C GLY A 610 13.48 15.87 29.24
N TYR A 611 12.27 16.42 29.35
CA TYR A 611 11.26 15.88 30.24
C TYR A 611 9.89 16.26 29.71
N ASP A 612 8.85 15.63 30.28
CA ASP A 612 7.49 15.89 29.84
C ASP A 612 7.09 17.33 30.10
N MET A 613 6.52 17.98 29.08
CA MET A 613 6.21 19.39 29.13
C MET A 613 4.71 19.66 29.07
N THR A 614 3.87 18.65 29.33
CA THR A 614 2.43 18.84 29.22
C THR A 614 1.92 19.81 30.26
N LYS A 615 2.29 19.60 31.53
CA LYS A 615 1.88 20.52 32.58
C LYS A 615 2.47 21.90 32.36
N ALA A 616 3.73 21.96 31.91
CA ALA A 616 4.35 23.26 31.62
C ALA A 616 3.64 23.96 30.47
N CYS A 617 3.28 23.23 29.42
CA CYS A 617 2.61 23.84 28.29
C CYS A 617 1.22 24.35 28.68
N PHE A 618 0.47 23.56 29.44
CA PHE A 618 -0.88 23.95 29.81
C PHE A 618 -0.90 24.99 30.92
N LYS A 619 -0.14 24.75 32.00
CA LYS A 619 -0.23 25.57 33.19
C LYS A 619 1.07 26.26 33.58
N GLY A 620 2.21 25.85 33.02
CA GLY A 620 3.49 26.39 33.42
C GLY A 620 4.05 25.68 34.64
N ASP A 621 5.32 25.95 34.91
CA ASP A 621 5.99 25.40 36.09
C ASP A 621 7.06 26.39 36.52
N ARG A 622 7.94 25.95 37.43
CA ARG A 622 9.00 26.82 37.91
C ARG A 622 10.01 27.14 36.82
N VAL A 623 10.26 26.20 35.91
CA VAL A 623 11.27 26.38 34.88
C VAL A 623 10.69 27.08 33.66
N ASN A 624 9.54 26.62 33.16
CA ASN A 624 9.00 27.07 31.88
C ASN A 624 7.69 27.80 32.06
N SER A 625 7.56 28.92 31.35
CA SER A 625 6.31 29.67 31.33
C SER A 625 5.26 28.94 30.51
N PRO A 626 3.98 29.22 30.76
CA PRO A 626 2.92 28.57 29.97
C PRO A 626 3.04 28.93 28.50
N LYS A 627 2.75 27.97 27.64
CA LYS A 627 2.81 28.18 26.21
C LYS A 627 1.59 28.95 25.74
N THR A 628 1.80 29.98 24.93
CA THR A 628 0.74 30.82 24.43
C THR A 628 0.76 30.84 22.90
N PHE A 629 -0.43 30.99 22.31
CA PHE A 629 -0.59 31.03 20.88
C PHE A 629 -1.43 32.24 20.50
N SER A 630 -1.10 32.86 19.37
CA SER A 630 -1.99 33.87 18.80
C SER A 630 -3.27 33.19 18.35
N ILE A 631 -4.41 33.60 18.91
CA ILE A 631 -5.67 32.91 18.63
C ILE A 631 -6.66 33.79 17.88
N GLY A 632 -6.58 35.11 18.00
CA GLY A 632 -7.54 35.93 17.30
C GLY A 632 -7.21 37.40 17.45
N THR A 633 -8.18 38.23 17.07
CA THR A 633 -8.03 39.68 17.08
C THR A 633 -9.10 40.31 17.94
N GLN A 634 -8.71 41.33 18.69
CA GLN A 634 -9.63 42.18 19.42
C GLN A 634 -9.31 43.62 19.09
N GLU A 635 -10.25 44.31 18.44
CA GLU A 635 -10.06 45.70 18.01
C GLU A 635 -8.87 45.85 17.09
N GLY A 636 -8.76 44.95 16.12
CA GLY A 636 -7.72 45.03 15.10
C GLY A 636 -6.33 44.75 15.60
N LYS A 637 -6.19 44.04 16.70
CA LYS A 637 -4.90 43.78 17.32
C LYS A 637 -4.77 42.31 17.69
N LEU A 638 -3.56 41.79 17.59
CA LEU A 638 -3.32 40.38 17.86
C LEU A 638 -3.52 40.06 19.34
N VAL A 639 -4.19 38.93 19.60
CA VAL A 639 -4.49 38.49 20.96
C VAL A 639 -4.03 37.05 21.13
N LYS A 640 -3.41 36.76 22.26
CA LYS A 640 -2.83 35.46 22.54
C LYS A 640 -3.64 34.75 23.63
N GLY A 641 -3.90 33.46 23.41
CA GLY A 641 -4.54 32.61 24.38
C GLY A 641 -3.65 31.45 24.80
N SER A 642 -4.18 30.66 25.72
CA SER A 642 -3.43 29.57 26.32
C SER A 642 -3.33 28.39 25.36
N PHE A 643 -2.60 27.36 25.78
CA PHE A 643 -2.50 26.14 24.99
C PHE A 643 -3.86 25.46 24.88
N GLY A 644 -4.62 25.42 25.97
CA GLY A 644 -5.92 24.78 25.94
C GLY A 644 -6.92 25.50 25.05
N LYS A 645 -6.86 26.83 25.02
CA LYS A 645 -7.73 27.58 24.13
C LYS A 645 -7.44 27.25 22.67
N ALA A 646 -6.16 27.17 22.30
CA ALA A 646 -5.80 26.80 20.94
C ALA A 646 -6.25 25.37 20.62
N LEU A 647 -6.14 24.47 21.60
CA LEU A 647 -6.64 23.12 21.40
C LEU A 647 -8.14 23.11 21.12
N ARG A 648 -8.90 23.90 21.89
CA ARG A 648 -10.34 23.97 21.66
C ARG A 648 -10.66 24.60 20.31
N VAL A 649 -9.86 25.59 19.89
CA VAL A 649 -10.08 26.22 18.60
C VAL A 649 -9.85 25.22 17.46
N ILE A 650 -8.78 24.44 17.54
CA ILE A 650 -8.52 23.43 16.51
C ILE A 650 -9.61 22.37 16.52
N PHE A 651 -10.07 21.98 17.70
CA PHE A 651 -11.15 21.00 17.78
C PHE A 651 -12.43 21.54 17.15
N THR A 652 -12.76 22.80 17.43
CA THR A 652 -13.94 23.42 16.83
C THR A 652 -13.80 23.50 15.31
N LYS A 653 -12.58 23.80 14.83
CA LYS A 653 -12.35 23.85 13.40
C LYS A 653 -12.60 22.50 12.74
N CYS A 654 -12.12 21.42 13.36
CA CYS A 654 -12.41 20.08 12.84
C CYS A 654 -13.90 19.76 12.89
N LEU A 655 -14.57 20.15 13.98
CA LEU A 655 -16.00 19.95 14.08
C LEU A 655 -16.73 20.66 12.96
N MET A 656 -16.30 21.89 12.64
CA MET A 656 -16.92 22.64 11.55
C MET A 656 -16.62 22.01 10.21
N HIS A 657 -15.43 21.44 10.05
CA HIS A 657 -15.14 20.69 8.83
C HIS A 657 -16.16 19.58 8.64
N TYR A 658 -16.52 18.89 9.72
CA TYR A 658 -17.58 17.88 9.59
C TYR A 658 -18.94 18.53 9.32
N VAL A 659 -19.30 19.54 10.11
CA VAL A 659 -20.66 20.07 10.09
C VAL A 659 -20.96 20.76 8.75
N PHE A 660 -20.01 21.54 8.24
CA PHE A 660 -20.20 22.27 7.00
C PHE A 660 -19.38 21.66 5.86
N GLY A 661 -19.25 20.34 5.83
CA GLY A 661 -18.44 19.68 4.83
C GLY A 661 -19.22 19.32 3.58
N ASN A 662 -18.70 19.75 2.43
CA ASN A 662 -19.18 19.31 1.13
C ASN A 662 -18.06 19.55 0.12
N ALA A 663 -18.39 19.45 -1.16
CA ALA A 663 -17.37 19.55 -2.21
C ALA A 663 -16.74 20.94 -2.26
N GLN A 664 -17.51 21.98 -1.92
CA GLN A 664 -16.95 23.32 -1.89
C GLN A 664 -15.82 23.43 -0.86
N LEU A 665 -16.02 22.86 0.32
CA LEU A 665 -14.99 22.89 1.34
C LEU A 665 -13.76 22.12 0.90
N GLU A 666 -13.95 20.96 0.26
CA GLU A 666 -12.82 20.16 -0.20
C GLU A 666 -11.98 20.91 -1.24
N GLY A 667 -12.64 21.45 -2.26
CA GLY A 667 -11.92 22.20 -3.27
C GLY A 667 -11.21 23.41 -2.70
N PHE A 668 -11.90 24.15 -1.83
CA PHE A 668 -11.27 25.31 -1.21
C PHE A 668 -10.06 24.90 -0.38
N SER A 669 -10.18 23.82 0.38
CA SER A 669 -9.08 23.37 1.21
C SER A 669 -7.86 23.03 0.37
N ALA A 670 -8.05 22.31 -0.74
CA ALA A 670 -6.92 21.96 -1.59
C ALA A 670 -6.24 23.20 -2.17
N GLU A 671 -7.03 24.07 -2.82
CA GLU A 671 -6.44 25.23 -3.48
C GLU A 671 -5.81 26.19 -2.47
N SER A 672 -6.49 26.47 -1.37
CA SER A 672 -5.93 27.34 -0.35
C SER A 672 -4.73 26.70 0.33
N ARG A 673 -4.64 25.38 0.37
CA ARG A 673 -3.43 24.75 0.89
C ARG A 673 -2.24 25.04 0.00
N ARG A 674 -2.45 24.98 -1.32
CA ARG A 674 -1.37 25.39 -2.23
C ARG A 674 -0.94 26.83 -1.95
N LEU A 675 -1.92 27.72 -1.76
CA LEU A 675 -1.58 29.11 -1.46
C LEU A 675 -0.87 29.23 -0.11
N LEU A 676 -1.26 28.42 0.87
CA LEU A 676 -0.62 28.43 2.18
C LEU A 676 0.84 28.02 2.09
N LEU A 677 1.12 27.00 1.28
CA LEU A 677 2.51 26.59 1.07
C LEU A 677 3.32 27.71 0.42
N LEU A 678 2.72 28.41 -0.55
CA LEU A 678 3.41 29.56 -1.11
C LEU A 678 3.71 30.63 -0.05
N ILE A 679 2.74 30.90 0.82
CA ILE A 679 2.94 31.93 1.84
C ILE A 679 4.01 31.51 2.84
N GLN A 680 4.03 30.23 3.20
CA GLN A 680 5.09 29.74 4.09
C GLN A 680 6.46 29.88 3.43
N ALA A 681 6.57 29.52 2.16
CA ALA A 681 7.83 29.71 1.45
C ALA A 681 8.23 31.19 1.45
N LEU A 682 7.25 32.08 1.39
CA LEU A 682 7.54 33.51 1.49
C LEU A 682 8.05 33.87 2.88
N LYS A 683 7.49 33.26 3.93
CA LYS A 683 7.89 33.59 5.29
C LYS A 683 9.26 33.03 5.62
N ASP A 684 9.61 31.86 5.08
CA ASP A 684 10.92 31.26 5.32
C ASP A 684 12.02 31.93 4.51
N ARG A 685 11.70 32.95 3.72
CA ARG A 685 12.66 33.61 2.84
C ARG A 685 13.27 32.63 1.85
N LYS A 686 12.44 31.74 1.32
CA LYS A 686 12.85 30.80 0.29
C LYS A 686 12.70 31.36 -1.11
N GLY A 687 12.30 32.62 -1.24
CA GLY A 687 12.15 33.27 -2.52
C GLY A 687 11.31 32.49 -3.50
N PRO A 688 10.02 32.31 -3.21
CA PRO A 688 9.17 31.56 -4.12
C PRO A 688 8.96 32.28 -5.44
N TRP A 689 8.85 31.50 -6.49
CA TRP A 689 8.53 31.98 -7.84
C TRP A 689 7.23 31.35 -8.27
N VAL A 690 6.40 32.11 -8.96
CA VAL A 690 5.13 31.62 -9.46
C VAL A 690 5.15 31.62 -10.98
N PHE A 691 4.23 30.85 -11.55
CA PHE A 691 4.05 30.75 -12.99
C PHE A 691 2.72 31.34 -13.45
N ASP A 692 1.63 31.08 -12.72
CA ASP A 692 0.34 31.69 -13.01
C ASP A 692 -0.39 31.85 -11.66
N LEU A 693 -0.22 33.02 -11.04
CA LEU A 693 -0.85 33.27 -9.74
C LEU A 693 -2.33 33.60 -9.90
N GLU A 694 -2.70 34.27 -10.99
CA GLU A 694 -4.11 34.53 -11.26
C GLU A 694 -4.88 33.23 -11.41
N GLY A 695 -4.26 32.22 -12.04
CA GLY A 695 -4.90 30.92 -12.13
C GLY A 695 -5.11 30.29 -10.77
N MET A 696 -4.12 30.42 -9.88
CA MET A 696 -4.29 29.93 -8.51
C MET A 696 -5.49 30.59 -7.84
N TYR A 697 -5.58 31.91 -7.95
CA TYR A 697 -6.67 32.61 -7.28
C TYR A 697 -8.02 32.26 -7.89
N SER A 698 -8.07 32.09 -9.22
CA SER A 698 -9.32 31.68 -9.85
C SER A 698 -9.74 30.30 -9.38
N GLY A 699 -8.79 29.37 -9.28
CA GLY A 699 -9.12 28.05 -8.76
C GLY A 699 -9.64 28.11 -7.34
N ILE A 700 -9.05 28.95 -6.50
CA ILE A 700 -9.54 29.10 -5.13
C ILE A 700 -10.96 29.66 -5.14
N GLU A 701 -11.16 30.76 -5.86
CA GLU A 701 -12.44 31.47 -5.80
C GLU A 701 -13.56 30.71 -6.50
N GLU A 702 -13.24 29.70 -7.30
CA GLU A 702 -14.31 28.89 -7.90
C GLU A 702 -15.14 28.17 -6.84
N CYS A 703 -14.57 27.90 -5.68
CA CYS A 703 -15.22 27.09 -4.64
C CYS A 703 -15.95 27.91 -3.59
N ILE A 704 -15.95 29.24 -3.70
CA ILE A 704 -16.56 30.10 -2.68
C ILE A 704 -17.93 30.51 -3.21
N SER A 705 -18.96 29.73 -2.89
CA SER A 705 -20.31 30.10 -3.29
C SER A 705 -21.24 30.33 -2.11
N ASN A 706 -21.59 29.30 -1.34
CA ASN A 706 -22.54 29.49 -0.25
C ASN A 706 -22.25 28.64 0.98
N ASN A 707 -21.12 27.96 1.05
CA ASN A 707 -20.76 27.25 2.27
C ASN A 707 -20.37 28.27 3.31
N PRO A 708 -21.06 28.35 4.45
CA PRO A 708 -20.70 29.36 5.46
C PRO A 708 -19.28 29.23 5.94
N TRP A 709 -18.81 28.01 6.12
CA TRP A 709 -17.45 27.81 6.63
C TRP A 709 -16.40 28.19 5.60
N VAL A 710 -16.68 27.95 4.32
CA VAL A 710 -15.74 28.34 3.27
C VAL A 710 -15.64 29.86 3.16
N ILE A 711 -16.78 30.55 3.22
CA ILE A 711 -16.77 32.01 3.15
C ILE A 711 -16.06 32.60 4.36
N GLN A 712 -16.35 32.07 5.55
CA GLN A 712 -15.66 32.55 6.75
C GLN A 712 -14.18 32.22 6.72
N SER A 713 -13.80 31.08 6.13
CA SER A 713 -12.38 30.74 6.01
C SER A 713 -11.68 31.69 5.05
N ALA A 714 -12.35 32.08 3.96
CA ALA A 714 -11.77 33.09 3.09
C ALA A 714 -11.57 34.40 3.82
N TYR A 715 -12.56 34.82 4.61
CA TYR A 715 -12.42 36.04 5.40
C TYR A 715 -11.25 35.95 6.37
N TRP A 716 -11.17 34.83 7.10
CA TRP A 716 -10.10 34.63 8.07
C TRP A 716 -8.74 34.57 7.40
N PHE A 717 -8.67 33.93 6.24
CA PHE A 717 -7.43 33.88 5.47
C PHE A 717 -6.99 35.28 5.07
N ASN A 718 -7.93 36.11 4.62
CA ASN A 718 -7.57 37.47 4.25
C ASN A 718 -7.04 38.25 5.45
N GLU A 719 -7.69 38.10 6.61
CA GLU A 719 -7.20 38.78 7.80
C GLU A 719 -5.81 38.31 8.20
N TRP A 720 -5.59 37.00 8.18
CA TRP A 720 -4.29 36.44 8.55
C TRP A 720 -3.21 36.86 7.57
N LEU A 721 -3.54 36.89 6.28
CA LEU A 721 -2.59 37.35 5.27
C LEU A 721 -2.22 38.80 5.48
N GLY A 722 -3.19 39.64 5.83
CA GLY A 722 -2.87 41.02 6.16
C GLY A 722 -1.92 41.12 7.34
N PHE A 723 -2.17 40.32 8.37
CA PHE A 723 -1.25 40.32 9.51
C PHE A 723 0.13 39.85 9.13
N GLU A 724 0.22 38.84 8.25
CA GLU A 724 1.52 38.36 7.81
C GLU A 724 2.27 39.40 7.01
N LYS A 725 1.58 40.15 6.15
CA LYS A 725 2.22 41.25 5.43
C LYS A 725 2.75 42.30 6.40
N GLU A 726 1.92 42.69 7.36
CA GLU A 726 2.37 43.67 8.36
C GLU A 726 3.56 43.17 9.15
N GLY A 727 3.61 41.88 9.46
CA GLY A 727 4.75 41.32 10.17
C GLY A 727 5.99 41.21 9.32
N SER A 728 5.83 40.98 8.02
CA SER A 728 6.98 40.89 7.13
C SER A 728 7.51 42.26 6.73
N LYS A 729 6.72 43.33 6.95
CA LYS A 729 7.22 44.67 6.64
C LYS A 729 8.42 45.04 7.50
N VAL A 730 8.62 44.39 8.64
CA VAL A 730 9.82 44.62 9.42
C VAL A 730 10.98 43.72 8.97
N LEU A 731 10.70 42.65 8.22
CA LEU A 731 11.73 41.74 7.74
C LEU A 731 12.43 42.25 6.48
N GLU A 732 11.96 43.36 5.90
CA GLU A 732 12.61 43.96 4.75
C GLU A 732 13.77 44.87 5.13
N SER A 733 14.31 44.70 6.34
CA SER A 733 15.43 45.53 6.80
C SER A 733 16.72 44.75 6.98
N VAL A 734 16.67 43.47 7.32
CA VAL A 734 17.87 42.69 7.50
C VAL A 734 18.60 42.52 6.17
N GLY B 9 -15.07 42.87 21.14
CA GLY B 9 -14.90 41.46 21.45
C GLY B 9 -13.73 40.82 20.72
N MET B 10 -13.19 39.76 21.31
CA MET B 10 -12.09 39.02 20.70
C MET B 10 -12.66 37.94 19.79
N ASN B 11 -12.26 37.96 18.52
CA ASN B 11 -12.77 37.03 17.53
C ASN B 11 -11.71 36.00 17.21
N ILE B 12 -12.09 34.73 17.27
CA ILE B 12 -11.15 33.64 17.01
C ILE B 12 -10.86 33.55 15.52
N ASN B 13 -9.58 33.47 15.18
CA ASN B 13 -9.15 33.20 13.81
C ASN B 13 -8.30 31.94 13.81
N PRO B 14 -8.80 30.82 13.30
CA PRO B 14 -7.99 29.58 13.32
C PRO B 14 -6.69 29.68 12.55
N TYR B 15 -6.65 30.44 11.45
CA TYR B 15 -5.41 30.57 10.68
C TYR B 15 -4.29 31.18 11.51
N PHE B 16 -4.62 31.83 12.62
CA PHE B 16 -3.58 32.42 13.45
C PHE B 16 -2.69 31.36 14.08
N LEU B 17 -3.13 30.11 14.13
CA LEU B 17 -2.24 29.03 14.52
C LEU B 17 -0.98 29.05 13.67
N PHE B 18 -1.14 29.31 12.36
CA PHE B 18 -0.02 29.33 11.45
C PHE B 18 0.99 30.43 11.76
N ILE B 19 0.61 31.41 12.59
CA ILE B 19 1.60 32.40 13.03
C ILE B 19 2.62 31.76 13.96
N ASP B 20 2.17 30.87 14.83
CA ASP B 20 3.06 30.22 15.79
C ASP B 20 3.74 28.97 15.23
N VAL B 21 3.10 28.30 14.28
CA VAL B 21 3.58 27.03 13.77
C VAL B 21 3.76 27.12 12.27
N PRO B 22 4.86 26.63 11.71
CA PRO B 22 4.98 26.59 10.25
C PRO B 22 3.89 25.70 9.64
N ILE B 23 3.56 26.00 8.38
CA ILE B 23 2.42 25.35 7.74
C ILE B 23 2.62 23.85 7.67
N GLN B 24 3.83 23.40 7.32
CA GLN B 24 4.06 21.97 7.15
C GLN B 24 3.88 21.22 8.46
N ALA B 25 4.27 21.83 9.58
CA ALA B 25 4.11 21.17 10.88
C ALA B 25 2.65 21.03 11.26
N ALA B 26 1.79 21.90 10.77
CA ALA B 26 0.36 21.84 11.06
C ALA B 26 -0.45 21.63 9.78
N ILE B 27 0.11 20.90 8.82
CA ILE B 27 -0.57 20.68 7.55
C ILE B 27 -1.83 19.84 7.73
N SER B 28 -1.90 19.04 8.80
CA SER B 28 -3.05 18.18 9.02
C SER B 28 -4.33 18.98 9.21
N THR B 29 -4.22 20.19 9.75
CA THR B 29 -5.39 21.04 9.92
C THR B 29 -5.94 21.58 8.60
N THR B 30 -5.23 21.38 7.50
CA THR B 30 -5.68 21.83 6.18
C THR B 30 -6.33 20.71 5.39
N PHE B 31 -6.58 19.56 6.00
CA PHE B 31 -7.23 18.43 5.34
C PHE B 31 -8.55 18.14 6.03
N PRO B 32 -9.67 18.65 5.51
CA PRO B 32 -10.97 18.49 6.18
C PRO B 32 -11.55 17.09 6.01
N TYR B 33 -10.79 16.08 6.41
CA TYR B 33 -11.17 14.70 6.14
C TYR B 33 -12.09 14.13 7.20
N THR B 34 -12.45 14.91 8.21
CA THR B 34 -13.50 14.51 9.13
C THR B 34 -14.89 14.72 8.56
N GLY B 35 -15.00 15.34 7.39
CA GLY B 35 -16.27 15.56 6.74
C GLY B 35 -16.61 14.50 5.71
N VAL B 36 -17.82 14.60 5.18
CA VAL B 36 -18.32 13.60 4.22
C VAL B 36 -17.64 13.82 2.88
N PRO B 37 -17.08 12.77 2.26
CA PRO B 37 -16.47 12.96 0.94
C PRO B 37 -17.54 13.24 -0.11
N PRO B 38 -17.21 13.98 -1.15
CA PRO B 38 -18.18 14.25 -2.21
C PRO B 38 -18.60 12.98 -2.92
N TYR B 39 -19.87 12.93 -3.31
CA TYR B 39 -20.40 11.83 -4.08
C TYR B 39 -21.04 12.36 -5.35
N SER B 40 -21.04 11.53 -6.38
CA SER B 40 -21.71 11.83 -7.63
C SER B 40 -23.14 11.31 -7.59
N HIS B 41 -24.01 12.00 -8.31
CA HIS B 41 -25.41 11.61 -8.43
C HIS B 41 -25.77 11.45 -9.89
N GLY B 42 -26.59 10.45 -10.20
CA GLY B 42 -27.09 10.31 -11.54
C GLY B 42 -26.02 9.95 -12.55
N THR B 43 -26.25 10.41 -13.78
CA THR B 43 -25.45 9.98 -14.92
C THR B 43 -24.05 10.59 -14.89
N GLY B 44 -23.12 9.90 -15.54
CA GLY B 44 -21.82 10.44 -15.85
C GLY B 44 -21.63 10.81 -17.30
N THR B 45 -22.69 10.84 -18.10
CA THR B 45 -22.55 11.06 -19.53
C THR B 45 -22.03 12.47 -19.82
N GLY B 46 -22.44 13.45 -19.03
CA GLY B 46 -21.95 14.81 -19.25
C GLY B 46 -20.45 14.92 -19.10
N TYR B 47 -19.90 14.32 -18.05
CA TYR B 47 -18.44 14.35 -17.85
C TYR B 47 -17.73 13.57 -18.93
N THR B 48 -18.29 12.44 -19.37
CA THR B 48 -17.67 11.66 -20.43
C THR B 48 -17.62 12.44 -21.73
N ILE B 49 -18.72 13.11 -22.09
CA ILE B 49 -18.75 13.91 -23.31
C ILE B 49 -17.79 15.09 -23.19
N ASP B 50 -17.70 15.70 -22.01
CA ASP B 50 -16.72 16.76 -21.79
C ASP B 50 -15.31 16.24 -22.00
N THR B 51 -15.02 15.03 -21.52
CA THR B 51 -13.70 14.45 -21.70
C THR B 51 -13.40 14.21 -23.17
N VAL B 52 -14.39 13.69 -23.92
CA VAL B 52 -14.18 13.46 -25.35
C VAL B 52 -13.90 14.77 -26.07
N ILE B 53 -14.67 15.82 -25.74
CA ILE B 53 -14.51 17.10 -26.41
C ILE B 53 -13.14 17.70 -26.08
N ARG B 54 -12.73 17.66 -24.80
CA ARG B 54 -11.44 18.21 -24.43
C ARG B 54 -10.30 17.42 -25.06
N THR B 55 -10.42 16.10 -25.12
CA THR B 55 -9.39 15.29 -25.73
C THR B 55 -9.22 15.61 -27.20
N HIS B 56 -10.33 15.82 -27.91
CA HIS B 56 -10.22 16.18 -29.31
C HIS B 56 -9.84 17.65 -29.52
N GLU B 57 -10.02 18.50 -28.51
CA GLU B 57 -9.66 19.90 -28.66
C GLU B 57 -8.15 20.10 -28.70
N TYR B 58 -7.40 19.28 -27.97
CA TYR B 58 -5.95 19.42 -27.93
C TYR B 58 -5.26 18.72 -29.07
N SER B 59 -6.01 18.13 -29.99
CA SER B 59 -5.44 17.44 -31.14
C SER B 59 -6.05 17.89 -32.46
N ASN B 60 -6.93 18.90 -32.44
CA ASN B 60 -7.63 19.30 -33.65
C ASN B 60 -6.70 19.86 -34.71
N LYS B 61 -5.48 20.27 -34.33
CA LYS B 61 -4.50 20.70 -35.31
C LYS B 61 -3.71 19.53 -35.88
N GLY B 62 -4.02 18.30 -35.47
CA GLY B 62 -3.37 17.12 -36.00
C GLY B 62 -4.00 16.70 -37.32
N LYS B 63 -3.78 15.43 -37.65
CA LYS B 63 -4.30 14.86 -38.89
C LYS B 63 -5.58 14.09 -38.60
N GLN B 64 -6.66 14.47 -39.27
CA GLN B 64 -7.95 13.82 -39.08
C GLN B 64 -8.25 12.93 -40.27
N TYR B 65 -8.62 11.68 -40.00
CA TYR B 65 -8.96 10.74 -41.06
C TYR B 65 -10.07 9.82 -40.57
N ILE B 66 -10.44 8.87 -41.42
CA ILE B 66 -11.51 7.93 -41.12
C ILE B 66 -10.91 6.52 -41.09
N SER B 67 -11.12 5.81 -39.99
CA SER B 67 -10.58 4.47 -39.85
C SER B 67 -11.24 3.55 -40.86
N ASP B 68 -10.42 2.77 -41.57
CA ASP B 68 -10.92 1.82 -42.54
C ASP B 68 -11.27 0.48 -41.91
N VAL B 69 -11.07 0.32 -40.61
CA VAL B 69 -11.43 -0.89 -39.89
C VAL B 69 -12.80 -0.77 -39.24
N THR B 70 -13.07 0.35 -38.59
CA THR B 70 -14.34 0.55 -37.89
C THR B 70 -15.17 1.71 -38.42
N GLY B 71 -14.61 2.61 -39.22
CA GLY B 71 -15.33 3.75 -39.73
C GLY B 71 -15.40 4.93 -38.79
N CYS B 72 -14.77 4.86 -37.63
CA CYS B 72 -14.76 6.00 -36.72
C CYS B 72 -13.83 7.09 -37.22
N THR B 73 -14.06 8.30 -36.73
CA THR B 73 -13.22 9.44 -37.07
C THR B 73 -12.05 9.50 -36.11
N MET B 74 -10.83 9.45 -36.65
CA MET B 74 -9.61 9.36 -35.86
C MET B 74 -8.81 10.65 -36.01
N VAL B 75 -8.19 11.07 -34.91
CA VAL B 75 -7.34 12.25 -34.87
C VAL B 75 -5.95 11.84 -34.42
N ASP B 76 -4.94 12.31 -35.12
CA ASP B 76 -3.54 11.96 -34.88
C ASP B 76 -2.75 13.24 -34.62
N PRO B 77 -2.45 13.56 -33.36
CA PRO B 77 -1.66 14.76 -33.06
C PRO B 77 -0.16 14.57 -33.10
N THR B 78 0.32 13.34 -33.21
CA THR B 78 1.77 13.10 -33.17
C THR B 78 2.45 13.67 -34.41
N ASN B 79 3.61 14.28 -34.20
CA ASN B 79 4.36 14.97 -35.25
C ASN B 79 3.57 16.12 -35.87
N GLY B 80 2.59 16.65 -35.15
CA GLY B 80 1.85 17.79 -35.62
C GLY B 80 2.61 19.07 -35.40
N PRO B 81 1.97 20.19 -35.75
CA PRO B 81 2.63 21.48 -35.60
C PRO B 81 2.99 21.75 -34.15
N LEU B 82 4.14 22.39 -33.95
CA LEU B 82 4.56 22.73 -32.60
C LEU B 82 3.60 23.75 -32.01
N PRO B 83 3.33 23.68 -30.71
CA PRO B 83 2.40 24.65 -30.10
C PRO B 83 2.97 26.06 -30.15
N GLU B 84 2.06 27.02 -30.24
CA GLU B 84 2.43 28.43 -30.26
C GLU B 84 1.95 29.19 -29.03
N ASP B 85 1.29 28.52 -28.10
CA ASP B 85 0.82 29.14 -26.87
C ASP B 85 0.98 28.13 -25.73
N ASN B 86 0.50 28.51 -24.55
CA ASN B 86 0.69 27.71 -23.35
C ASN B 86 -0.53 26.85 -23.03
N GLU B 87 -1.43 26.67 -23.99
CA GLU B 87 -2.56 25.77 -23.81
C GLU B 87 -2.09 24.32 -23.85
N PRO B 88 -2.87 23.39 -23.31
CA PRO B 88 -2.48 21.98 -23.35
C PRO B 88 -2.23 21.52 -24.78
N SER B 89 -1.13 20.79 -24.96
CA SER B 89 -0.67 20.38 -26.28
C SER B 89 -0.49 18.87 -26.29
N ALA B 90 -1.09 18.22 -27.29
CA ALA B 90 -0.95 16.78 -27.49
C ALA B 90 -0.01 16.44 -28.64
N TYR B 91 0.71 17.43 -29.18
CA TYR B 91 1.53 17.23 -30.37
C TYR B 91 2.94 16.86 -29.95
N ALA B 92 3.09 15.60 -29.53
CA ALA B 92 4.41 15.08 -29.20
C ALA B 92 5.21 14.86 -30.48
N GLN B 93 6.51 15.15 -30.40
CA GLN B 93 7.42 14.95 -31.52
C GLN B 93 8.11 13.60 -31.36
N LEU B 94 8.01 12.77 -32.40
CA LEU B 94 8.56 11.41 -32.32
C LEU B 94 10.06 11.43 -32.12
N ASP B 95 10.77 12.28 -32.86
CA ASP B 95 12.23 12.32 -32.76
C ASP B 95 12.68 12.73 -31.36
N CYS B 96 11.98 13.70 -30.75
CA CYS B 96 12.34 14.12 -29.40
C CYS B 96 12.12 13.00 -28.39
N VAL B 97 11.01 12.27 -28.52
CA VAL B 97 10.77 11.13 -27.63
C VAL B 97 11.86 10.09 -27.80
N LEU B 98 12.23 9.80 -29.04
CA LEU B 98 13.29 8.83 -29.29
C LEU B 98 14.61 9.30 -28.70
N GLU B 99 14.91 10.59 -28.81
CA GLU B 99 16.15 11.09 -28.24
C GLU B 99 16.16 11.00 -26.73
N ALA B 100 15.03 11.30 -26.08
CA ALA B 100 14.96 11.14 -24.63
C ALA B 100 15.15 9.69 -24.22
N LEU B 101 14.53 8.76 -24.96
CA LEU B 101 14.69 7.34 -24.65
C LEU B 101 16.13 6.89 -24.88
N ASP B 102 16.78 7.40 -25.93
CA ASP B 102 18.18 7.04 -26.17
C ASP B 102 19.08 7.59 -25.08
N ARG B 103 18.83 8.79 -24.60
CA ARG B 103 19.60 9.31 -23.48
C ARG B 103 19.40 8.45 -22.24
N MET B 104 18.15 8.02 -21.99
CA MET B 104 17.90 7.13 -20.87
C MET B 104 18.68 5.82 -21.01
N ASP B 105 18.71 5.26 -22.22
CA ASP B 105 19.44 4.01 -22.43
C ASP B 105 20.94 4.21 -22.28
N GLU B 106 21.46 5.37 -22.69
CA GLU B 106 22.88 5.63 -22.54
C GLU B 106 23.27 5.85 -21.08
N GLU B 107 22.38 6.44 -20.29
CA GLU B 107 22.69 6.63 -18.87
C GLU B 107 22.58 5.35 -18.07
N HIS B 108 21.79 4.38 -18.51
CA HIS B 108 21.61 3.11 -17.81
C HIS B 108 21.79 1.97 -18.80
N PRO B 109 23.04 1.56 -19.05
CA PRO B 109 23.27 0.52 -20.07
C PRO B 109 22.56 -0.78 -19.73
N GLY B 110 22.01 -1.42 -20.75
CA GLY B 110 21.35 -2.69 -20.60
C GLY B 110 20.04 -2.67 -19.83
N LEU B 111 19.51 -1.48 -19.51
CA LEU B 111 18.26 -1.41 -18.76
C LEU B 111 17.09 -1.90 -19.60
N PHE B 112 16.98 -1.41 -20.84
CA PHE B 112 15.86 -1.81 -21.69
C PHE B 112 15.89 -3.30 -21.98
N GLN B 113 17.08 -3.84 -22.23
CA GLN B 113 17.18 -5.27 -22.52
C GLN B 113 16.82 -6.11 -21.30
N ALA B 114 17.29 -5.72 -20.12
CA ALA B 114 16.94 -6.45 -18.90
C ALA B 114 15.44 -6.40 -18.64
N ALA B 115 14.84 -5.22 -18.81
CA ALA B 115 13.40 -5.08 -18.60
C ALA B 115 12.61 -5.92 -19.60
N SER B 116 13.03 -5.91 -20.87
CA SER B 116 12.34 -6.71 -21.88
C SER B 116 12.47 -8.20 -21.58
N GLN B 117 13.66 -8.65 -21.17
CA GLN B 117 13.85 -10.05 -20.86
C GLN B 117 13.00 -10.48 -19.67
N ASN B 118 12.97 -9.67 -18.62
CA ASN B 118 12.15 -10.00 -17.46
C ASN B 118 10.68 -10.05 -17.83
N ALA B 119 10.21 -9.06 -18.60
CA ALA B 119 8.81 -9.04 -19.00
C ALA B 119 8.47 -10.24 -19.87
N MET B 120 9.36 -10.61 -20.79
CA MET B 120 9.09 -11.74 -21.65
C MET B 120 9.01 -13.05 -20.85
N GLU B 121 9.94 -13.23 -19.91
CA GLU B 121 9.90 -14.45 -19.10
C GLU B 121 8.64 -14.50 -18.22
N THR B 122 8.26 -13.37 -17.64
CA THR B 122 7.03 -13.33 -16.85
C THR B 122 5.82 -13.62 -17.71
N LEU B 123 5.78 -13.08 -18.93
CA LEU B 123 4.70 -13.37 -19.85
C LEU B 123 4.66 -14.85 -20.20
N MET B 124 5.83 -15.47 -20.34
CA MET B 124 5.88 -16.90 -20.59
C MET B 124 5.31 -17.70 -19.42
N VAL B 125 5.56 -17.26 -18.19
CA VAL B 125 5.08 -17.98 -17.01
C VAL B 125 3.73 -17.45 -16.51
N THR B 126 3.07 -16.58 -17.28
CA THR B 126 1.81 -16.01 -16.88
C THR B 126 0.64 -16.85 -17.38
N THR B 127 -0.31 -17.10 -16.49
CA THR B 127 -1.50 -17.89 -16.80
C THR B 127 -2.69 -16.97 -17.03
N VAL B 128 -3.76 -17.56 -17.59
CA VAL B 128 -4.95 -16.79 -17.96
C VAL B 128 -5.63 -16.22 -16.72
N ASP B 129 -5.62 -16.98 -15.61
CA ASP B 129 -6.37 -16.57 -14.43
C ASP B 129 -5.86 -15.28 -13.81
N LYS B 130 -4.68 -14.81 -14.21
CA LYS B 130 -4.23 -13.47 -13.83
C LYS B 130 -5.27 -12.41 -14.19
N LEU B 131 -5.93 -12.58 -15.34
CA LEU B 131 -6.96 -11.65 -15.77
C LEU B 131 -8.13 -11.56 -14.80
N THR B 132 -8.29 -12.55 -13.93
CA THR B 132 -9.36 -12.50 -12.93
C THR B 132 -9.05 -11.57 -11.76
N GLN B 133 -7.88 -10.94 -11.73
CA GLN B 133 -7.47 -10.14 -10.59
C GLN B 133 -7.87 -8.68 -10.69
N GLY B 134 -9.00 -8.38 -11.35
CA GLY B 134 -9.47 -7.02 -11.50
C GLY B 134 -10.84 -6.81 -10.89
N ARG B 135 -11.22 -5.53 -10.81
CA ARG B 135 -12.53 -5.11 -10.35
C ARG B 135 -13.48 -5.13 -11.55
N GLN B 136 -14.62 -4.44 -11.43
CA GLN B 136 -15.62 -4.35 -12.49
C GLN B 136 -14.99 -4.11 -13.85
N THR B 137 -15.27 -5.00 -14.79
CA THR B 137 -14.70 -5.03 -16.11
C THR B 137 -15.83 -4.96 -17.13
N PHE B 138 -15.63 -4.21 -18.21
CA PHE B 138 -16.62 -4.14 -19.26
C PHE B 138 -16.75 -5.50 -19.92
N ASP B 139 -17.96 -6.03 -19.97
CA ASP B 139 -18.26 -7.28 -20.64
C ASP B 139 -18.92 -6.94 -21.97
N TRP B 140 -18.25 -7.33 -23.06
CA TRP B 140 -18.73 -7.06 -24.42
C TRP B 140 -19.87 -7.98 -24.82
N THR B 141 -19.96 -9.17 -24.21
CA THR B 141 -21.04 -10.09 -24.55
C THR B 141 -22.39 -9.52 -24.19
N VAL B 142 -22.51 -8.89 -23.02
CA VAL B 142 -23.74 -8.27 -22.57
C VAL B 142 -23.70 -6.76 -22.68
N CYS B 143 -22.57 -6.19 -23.10
CA CYS B 143 -22.40 -4.74 -23.20
C CYS B 143 -22.72 -4.06 -21.88
N ARG B 144 -22.19 -4.63 -20.81
CA ARG B 144 -22.46 -4.13 -19.46
C ARG B 144 -21.15 -4.19 -18.67
N ASN B 145 -21.23 -4.07 -17.36
CA ASN B 145 -20.08 -4.26 -16.48
C ASN B 145 -20.33 -5.50 -15.63
N GLN B 146 -19.32 -6.36 -15.53
CA GLN B 146 -19.39 -7.56 -14.72
C GLN B 146 -18.05 -7.74 -14.03
N PRO B 147 -18.01 -8.50 -12.93
CA PRO B 147 -16.73 -8.75 -12.26
C PRO B 147 -15.76 -9.44 -13.20
N ALA B 148 -14.47 -9.25 -12.94
CA ALA B 148 -13.43 -9.65 -13.88
C ALA B 148 -13.48 -11.15 -14.18
N ALA B 149 -13.67 -11.98 -13.16
CA ALA B 149 -13.74 -13.42 -13.38
C ALA B 149 -14.95 -13.78 -14.23
N THR B 150 -16.09 -13.16 -13.96
CA THR B 150 -17.29 -13.45 -14.75
C THR B 150 -17.10 -13.01 -16.21
N ALA B 151 -16.53 -11.82 -16.42
CA ALA B 151 -16.29 -11.35 -17.77
C ALA B 151 -15.33 -12.27 -18.51
N LEU B 152 -14.26 -12.69 -17.84
CA LEU B 152 -13.30 -13.61 -18.46
C LEU B 152 -13.95 -14.94 -18.81
N ASN B 153 -14.78 -15.47 -17.91
CA ASN B 153 -15.44 -16.74 -18.19
C ASN B 153 -16.40 -16.63 -19.36
N THR B 154 -17.15 -15.52 -19.43
CA THR B 154 -18.05 -15.32 -20.57
C THR B 154 -17.27 -15.20 -21.87
N THR B 155 -16.12 -14.51 -21.83
CA THR B 155 -15.28 -14.41 -23.00
C THR B 155 -14.79 -15.79 -23.44
N ILE B 156 -14.35 -16.62 -22.48
CA ILE B 156 -13.84 -17.94 -22.82
C ILE B 156 -14.94 -18.81 -23.40
N THR B 157 -16.14 -18.75 -22.82
CA THR B 157 -17.26 -19.51 -23.36
C THR B 157 -17.61 -19.06 -24.77
N SER B 158 -17.62 -17.75 -25.02
CA SER B 158 -17.89 -17.24 -26.36
C SER B 158 -16.83 -17.67 -27.36
N PHE B 159 -15.56 -17.61 -26.96
CA PHE B 159 -14.49 -18.04 -27.84
C PHE B 159 -14.58 -19.53 -28.14
N ARG B 160 -15.00 -20.32 -27.15
CA ARG B 160 -15.28 -21.73 -27.40
C ARG B 160 -16.39 -21.88 -28.43
N LEU B 161 -17.43 -21.04 -28.33
CA LEU B 161 -18.51 -21.08 -29.31
C LEU B 161 -18.03 -20.73 -30.70
N ASN B 162 -17.01 -19.88 -30.81
CA ASN B 162 -16.50 -19.44 -32.11
C ASN B 162 -15.27 -20.21 -32.55
N ASP B 163 -15.12 -21.45 -32.08
CA ASP B 163 -14.02 -22.33 -32.50
C ASP B 163 -12.66 -21.73 -32.19
N LEU B 164 -12.54 -21.08 -31.04
CA LEU B 164 -11.27 -20.59 -30.52
C LEU B 164 -11.02 -21.27 -29.18
N ASN B 165 -9.83 -21.85 -29.02
CA ASN B 165 -9.54 -22.66 -27.85
C ASN B 165 -8.17 -22.33 -27.26
N GLY B 166 -7.76 -21.07 -27.35
CA GLY B 166 -6.47 -20.69 -26.81
C GLY B 166 -6.42 -20.64 -25.31
N ALA B 167 -7.58 -20.53 -24.66
CA ALA B 167 -7.61 -20.53 -23.20
C ALA B 167 -7.38 -21.91 -22.60
N ASP B 168 -7.61 -22.97 -23.38
CA ASP B 168 -7.39 -24.32 -22.87
C ASP B 168 -5.92 -24.62 -22.64
N LYS B 169 -5.02 -23.93 -23.33
CA LYS B 169 -3.59 -24.11 -23.09
C LYS B 169 -3.16 -23.55 -21.75
N GLY B 170 -3.89 -22.59 -21.20
CA GLY B 170 -3.66 -22.10 -19.87
C GLY B 170 -2.74 -20.91 -19.77
N GLY B 171 -1.96 -20.64 -20.81
CA GLY B 171 -1.09 -19.49 -20.80
C GLY B 171 -1.74 -18.25 -21.35
N LEU B 172 -1.15 -17.10 -21.03
CA LEU B 172 -1.68 -15.84 -21.53
C LEU B 172 -1.42 -15.65 -23.02
N ILE B 173 -0.31 -16.15 -23.53
CA ILE B 173 0.04 -15.94 -24.94
C ILE B 173 -0.97 -16.61 -25.88
N PRO B 174 -1.34 -17.89 -25.70
CA PRO B 174 -2.37 -18.45 -26.59
C PRO B 174 -3.71 -17.77 -26.46
N PHE B 175 -4.07 -17.29 -25.27
CA PHE B 175 -5.32 -16.56 -25.12
C PHE B 175 -5.29 -15.25 -25.88
N CYS B 176 -4.18 -14.52 -25.83
CA CYS B 176 -4.06 -13.29 -26.60
C CYS B 176 -4.04 -13.55 -28.09
N GLN B 177 -3.42 -14.66 -28.51
CA GLN B 177 -3.47 -15.05 -29.91
C GLN B 177 -4.91 -15.30 -30.35
N ASP B 178 -5.68 -15.99 -29.50
CA ASP B 178 -7.09 -16.23 -29.83
C ASP B 178 -7.89 -14.93 -29.84
N ILE B 179 -7.53 -13.97 -28.99
CA ILE B 179 -8.22 -12.68 -29.02
C ILE B 179 -8.01 -11.98 -30.36
N ILE B 180 -6.74 -11.86 -30.77
CA ILE B 180 -6.48 -11.13 -32.01
C ILE B 180 -6.92 -11.94 -33.22
N ASP B 181 -7.11 -13.25 -33.08
CA ASP B 181 -7.73 -14.03 -34.14
C ASP B 181 -9.24 -13.85 -34.17
N SER B 182 -9.86 -13.66 -33.01
CA SER B 182 -11.29 -13.34 -32.98
C SER B 182 -11.56 -12.00 -33.66
N LEU B 183 -10.61 -11.07 -33.55
CA LEU B 183 -10.74 -9.81 -34.29
C LEU B 183 -10.88 -10.03 -35.78
N ASP B 184 -10.37 -11.14 -36.32
CA ASP B 184 -10.50 -11.44 -37.73
C ASP B 184 -11.76 -12.22 -38.10
N ARG B 185 -12.51 -12.70 -37.12
CA ARG B 185 -13.67 -13.55 -37.40
C ARG B 185 -14.79 -12.71 -38.03
N PRO B 186 -15.34 -13.14 -39.17
CA PRO B 186 -16.42 -12.36 -39.80
C PRO B 186 -17.68 -12.29 -38.97
N GLU B 187 -17.94 -13.26 -38.11
CA GLU B 187 -19.11 -13.28 -37.25
C GLU B 187 -18.71 -13.77 -35.86
N MET B 188 -19.52 -13.43 -34.87
CA MET B 188 -19.26 -13.81 -33.49
C MET B 188 -20.55 -14.31 -32.87
N THR B 189 -20.56 -15.56 -32.42
CA THR B 189 -21.68 -16.15 -31.71
C THR B 189 -21.31 -16.26 -30.24
N PHE B 190 -22.20 -15.85 -29.36
CA PHE B 190 -21.90 -15.78 -27.94
C PHE B 190 -23.18 -15.96 -27.14
N PHE B 191 -23.04 -15.89 -25.81
CA PHE B 191 -24.18 -15.95 -24.90
C PHE B 191 -24.43 -14.55 -24.33
N SER B 192 -25.64 -14.04 -24.55
CA SER B 192 -26.08 -12.78 -23.98
C SER B 192 -27.24 -13.04 -23.03
N VAL B 193 -27.73 -11.97 -22.40
CA VAL B 193 -28.79 -12.08 -21.39
C VAL B 193 -30.00 -11.29 -21.88
N LYS B 194 -31.18 -11.90 -21.74
CA LYS B 194 -32.45 -11.26 -22.02
C LYS B 194 -33.26 -11.18 -20.73
N ASN B 195 -33.91 -10.04 -20.51
CA ASN B 195 -34.71 -9.81 -19.31
C ASN B 195 -36.18 -9.92 -19.67
N ILE B 196 -36.83 -11.00 -19.21
CA ILE B 196 -38.28 -11.11 -19.31
C ILE B 196 -38.92 -10.14 -18.32
N LYS B 197 -39.86 -9.35 -18.81
CA LYS B 197 -40.51 -8.32 -18.00
C LYS B 197 -41.97 -8.67 -17.75
N LYS B 198 -42.40 -8.49 -16.51
CA LYS B 198 -43.74 -8.84 -16.06
C LYS B 198 -44.39 -7.64 -15.39
N LYS B 199 -45.68 -7.44 -15.68
CA LYS B 199 -46.46 -6.38 -15.05
C LYS B 199 -47.03 -6.92 -13.75
N LEU B 200 -46.34 -6.65 -12.65
CA LEU B 200 -46.76 -7.17 -11.35
C LEU B 200 -47.78 -6.23 -10.72
N PRO B 201 -49.01 -6.71 -10.47
CA PRO B 201 -49.94 -5.92 -9.66
C PRO B 201 -49.43 -5.80 -8.23
N ALA B 202 -49.66 -4.62 -7.63
CA ALA B 202 -49.18 -4.37 -6.28
C ALA B 202 -49.92 -3.19 -5.65
N PHE B 208 -48.86 -0.52 -10.45
CA PHE B 208 -48.19 -1.78 -10.74
C PHE B 208 -46.68 -1.56 -10.90
N LEU B 209 -45.91 -2.63 -10.73
CA LEU B 209 -44.46 -2.60 -10.83
C LEU B 209 -44.03 -3.50 -11.99
N ILE B 210 -42.73 -3.50 -12.27
CA ILE B 210 -42.16 -4.28 -13.36
C ILE B 210 -41.16 -5.26 -12.78
N LYS B 211 -41.30 -6.53 -13.14
CA LYS B 211 -40.45 -7.60 -12.64
C LYS B 211 -39.56 -8.11 -13.76
N ARG B 212 -38.25 -8.18 -13.48
CA ARG B 212 -37.26 -8.61 -14.47
C ARG B 212 -36.71 -9.97 -14.08
N ILE B 213 -36.72 -10.91 -15.02
CA ILE B 213 -36.14 -12.23 -14.84
C ILE B 213 -35.13 -12.46 -15.97
N PRO B 214 -33.84 -12.58 -15.66
CA PRO B 214 -32.85 -12.78 -16.72
C PRO B 214 -32.70 -14.23 -17.15
N MET B 215 -32.29 -14.39 -18.41
CA MET B 215 -32.01 -15.72 -18.95
C MET B 215 -30.99 -15.59 -20.09
N LYS B 216 -30.14 -16.60 -20.21
CA LYS B 216 -29.11 -16.59 -21.24
C LYS B 216 -29.65 -17.13 -22.56
N VAL B 217 -29.25 -16.47 -23.65
CA VAL B 217 -29.65 -16.83 -24.99
C VAL B 217 -28.41 -16.72 -25.89
N LYS B 218 -28.50 -17.33 -27.07
CA LYS B 218 -27.41 -17.26 -28.04
C LYS B 218 -27.63 -16.05 -28.94
N ASP B 219 -26.64 -15.16 -28.97
CA ASP B 219 -26.68 -13.95 -29.76
C ASP B 219 -25.54 -13.99 -30.78
N LYS B 220 -25.66 -13.13 -31.78
CA LYS B 220 -24.70 -13.08 -32.87
C LYS B 220 -24.47 -11.64 -33.30
N ILE B 221 -23.21 -11.30 -33.56
CA ILE B 221 -22.85 -9.98 -34.06
C ILE B 221 -21.89 -10.14 -35.23
N THR B 222 -21.79 -9.09 -36.03
CA THR B 222 -20.93 -9.12 -37.21
C THR B 222 -19.49 -8.77 -36.83
N LYS B 223 -18.63 -8.72 -37.84
CA LYS B 223 -17.21 -8.48 -37.61
C LYS B 223 -16.97 -7.07 -37.08
N VAL B 224 -17.51 -6.07 -37.78
CA VAL B 224 -17.25 -4.68 -37.38
C VAL B 224 -17.90 -4.37 -36.04
N GLU B 225 -19.11 -4.89 -35.81
CA GLU B 225 -19.77 -4.68 -34.54
C GLU B 225 -18.98 -5.29 -33.38
N TYR B 226 -18.47 -6.51 -33.58
CA TYR B 226 -17.64 -7.14 -32.55
C TYR B 226 -16.35 -6.37 -32.32
N ILE B 227 -15.73 -5.88 -33.40
CA ILE B 227 -14.49 -5.13 -33.25
C ILE B 227 -14.74 -3.85 -32.45
N LYS B 228 -15.84 -3.16 -32.74
CA LYS B 228 -16.15 -1.95 -31.99
C LYS B 228 -16.47 -2.27 -30.53
N ARG B 229 -17.16 -3.37 -30.26
CA ARG B 229 -17.41 -3.75 -28.88
C ARG B 229 -16.12 -4.10 -28.14
N ALA B 230 -15.19 -4.80 -28.81
CA ALA B 230 -13.96 -5.21 -28.16
C ALA B 230 -13.03 -4.03 -27.90
N LEU B 231 -13.16 -2.96 -28.67
CA LEU B 231 -12.35 -1.77 -28.48
C LEU B 231 -13.04 -0.73 -27.60
N SER B 232 -14.20 -1.05 -27.04
CA SER B 232 -15.00 -0.07 -26.32
C SER B 232 -14.61 -0.02 -24.85
N LEU B 233 -14.55 1.19 -24.31
CA LEU B 233 -14.37 1.43 -22.88
C LEU B 233 -15.70 1.89 -22.30
N ASN B 234 -16.08 1.34 -21.17
CA ASN B 234 -17.29 1.73 -20.48
C ASN B 234 -16.96 2.78 -19.43
N THR B 235 -17.67 3.90 -19.46
CA THR B 235 -17.37 5.03 -18.59
C THR B 235 -18.43 5.15 -17.50
N MET B 236 -17.98 5.49 -16.30
CA MET B 236 -18.88 5.73 -15.18
C MET B 236 -18.27 6.84 -14.32
N THR B 237 -18.87 7.11 -13.18
CA THR B 237 -18.48 8.24 -12.35
C THR B 237 -17.73 7.75 -11.12
N LYS B 238 -16.74 8.54 -10.71
CA LYS B 238 -15.92 8.22 -9.54
C LYS B 238 -16.54 8.83 -8.29
N ASP B 239 -16.77 7.99 -7.29
CA ASP B 239 -17.38 8.40 -6.03
C ASP B 239 -16.35 8.53 -4.93
N ALA B 240 -16.68 9.37 -3.95
CA ALA B 240 -15.89 9.52 -2.73
C ALA B 240 -14.44 9.91 -3.04
N GLU B 241 -14.27 11.01 -3.75
CA GLU B 241 -12.95 11.56 -4.04
C GLU B 241 -12.79 12.89 -3.32
N ARG B 242 -11.69 13.04 -2.59
CA ARG B 242 -11.46 14.21 -1.76
C ARG B 242 -10.51 15.18 -2.47
N GLY B 243 -10.78 16.47 -2.29
CA GLY B 243 -9.94 17.52 -2.82
C GLY B 243 -10.44 18.19 -4.07
N LYS B 244 -11.48 17.66 -4.71
CA LYS B 244 -11.96 18.18 -5.97
C LYS B 244 -13.35 18.78 -5.79
N LEU B 245 -13.55 20.00 -6.29
CA LEU B 245 -14.88 20.59 -6.28
C LEU B 245 -15.80 19.89 -7.27
N LYS B 246 -15.30 19.59 -8.47
CA LYS B 246 -16.11 19.00 -9.53
C LYS B 246 -15.86 17.50 -9.62
N ARG B 247 -16.91 16.77 -9.96
CA ARG B 247 -16.81 15.33 -10.17
C ARG B 247 -16.23 15.04 -11.54
N ARG B 248 -15.85 13.79 -11.75
N ARG B 248 -15.87 13.78 -11.75
CA ARG B 248 -15.21 13.36 -12.98
CA ARG B 248 -15.25 13.38 -13.01
C ARG B 248 -15.57 11.91 -13.28
C ARG B 248 -15.54 11.91 -13.28
N ALA B 249 -15.38 11.52 -14.53
CA ALA B 249 -15.68 10.18 -14.97
C ALA B 249 -14.40 9.35 -15.12
N ILE B 250 -14.49 8.09 -14.72
CA ILE B 250 -13.44 7.12 -14.96
C ILE B 250 -13.95 6.12 -15.99
N ALA B 251 -13.05 5.27 -16.46
CA ALA B 251 -13.35 4.32 -17.52
C ALA B 251 -12.82 2.94 -17.14
N THR B 252 -13.42 1.92 -17.75
CA THR B 252 -12.99 0.54 -17.59
C THR B 252 -12.95 -0.13 -18.96
N ALA B 253 -12.01 -1.05 -19.11
CA ALA B 253 -11.80 -1.74 -20.37
C ALA B 253 -12.29 -3.18 -20.27
N GLY B 254 -12.51 -3.78 -21.42
CA GLY B 254 -12.90 -5.17 -21.50
C GLY B 254 -11.72 -6.12 -21.39
N ILE B 255 -12.01 -7.39 -21.61
CA ILE B 255 -10.98 -8.43 -21.51
C ILE B 255 -9.94 -8.27 -22.62
N GLN B 256 -10.39 -7.93 -23.83
CA GLN B 256 -9.47 -7.87 -24.97
C GLN B 256 -8.33 -6.89 -24.74
N ILE B 257 -8.57 -5.84 -23.96
CA ILE B 257 -7.54 -4.84 -23.70
C ILE B 257 -6.74 -5.20 -22.46
N ARG B 258 -7.41 -5.68 -21.42
CA ARG B 258 -6.73 -6.06 -20.19
C ARG B 258 -5.72 -7.17 -20.41
N GLY B 259 -5.99 -8.05 -21.39
CA GLY B 259 -5.04 -9.11 -21.67
C GLY B 259 -3.68 -8.60 -22.11
N PHE B 260 -3.66 -7.49 -22.84
CA PHE B 260 -2.42 -6.94 -23.37
C PHE B 260 -1.83 -5.82 -22.53
N VAL B 261 -2.64 -5.12 -21.73
CA VAL B 261 -2.08 -4.04 -20.92
C VAL B 261 -1.14 -4.58 -19.86
N LEU B 262 -1.33 -5.83 -19.42
CA LEU B 262 -0.52 -6.39 -18.34
C LEU B 262 0.95 -6.43 -18.71
N VAL B 263 1.28 -6.85 -19.93
CA VAL B 263 2.68 -7.03 -20.30
C VAL B 263 3.39 -5.69 -20.42
N VAL B 264 2.74 -4.70 -21.03
CA VAL B 264 3.34 -3.38 -21.12
C VAL B 264 3.50 -2.77 -19.74
N GLU B 265 2.52 -2.99 -18.86
CA GLU B 265 2.64 -2.53 -17.48
C GLU B 265 3.84 -3.16 -16.79
N ASN B 266 4.02 -4.48 -16.97
CA ASN B 266 5.15 -5.17 -16.36
C ASN B 266 6.48 -4.67 -16.91
N LEU B 267 6.57 -4.46 -18.21
CA LEU B 267 7.80 -3.94 -18.81
C LEU B 267 8.14 -2.57 -18.26
N ALA B 268 7.15 -1.68 -18.21
CA ALA B 268 7.39 -0.34 -17.70
C ALA B 268 7.72 -0.36 -16.21
N LYS B 269 7.13 -1.29 -15.46
CA LYS B 269 7.46 -1.43 -14.05
C LYS B 269 8.90 -1.90 -13.87
N ASN B 270 9.34 -2.83 -14.71
CA ASN B 270 10.73 -3.27 -14.65
C ASN B 270 11.68 -2.13 -14.96
N ILE B 271 11.32 -1.26 -15.91
CA ILE B 271 12.14 -0.09 -16.17
C ILE B 271 12.11 0.86 -14.97
N CYS B 272 10.93 1.12 -14.42
CA CYS B 272 10.78 2.12 -13.36
C CYS B 272 11.49 1.71 -12.08
N GLU B 273 11.56 0.41 -11.79
CA GLU B 273 12.24 -0.04 -10.57
C GLU B 273 13.71 0.36 -10.56
N ASN B 274 14.32 0.46 -11.74
CA ASN B 274 15.75 0.68 -11.86
C ASN B 274 16.13 2.12 -12.19
N LEU B 275 15.18 3.04 -12.11
CA LEU B 275 15.45 4.45 -12.36
C LEU B 275 15.46 5.21 -11.04
N GLU B 276 16.54 5.95 -10.79
CA GLU B 276 16.68 6.70 -9.55
C GLU B 276 15.75 7.90 -9.49
N GLN B 277 15.09 8.26 -10.59
CA GLN B 277 14.19 9.40 -10.63
C GLN B 277 12.72 9.00 -10.60
N SER B 278 12.42 7.71 -10.63
CA SER B 278 11.05 7.25 -10.65
C SER B 278 10.50 7.11 -9.23
N GLY B 279 9.32 7.69 -9.00
CA GLY B 279 8.60 7.54 -7.76
C GLY B 279 7.72 6.31 -7.69
N LEU B 280 7.71 5.48 -8.73
CA LEU B 280 6.97 4.24 -8.80
C LEU B 280 7.92 3.11 -9.14
N PRO B 281 7.63 1.88 -8.71
CA PRO B 281 6.49 1.44 -7.91
C PRO B 281 6.77 1.43 -6.41
N VAL B 282 7.57 2.35 -5.92
CA VAL B 282 7.79 2.47 -4.49
C VAL B 282 6.61 3.21 -3.86
N GLY B 283 6.25 2.81 -2.65
CA GLY B 283 5.20 3.49 -1.92
C GLY B 283 5.48 3.41 -0.43
N GLY B 284 4.79 4.27 0.32
CA GLY B 284 4.90 4.23 1.76
C GLY B 284 6.27 4.64 2.26
N ASN B 285 6.78 3.91 3.26
CA ASN B 285 8.07 4.25 3.86
C ASN B 285 9.22 4.05 2.89
N GLU B 286 9.13 3.06 2.01
CA GLU B 286 10.17 2.88 1.00
C GLU B 286 10.25 4.09 0.09
N LYS B 287 9.10 4.59 -0.35
CA LYS B 287 9.07 5.79 -1.17
C LYS B 287 9.62 6.98 -0.43
N LYS B 288 9.28 7.11 0.87
CA LYS B 288 9.81 8.21 1.66
C LYS B 288 11.33 8.15 1.76
N ALA B 289 11.87 6.95 2.00
CA ALA B 289 13.32 6.81 2.08
C ALA B 289 13.98 7.14 0.75
N LYS B 290 13.41 6.67 -0.36
CA LYS B 290 13.97 6.96 -1.67
C LYS B 290 13.96 8.45 -1.96
N LEU B 291 12.84 9.12 -1.68
CA LEU B 291 12.77 10.56 -1.94
C LEU B 291 13.72 11.33 -1.04
N SER B 292 13.86 10.92 0.23
CA SER B 292 14.79 11.60 1.13
C SER B 292 16.22 11.45 0.64
N ASN B 293 16.59 10.24 0.20
CA ASN B 293 17.94 10.04 -0.32
C ASN B 293 18.18 10.87 -1.58
N ALA B 294 17.18 10.94 -2.45
CA ALA B 294 17.31 11.74 -3.67
C ALA B 294 17.48 13.22 -3.34
N VAL B 295 16.69 13.73 -2.39
CA VAL B 295 16.81 15.14 -2.02
C VAL B 295 18.16 15.42 -1.39
N ALA B 296 18.65 14.51 -0.55
CA ALA B 296 19.96 14.67 0.06
C ALA B 296 21.05 14.69 -1.01
N LYS B 297 20.93 13.80 -1.99
CA LYS B 297 21.90 13.77 -3.09
C LYS B 297 21.88 15.07 -3.88
N MET B 298 20.70 15.61 -4.15
CA MET B 298 20.62 16.88 -4.86
C MET B 298 21.21 18.01 -4.04
N LEU B 299 21.01 17.99 -2.72
CA LEU B 299 21.60 19.02 -1.86
C LEU B 299 23.12 18.93 -1.88
N SER B 300 23.67 17.72 -1.79
CA SER B 300 25.11 17.56 -1.72
C SER B 300 25.79 17.98 -3.02
N ASN B 301 25.17 17.67 -4.16
CA ASN B 301 25.79 17.88 -5.46
C ASN B 301 25.60 19.29 -6.00
N CYS B 302 24.98 20.18 -5.25
CA CYS B 302 24.84 21.56 -5.70
C CYS B 302 26.21 22.20 -5.81
N PRO B 303 26.53 22.84 -6.93
CA PRO B 303 27.87 23.43 -7.10
C PRO B 303 28.15 24.48 -6.05
N PRO B 304 29.39 24.58 -5.58
CA PRO B 304 29.70 25.58 -4.55
C PRO B 304 29.46 26.99 -5.04
N GLY B 305 28.97 27.84 -4.15
CA GLY B 305 28.72 29.22 -4.50
C GLY B 305 27.53 29.44 -5.39
N GLY B 306 26.69 28.43 -5.58
CA GLY B 306 25.54 28.52 -6.45
C GLY B 306 24.23 28.52 -5.69
N ILE B 307 23.16 28.29 -6.43
CA ILE B 307 21.81 28.24 -5.87
C ILE B 307 21.10 27.01 -6.43
N SER B 308 20.13 26.54 -5.67
CA SER B 308 19.31 25.39 -6.04
C SER B 308 17.84 25.73 -5.84
N MET B 309 17.03 25.34 -6.82
CA MET B 309 15.59 25.56 -6.79
C MET B 309 14.86 24.24 -6.87
N THR B 310 13.73 24.15 -6.19
CA THR B 310 12.80 23.05 -6.31
C THR B 310 11.49 23.56 -6.86
N VAL B 311 10.99 22.89 -7.89
CA VAL B 311 9.69 23.14 -8.47
C VAL B 311 8.78 22.01 -8.06
N THR B 312 7.75 22.36 -7.28
CA THR B 312 6.64 21.47 -7.00
C THR B 312 5.66 21.59 -8.16
N GLY B 313 5.52 20.52 -8.95
CA GLY B 313 4.79 20.61 -10.20
C GLY B 313 3.80 19.48 -10.37
N ASP B 314 2.68 19.81 -11.00
CA ASP B 314 1.76 18.82 -11.51
C ASP B 314 1.53 19.11 -12.99
N ASN B 315 1.28 18.06 -13.75
CA ASN B 315 1.03 18.18 -15.18
C ASN B 315 -0.47 18.23 -15.42
N THR B 316 -0.92 19.30 -16.08
CA THR B 316 -2.32 19.45 -16.39
C THR B 316 -2.68 18.63 -17.63
N LYS B 317 -3.86 18.04 -17.60
CA LYS B 317 -4.38 17.24 -18.71
C LYS B 317 -3.42 16.10 -19.07
N TRP B 318 -2.93 15.42 -18.04
CA TRP B 318 -1.95 14.35 -18.25
C TRP B 318 -2.52 13.25 -19.14
N ASN B 319 -3.72 12.79 -18.83
CA ASN B 319 -4.30 11.68 -19.57
C ASN B 319 -4.85 12.09 -20.92
N GLU B 320 -5.39 13.30 -21.04
CA GLU B 320 -5.99 13.74 -22.30
C GLU B 320 -4.96 14.13 -23.34
N CYS B 321 -3.71 14.37 -22.96
CA CYS B 321 -2.69 14.79 -23.91
C CYS B 321 -1.71 13.69 -24.28
N LEU B 322 -1.55 12.66 -23.45
CA LEU B 322 -0.61 11.58 -23.75
C LEU B 322 -1.17 10.70 -24.86
N ASN B 323 -0.37 10.43 -25.86
CA ASN B 323 -1.00 9.74 -26.97
C ASN B 323 -0.51 8.30 -27.08
N PRO B 324 -1.42 7.35 -27.32
CA PRO B 324 -1.00 5.95 -27.42
C PRO B 324 -0.06 5.65 -28.59
N ARG B 325 0.00 6.50 -29.61
CA ARG B 325 0.98 6.31 -30.67
C ARG B 325 2.39 6.56 -30.17
N ILE B 326 2.56 7.53 -29.28
CA ILE B 326 3.85 7.74 -28.63
C ILE B 326 4.22 6.53 -27.78
N PHE B 327 3.24 5.93 -27.12
CA PHE B 327 3.50 4.71 -26.35
C PHE B 327 3.88 3.56 -27.25
N LEU B 328 3.27 3.47 -28.44
CA LEU B 328 3.68 2.46 -29.41
C LEU B 328 5.14 2.66 -29.81
N ALA B 329 5.53 3.91 -30.05
CA ALA B 329 6.93 4.19 -30.37
C ALA B 329 7.84 3.82 -29.21
N MET B 330 7.43 4.14 -27.98
CA MET B 330 8.25 3.82 -26.81
C MET B 330 8.43 2.32 -26.65
N THR B 331 7.37 1.55 -26.87
CA THR B 331 7.50 0.10 -26.76
C THR B 331 8.38 -0.47 -27.87
N GLU B 332 8.30 0.10 -29.07
CA GLU B 332 9.19 -0.36 -30.13
C GLU B 332 10.65 -0.01 -29.85
N ARG B 333 10.91 1.13 -29.24
CA ARG B 333 12.28 1.49 -28.91
C ARG B 333 12.81 0.67 -27.74
N ILE B 334 11.96 0.41 -26.75
CA ILE B 334 12.41 -0.28 -25.54
C ILE B 334 12.68 -1.75 -25.83
N THR B 335 11.79 -2.42 -26.55
CA THR B 335 12.02 -3.82 -26.91
C THR B 335 12.79 -3.94 -28.21
N ARG B 336 13.91 -3.21 -28.32
CA ARG B 336 14.67 -3.19 -29.57
C ARG B 336 15.38 -4.51 -29.80
N ASP B 337 15.91 -5.13 -28.75
CA ASP B 337 16.69 -6.36 -28.87
C ASP B 337 15.92 -7.59 -28.40
N SER B 338 14.61 -7.61 -28.58
CA SER B 338 13.78 -8.74 -28.24
C SER B 338 13.38 -9.51 -29.48
N PRO B 339 12.95 -10.76 -29.33
CA PRO B 339 12.45 -11.49 -30.50
C PRO B 339 11.21 -10.82 -31.10
N ILE B 340 10.94 -11.17 -32.35
CA ILE B 340 9.88 -10.50 -33.10
C ILE B 340 8.53 -10.68 -32.43
N TRP B 341 8.25 -11.90 -31.94
CA TRP B 341 6.93 -12.17 -31.38
C TRP B 341 6.67 -11.31 -30.15
N PHE B 342 7.67 -11.13 -29.30
CA PHE B 342 7.49 -10.28 -28.12
C PHE B 342 7.31 -8.83 -28.50
N ARG B 343 8.01 -8.37 -29.54
CA ARG B 343 7.82 -7.00 -30.00
C ARG B 343 6.40 -6.78 -30.50
N ASP B 344 5.86 -7.72 -31.28
CA ASP B 344 4.49 -7.62 -31.72
C ASP B 344 3.53 -7.61 -30.54
N PHE B 345 3.77 -8.49 -29.57
CA PHE B 345 2.91 -8.58 -28.40
C PHE B 345 2.89 -7.26 -27.63
N CYS B 346 4.06 -6.65 -27.45
CA CYS B 346 4.12 -5.36 -26.76
C CYS B 346 3.59 -4.23 -27.61
N SER B 347 3.52 -4.40 -28.94
CA SER B 347 2.91 -3.38 -29.77
C SER B 347 1.40 -3.46 -29.79
N ILE B 348 0.82 -4.61 -29.42
CA ILE B 348 -0.64 -4.77 -29.53
C ILE B 348 -1.37 -3.74 -28.66
N ALA B 349 -0.95 -3.57 -27.41
CA ALA B 349 -1.74 -2.76 -26.48
C ALA B 349 -1.86 -1.30 -26.86
N PRO B 350 -0.77 -0.57 -27.16
CA PRO B 350 -0.96 0.82 -27.63
C PRO B 350 -1.76 0.90 -28.93
N VAL B 351 -1.69 -0.12 -29.77
CA VAL B 351 -2.50 -0.13 -30.99
C VAL B 351 -3.98 -0.18 -30.65
N LEU B 352 -4.36 -1.08 -29.75
CA LEU B 352 -5.76 -1.16 -29.34
C LEU B 352 -6.22 0.12 -28.67
N PHE B 353 -5.34 0.76 -27.89
CA PHE B 353 -5.69 2.04 -27.29
C PHE B 353 -5.78 3.17 -28.32
N SER B 354 -5.05 3.08 -29.42
CA SER B 354 -5.10 4.12 -30.44
C SER B 354 -6.37 4.05 -31.27
N ASN B 355 -7.14 2.97 -31.16
CA ASN B 355 -8.42 2.84 -31.85
C ASN B 355 -9.57 2.69 -30.87
N LYS B 356 -9.40 3.14 -29.63
CA LYS B 356 -10.40 2.90 -28.60
C LYS B 356 -11.66 3.70 -28.85
N ILE B 357 -12.78 3.15 -28.39
CA ILE B 357 -14.11 3.74 -28.56
C ILE B 357 -14.71 3.90 -27.18
N ALA B 358 -15.28 5.07 -26.90
CA ALA B 358 -15.81 5.39 -25.58
C ALA B 358 -17.32 5.22 -25.55
N ARG B 359 -17.80 4.43 -24.59
CA ARG B 359 -19.23 4.35 -24.34
C ARG B 359 -19.66 5.49 -23.44
N LEU B 360 -20.68 6.22 -23.87
CA LEU B 360 -20.95 7.53 -23.30
C LEU B 360 -21.64 7.48 -21.94
N GLY B 361 -22.27 6.37 -21.58
CA GLY B 361 -22.79 6.19 -20.23
C GLY B 361 -24.28 5.89 -20.23
N LYS B 362 -24.95 6.37 -19.18
CA LYS B 362 -26.37 6.10 -19.00
C LYS B 362 -27.27 7.04 -19.78
N GLY B 363 -26.74 8.15 -20.30
CA GLY B 363 -27.54 9.11 -21.03
C GLY B 363 -27.89 10.32 -20.18
N PHE B 364 -28.97 10.98 -20.57
CA PHE B 364 -29.46 12.16 -19.88
C PHE B 364 -30.93 11.98 -19.55
N MET B 365 -31.37 12.57 -18.45
CA MET B 365 -32.76 12.46 -18.03
C MET B 365 -33.49 13.77 -18.34
N ILE B 366 -34.62 13.64 -19.05
CA ILE B 366 -35.46 14.79 -19.40
C ILE B 366 -36.70 14.75 -18.52
N THR B 367 -37.10 15.93 -18.03
CA THR B 367 -38.20 16.02 -17.07
C THR B 367 -39.22 17.04 -17.54
N SER B 368 -40.46 16.81 -17.13
CA SER B 368 -41.56 17.77 -17.24
C SER B 368 -41.99 18.11 -15.82
N LYS B 369 -41.71 19.35 -15.41
CA LYS B 369 -41.98 19.74 -14.03
C LYS B 369 -43.47 19.93 -13.78
N THR B 370 -44.19 20.46 -14.77
CA THR B 370 -45.63 20.67 -14.59
C THR B 370 -46.36 19.35 -14.37
N LYS B 371 -46.01 18.33 -15.15
CA LYS B 371 -46.64 17.03 -15.06
C LYS B 371 -45.91 16.09 -14.11
N ARG B 372 -44.78 16.52 -13.55
CA ARG B 372 -43.95 15.68 -12.67
C ARG B 372 -43.64 14.34 -13.34
N LEU B 373 -43.02 14.43 -14.51
CA LEU B 373 -42.65 13.25 -15.28
C LEU B 373 -41.16 13.29 -15.59
N LYS B 374 -40.55 12.13 -15.73
CA LYS B 374 -39.14 12.07 -16.07
C LYS B 374 -38.88 10.80 -16.88
N ALA B 375 -37.88 10.88 -17.75
CA ALA B 375 -37.52 9.73 -18.57
C ALA B 375 -36.04 9.78 -18.89
N GLN B 376 -35.46 8.60 -19.10
CA GLN B 376 -34.03 8.45 -19.36
C GLN B 376 -33.82 8.26 -20.86
N ILE B 377 -33.12 9.21 -21.48
CA ILE B 377 -32.72 9.11 -22.88
C ILE B 377 -31.32 8.51 -22.91
N PRO B 378 -31.14 7.32 -23.47
CA PRO B 378 -29.80 6.71 -23.51
C PRO B 378 -28.92 7.35 -24.56
N CYS B 379 -27.66 6.93 -24.60
CA CYS B 379 -26.72 7.48 -25.58
C CYS B 379 -27.11 7.21 -27.02
N PRO B 380 -27.61 6.03 -27.42
CA PRO B 380 -28.05 5.87 -28.80
C PRO B 380 -29.14 6.84 -29.22
N ASP B 381 -29.94 7.34 -28.27
CA ASP B 381 -31.04 8.24 -28.56
C ASP B 381 -30.71 9.70 -28.25
N LEU B 382 -29.43 10.03 -28.09
CA LEU B 382 -29.05 11.40 -27.75
C LEU B 382 -29.49 12.39 -28.82
N PHE B 383 -29.37 12.01 -30.09
CA PHE B 383 -29.68 12.91 -31.19
C PHE B 383 -31.05 12.64 -31.81
N SER B 384 -31.85 11.75 -31.22
CA SER B 384 -33.24 11.62 -31.60
C SER B 384 -34.10 12.74 -31.03
N ILE B 385 -33.58 13.47 -30.05
CA ILE B 385 -34.27 14.61 -29.45
C ILE B 385 -33.69 15.88 -30.05
N PRO B 386 -34.50 16.84 -30.48
CA PRO B 386 -33.95 18.12 -30.93
C PRO B 386 -33.16 18.79 -29.82
N LEU B 387 -32.04 19.41 -30.21
CA LEU B 387 -31.10 19.89 -29.20
C LEU B 387 -31.65 21.04 -28.37
N GLU B 388 -32.80 21.62 -28.76
CA GLU B 388 -33.41 22.66 -27.95
C GLU B 388 -34.01 22.13 -26.66
N ARG B 389 -34.13 20.81 -26.52
CA ARG B 389 -34.67 20.20 -25.31
C ARG B 389 -33.57 19.78 -24.34
N TYR B 390 -32.38 20.35 -24.44
CA TYR B 390 -31.29 20.12 -23.51
C TYR B 390 -30.95 21.43 -22.81
N ASN B 391 -30.15 21.32 -21.75
CA ASN B 391 -29.58 22.50 -21.13
C ASN B 391 -28.66 23.22 -22.11
N GLU B 392 -28.26 24.44 -21.75
CA GLU B 392 -27.31 25.16 -22.59
C GLU B 392 -25.97 24.43 -22.65
N GLU B 393 -25.44 24.03 -21.51
CA GLU B 393 -24.14 23.35 -21.47
C GLU B 393 -24.20 22.03 -22.21
N THR B 394 -25.24 21.24 -21.97
CA THR B 394 -25.36 19.95 -22.66
C THR B 394 -25.57 20.16 -24.15
N ARG B 395 -26.32 21.18 -24.54
CA ARG B 395 -26.52 21.47 -25.96
C ARG B 395 -25.21 21.80 -26.64
N ALA B 396 -24.40 22.66 -26.02
CA ALA B 396 -23.10 23.00 -26.58
C ALA B 396 -22.20 21.76 -26.68
N LYS B 397 -22.20 20.94 -25.62
CA LYS B 397 -21.36 19.75 -25.62
C LYS B 397 -21.80 18.78 -26.72
N LEU B 398 -23.10 18.60 -26.91
CA LEU B 398 -23.57 17.68 -27.93
C LEU B 398 -23.24 18.19 -29.33
N LYS B 399 -23.36 19.51 -29.54
CA LYS B 399 -22.98 20.07 -30.82
C LYS B 399 -21.50 19.82 -31.12
N LYS B 400 -20.64 20.01 -30.11
CA LYS B 400 -19.23 19.73 -30.34
C LYS B 400 -18.96 18.23 -30.49
N LEU B 401 -19.77 17.39 -29.85
CA LEU B 401 -19.57 15.94 -29.90
C LEU B 401 -19.99 15.34 -31.23
N LYS B 402 -20.94 15.96 -31.92
CA LYS B 402 -21.58 15.32 -33.08
C LYS B 402 -20.63 14.72 -34.11
N PRO B 403 -19.53 15.36 -34.53
CA PRO B 403 -18.65 14.70 -35.51
C PRO B 403 -18.06 13.38 -35.05
N PHE B 404 -17.73 13.25 -33.76
CA PHE B 404 -17.11 12.03 -33.25
C PHE B 404 -18.12 10.99 -32.80
N PHE B 405 -19.41 11.30 -32.87
CA PHE B 405 -20.43 10.40 -32.37
C PHE B 405 -20.72 9.30 -33.37
N ASN B 406 -20.79 8.06 -32.89
CA ASN B 406 -21.15 6.91 -33.70
C ASN B 406 -22.59 6.53 -33.41
N GLU B 407 -23.30 6.11 -34.44
CA GLU B 407 -24.75 5.88 -34.33
C GLU B 407 -25.12 4.72 -33.42
N GLU B 408 -24.15 4.10 -32.75
CA GLU B 408 -24.44 3.09 -31.73
C GLU B 408 -24.47 3.68 -30.32
N GLY B 409 -24.30 4.99 -30.19
CA GLY B 409 -24.25 5.63 -28.89
C GLY B 409 -22.86 5.73 -28.30
N THR B 410 -21.82 5.60 -29.11
CA THR B 410 -20.45 5.65 -28.66
C THR B 410 -19.69 6.71 -29.43
N ALA B 411 -18.58 7.17 -28.86
CA ALA B 411 -17.77 8.22 -29.45
C ALA B 411 -16.39 7.67 -29.81
N SER B 412 -15.79 8.26 -30.82
CA SER B 412 -14.44 7.90 -31.22
C SER B 412 -13.45 8.71 -30.40
N LEU B 413 -12.53 8.02 -29.73
CA LEU B 413 -11.59 8.64 -28.81
C LEU B 413 -10.18 8.14 -29.07
N SER B 414 -9.75 8.18 -30.33
CA SER B 414 -8.38 7.82 -30.67
C SER B 414 -7.32 8.57 -29.88
N PRO B 415 -7.39 9.89 -29.70
CA PRO B 415 -6.36 10.56 -28.89
C PRO B 415 -6.52 10.24 -27.42
N GLY B 416 -5.42 10.43 -26.69
CA GLY B 416 -5.47 10.41 -25.26
C GLY B 416 -5.48 9.03 -24.62
N MET B 417 -5.31 9.00 -23.31
N MET B 417 -5.44 9.03 -23.29
CA MET B 417 -5.50 7.82 -22.49
CA MET B 417 -5.36 7.85 -22.45
C MET B 417 -6.66 8.10 -21.56
C MET B 417 -6.47 7.93 -21.39
N MET B 418 -7.67 7.24 -21.57
N MET B 418 -7.71 8.14 -21.85
CA MET B 418 -8.93 7.63 -20.96
CA MET B 418 -8.83 8.31 -20.92
C MET B 418 -8.80 7.81 -19.46
C MET B 418 -8.91 7.14 -19.94
N MET B 419 -8.25 6.81 -18.76
N MET B 419 -8.61 5.94 -20.41
CA MET B 419 -8.02 6.98 -17.32
CA MET B 419 -8.61 4.78 -19.53
C MET B 419 -6.97 5.98 -16.86
C MET B 419 -7.57 4.93 -18.42
N GLY B 420 -5.79 6.50 -16.52
N GLY B 420 -6.43 5.53 -18.75
CA GLY B 420 -4.75 5.78 -15.79
CA GLY B 420 -5.41 5.78 -17.75
C GLY B 420 -4.50 4.32 -16.09
C GLY B 420 -4.75 4.53 -17.21
N MET B 421 -4.31 3.96 -17.36
N MET B 421 -4.47 3.56 -18.07
CA MET B 421 -4.02 2.57 -17.68
CA MET B 421 -3.91 2.29 -17.66
C MET B 421 -2.53 2.31 -17.84
C MET B 421 -2.40 2.24 -17.82
N PHE B 422 -1.75 3.33 -18.18
CA PHE B 422 -0.32 3.26 -18.43
C PHE B 422 0.44 4.16 -17.45
N ASN B 423 0.10 4.08 -16.17
CA ASN B 423 0.79 4.90 -15.17
C ASN B 423 2.29 4.68 -15.20
N MET B 424 2.73 3.42 -15.33
CA MET B 424 4.14 3.11 -15.35
C MET B 424 4.83 3.66 -16.60
N LEU B 425 4.23 3.45 -17.77
CA LEU B 425 4.84 3.90 -19.01
C LEU B 425 4.85 5.42 -19.10
N SER B 426 3.78 6.05 -18.61
CA SER B 426 3.77 7.51 -18.52
C SER B 426 4.84 8.01 -17.56
N THR B 427 5.06 7.30 -16.46
CA THR B 427 6.14 7.65 -15.55
C THR B 427 7.49 7.52 -16.24
N VAL B 428 7.65 6.50 -17.08
CA VAL B 428 8.89 6.33 -17.84
C VAL B 428 9.10 7.53 -18.76
N LEU B 429 8.04 7.97 -19.44
CA LEU B 429 8.15 9.13 -20.31
C LEU B 429 8.53 10.38 -19.53
N GLY B 430 7.91 10.57 -18.36
CA GLY B 430 8.25 11.72 -17.54
C GLY B 430 9.67 11.69 -17.04
N VAL B 431 10.16 10.52 -16.64
CA VAL B 431 11.54 10.38 -16.19
C VAL B 431 12.50 10.63 -17.34
N ALA B 432 12.13 10.19 -18.55
CA ALA B 432 12.94 10.49 -19.72
C ALA B 432 13.05 11.99 -19.93
N ALA B 433 11.93 12.72 -19.74
CA ALA B 433 12.01 14.17 -19.76
C ALA B 433 12.95 14.69 -18.67
N LEU B 434 12.89 14.10 -17.48
CA LEU B 434 13.77 14.49 -16.40
C LEU B 434 15.24 14.20 -16.69
N GLY B 435 15.54 13.24 -17.56
CA GLY B 435 16.90 12.82 -17.81
C GLY B 435 17.70 13.67 -18.77
N ILE B 436 17.06 14.62 -19.46
CA ILE B 436 17.79 15.47 -20.38
C ILE B 436 18.79 16.34 -19.62
N LYS B 437 18.35 16.93 -18.50
CA LYS B 437 19.17 17.61 -17.51
C LYS B 437 19.71 18.95 -17.97
N ASN B 438 19.59 19.27 -19.26
CA ASN B 438 20.20 20.47 -19.80
C ASN B 438 19.84 20.67 -21.25
N ILE B 439 19.81 21.91 -21.72
CA ILE B 439 19.54 22.23 -23.12
C ILE B 439 20.58 23.24 -23.58
N GLY B 440 21.32 22.89 -24.64
CA GLY B 440 22.21 23.83 -25.27
C GLY B 440 23.42 24.21 -24.46
N ASN B 441 23.85 23.36 -23.52
CA ASN B 441 25.02 23.62 -22.68
C ASN B 441 24.92 24.95 -21.95
N LYS B 442 23.73 25.26 -21.44
CA LYS B 442 23.55 26.45 -20.63
C LYS B 442 24.01 26.18 -19.21
N GLU B 443 24.04 27.23 -18.39
CA GLU B 443 24.66 27.15 -17.07
C GLU B 443 23.63 26.74 -16.01
N TYR B 444 23.07 25.55 -16.18
CA TYR B 444 22.16 24.98 -15.20
C TYR B 444 22.16 23.46 -15.37
N LEU B 445 21.63 22.78 -14.38
CA LEU B 445 21.44 21.34 -14.43
C LEU B 445 20.19 20.97 -13.67
N TRP B 446 19.29 20.21 -14.30
CA TRP B 446 18.07 19.81 -13.62
C TRP B 446 18.03 18.29 -13.44
N ASP B 447 17.33 17.88 -12.39
CA ASP B 447 17.07 16.50 -12.05
C ASP B 447 15.70 16.48 -11.37
N GLY B 448 15.33 15.36 -10.77
CA GLY B 448 14.16 15.38 -9.94
C GLY B 448 13.49 14.01 -9.89
N LEU B 449 12.23 14.05 -9.49
CA LEU B 449 11.43 12.87 -9.20
C LEU B 449 10.12 12.94 -9.97
N GLN B 450 9.72 11.80 -10.54
CA GLN B 450 8.49 11.68 -11.30
C GLN B 450 7.68 10.51 -10.76
N SER B 451 6.42 10.75 -10.44
CA SER B 451 5.49 9.70 -10.08
C SER B 451 4.19 9.96 -10.82
N SER B 452 3.90 9.13 -11.82
CA SER B 452 2.78 9.35 -12.73
C SER B 452 2.89 10.72 -13.38
N ASP B 453 2.18 11.72 -12.85
CA ASP B 453 2.19 13.03 -13.46
C ASP B 453 2.75 14.09 -12.51
N ASP B 454 2.68 13.81 -11.21
CA ASP B 454 3.27 14.71 -10.23
C ASP B 454 4.78 14.64 -10.32
N PHE B 455 5.43 15.79 -10.12
CA PHE B 455 6.88 15.78 -10.21
C PHE B 455 7.48 16.85 -9.30
N ALA B 456 8.72 16.62 -8.94
CA ALA B 456 9.56 17.62 -8.29
C ALA B 456 10.80 17.81 -9.15
N LEU B 457 11.10 19.06 -9.49
CA LEU B 457 12.22 19.38 -10.36
C LEU B 457 13.27 20.14 -9.55
N PHE B 458 14.48 19.62 -9.51
CA PHE B 458 15.58 20.26 -8.79
C PHE B 458 16.56 20.83 -9.80
N VAL B 459 16.68 22.16 -9.82
CA VAL B 459 17.53 22.85 -10.79
C VAL B 459 18.63 23.56 -10.03
N ASN B 460 19.88 23.21 -10.31
CA ASN B 460 21.04 23.85 -9.72
C ASN B 460 21.67 24.77 -10.76
N ALA B 461 21.94 26.01 -10.37
CA ALA B 461 22.55 26.97 -11.29
C ALA B 461 23.33 27.99 -10.49
N LYS B 462 23.89 28.98 -11.19
CA LYS B 462 24.69 30.01 -10.56
C LYS B 462 23.85 31.07 -9.86
N ASP B 463 22.63 31.32 -10.32
CA ASP B 463 21.77 32.32 -9.71
C ASP B 463 20.33 31.97 -10.02
N GLU B 464 19.40 32.84 -9.61
CA GLU B 464 17.98 32.58 -9.83
C GLU B 464 17.62 32.67 -11.30
N GLU B 465 18.24 33.59 -12.05
CA GLU B 465 17.86 33.77 -13.45
C GLU B 465 18.20 32.55 -14.28
N THR B 466 19.36 31.93 -14.06
CA THR B 466 19.68 30.71 -14.77
C THR B 466 18.80 29.56 -14.31
N CYS B 467 18.40 29.54 -13.04
CA CYS B 467 17.45 28.53 -12.59
C CYS B 467 16.12 28.66 -13.33
N MET B 468 15.64 29.90 -13.50
CA MET B 468 14.40 30.10 -14.23
C MET B 468 14.56 29.78 -15.71
N GLU B 469 15.74 30.04 -16.27
CA GLU B 469 16.03 29.60 -17.63
C GLU B 469 15.93 28.09 -17.75
N GLY B 470 16.47 27.37 -16.77
CA GLY B 470 16.38 25.92 -16.79
C GLY B 470 14.96 25.42 -16.65
N ILE B 471 14.16 26.07 -15.80
CA ILE B 471 12.76 25.68 -15.64
C ILE B 471 11.99 25.94 -16.93
N ASN B 472 12.27 27.06 -17.59
CA ASN B 472 11.63 27.34 -18.88
C ASN B 472 12.00 26.29 -19.92
N ASP B 473 13.29 25.92 -19.96
CA ASP B 473 13.71 24.90 -20.91
C ASP B 473 13.06 23.55 -20.60
N PHE B 474 12.92 23.22 -19.32
CA PHE B 474 12.23 21.98 -18.96
C PHE B 474 10.77 22.02 -19.39
N TYR B 475 10.12 23.17 -19.20
CA TYR B 475 8.73 23.33 -19.62
C TYR B 475 8.59 23.10 -21.12
N ARG B 476 9.47 23.72 -21.91
CA ARG B 476 9.40 23.58 -23.36
C ARG B 476 9.75 22.16 -23.81
N THR B 477 10.75 21.54 -23.17
CA THR B 477 11.11 20.17 -23.51
C THR B 477 9.96 19.22 -23.22
N CYS B 478 9.28 19.41 -22.09
CA CYS B 478 8.09 18.61 -21.81
C CYS B 478 7.01 18.86 -22.85
N LYS B 479 6.88 20.12 -23.30
CA LYS B 479 5.96 20.39 -24.40
C LYS B 479 6.28 19.54 -25.62
N LEU B 480 7.56 19.34 -25.91
CA LEU B 480 7.93 18.51 -27.05
C LEU B 480 7.47 17.07 -26.88
N LEU B 481 7.34 16.59 -25.65
CA LEU B 481 6.95 15.21 -25.39
C LEU B 481 5.45 15.06 -25.17
N GLY B 482 4.66 16.11 -25.37
CA GLY B 482 3.25 16.04 -25.07
C GLY B 482 2.92 16.12 -23.60
N ILE B 483 3.82 16.66 -22.78
CA ILE B 483 3.62 16.81 -21.35
C ILE B 483 3.49 18.30 -21.06
N ASN B 484 2.41 18.70 -20.43
CA ASN B 484 2.12 20.10 -20.18
C ASN B 484 2.17 20.36 -18.68
N MET B 485 3.19 21.08 -18.23
CA MET B 485 3.27 21.48 -16.83
C MET B 485 2.21 22.52 -16.53
N SER B 486 1.51 22.36 -15.41
CA SER B 486 0.46 23.29 -15.02
C SER B 486 1.08 24.51 -14.39
N LYS B 487 1.00 25.65 -15.09
CA LYS B 487 1.52 26.88 -14.51
C LYS B 487 0.70 27.34 -13.30
N LYS B 488 -0.57 26.96 -13.25
CA LYS B 488 -1.40 27.34 -12.12
C LYS B 488 -1.05 26.54 -10.87
N LYS B 489 -0.90 25.23 -10.99
CA LYS B 489 -0.74 24.36 -9.83
C LYS B 489 0.72 24.07 -9.48
N SER B 490 1.67 24.70 -10.16
CA SER B 490 3.08 24.50 -9.88
C SER B 490 3.68 25.77 -9.30
N TYR B 491 4.73 25.60 -8.50
CA TYR B 491 5.46 26.74 -7.99
C TYR B 491 6.90 26.33 -7.72
N CYS B 492 7.75 27.31 -7.50
CA CYS B 492 9.17 27.08 -7.33
C CYS B 492 9.67 27.89 -6.15
N ASN B 493 10.60 27.33 -5.40
CA ASN B 493 11.26 28.05 -4.31
C ASN B 493 12.65 27.47 -4.12
N GLU B 494 13.37 27.98 -3.13
CA GLU B 494 14.68 27.42 -2.82
C GLU B 494 14.53 26.00 -2.28
N THR B 495 15.51 25.15 -2.60
CA THR B 495 15.43 23.75 -2.24
C THR B 495 15.46 23.59 -0.73
N GLY B 496 14.85 22.51 -0.26
CA GLY B 496 14.70 22.26 1.16
C GLY B 496 13.26 22.25 1.64
N MET B 497 12.31 22.60 0.79
CA MET B 497 10.89 22.57 1.14
C MET B 497 10.09 22.42 -0.14
N PHE B 498 9.28 21.38 -0.21
CA PHE B 498 8.45 21.14 -1.40
C PHE B 498 7.35 20.16 -1.06
N GLU B 499 6.54 19.84 -2.06
CA GLU B 499 5.45 18.89 -1.93
C GLU B 499 5.52 17.91 -3.07
N PHE B 500 5.16 16.66 -2.80
CA PHE B 500 5.23 15.60 -3.81
C PHE B 500 4.26 14.50 -3.41
N THR B 501 3.24 14.29 -4.24
CA THR B 501 2.21 13.27 -4.01
C THR B 501 1.62 13.36 -2.61
N SER B 502 1.24 14.59 -2.23
CA SER B 502 0.62 14.91 -0.94
C SER B 502 1.55 14.67 0.23
N MET B 503 2.83 14.41 -0.01
CA MET B 503 3.83 14.33 1.04
C MET B 503 4.60 15.64 1.06
N PHE B 504 4.69 16.25 2.23
CA PHE B 504 5.25 17.59 2.39
C PHE B 504 6.63 17.47 3.02
N TYR B 505 7.65 17.94 2.31
CA TYR B 505 9.02 17.90 2.78
C TYR B 505 9.41 19.28 3.27
N ARG B 506 9.78 19.38 4.54
CA ARG B 506 10.34 20.59 5.12
C ARG B 506 11.54 20.14 5.96
N ASP B 507 12.70 20.05 5.33
CA ASP B 507 13.90 19.49 5.95
C ASP B 507 13.61 18.09 6.50
N GLY B 508 12.89 17.28 5.73
CA GLY B 508 12.45 15.97 6.16
C GLY B 508 10.96 15.85 6.09
N PHE B 509 10.46 14.72 5.62
CA PHE B 509 9.01 14.56 5.43
C PHE B 509 8.30 14.63 6.77
N VAL B 510 7.32 15.53 6.86
CA VAL B 510 6.52 15.68 8.07
C VAL B 510 5.43 14.63 8.06
N SER B 511 4.79 14.43 9.21
CA SER B 511 3.70 13.46 9.32
C SER B 511 2.38 14.15 9.05
N ASN B 512 1.57 13.57 8.17
CA ASN B 512 0.25 14.08 7.83
C ASN B 512 -0.77 13.12 8.43
N PHE B 513 -1.23 13.44 9.63
CA PHE B 513 -2.12 12.52 10.34
C PHE B 513 -3.52 12.48 9.75
N ALA B 514 -4.01 13.62 9.24
CA ALA B 514 -5.39 13.67 8.75
C ALA B 514 -5.60 12.74 7.58
N MET B 515 -4.56 12.49 6.78
CA MET B 515 -4.68 11.61 5.63
C MET B 515 -5.20 10.23 6.02
N GLU B 516 -4.84 9.76 7.22
CA GLU B 516 -5.23 8.45 7.69
C GLU B 516 -6.47 8.47 8.57
N LEU B 517 -7.10 9.63 8.76
CA LEU B 517 -8.28 9.71 9.60
C LEU B 517 -9.44 8.83 9.12
N PRO B 518 -9.78 8.76 7.84
CA PRO B 518 -10.92 7.91 7.43
C PRO B 518 -10.72 6.43 7.71
N SER B 519 -9.50 5.97 7.94
CA SER B 519 -9.25 4.56 8.18
C SER B 519 -9.50 4.13 9.63
N PHE B 520 -9.77 5.07 10.52
CA PHE B 520 -9.88 4.79 11.94
C PHE B 520 -11.26 4.29 12.36
N GLY B 521 -12.19 4.12 11.43
CA GLY B 521 -13.51 3.64 11.77
C GLY B 521 -13.57 2.12 11.87
N VAL B 522 -14.74 1.64 12.27
CA VAL B 522 -14.98 0.20 12.31
C VAL B 522 -15.04 -0.33 10.89
N ALA B 523 -14.19 -1.31 10.59
CA ALA B 523 -14.00 -1.75 9.21
C ALA B 523 -15.24 -2.40 8.62
N GLY B 524 -15.93 -3.24 9.39
CA GLY B 524 -17.11 -3.90 8.89
C GLY B 524 -16.86 -5.21 8.19
N VAL B 525 -16.07 -6.09 8.81
CA VAL B 525 -15.91 -7.46 8.33
C VAL B 525 -16.75 -8.36 9.23
N ASN B 526 -16.44 -8.35 10.52
CA ASN B 526 -17.24 -8.97 11.56
C ASN B 526 -16.68 -8.46 12.89
N GLU B 527 -17.25 -8.97 13.98
CA GLU B 527 -16.84 -8.49 15.30
C GLU B 527 -15.38 -8.81 15.60
N SER B 528 -14.94 -10.02 15.25
CA SER B 528 -13.57 -10.41 15.55
C SER B 528 -12.56 -9.65 14.70
N ALA B 529 -12.79 -9.58 13.40
CA ALA B 529 -11.82 -8.97 12.50
C ALA B 529 -11.72 -7.47 12.73
N ASP B 530 -12.82 -6.81 13.04
CA ASP B 530 -12.82 -5.36 13.18
C ASP B 530 -11.95 -4.92 14.35
N MET B 531 -11.99 -5.65 15.46
CA MET B 531 -11.16 -5.30 16.62
C MET B 531 -9.69 -5.34 16.26
N ALA B 532 -9.26 -6.43 15.62
CA ALA B 532 -7.86 -6.57 15.24
C ALA B 532 -7.44 -5.51 14.23
N ILE B 533 -8.32 -5.23 13.25
CA ILE B 533 -8.00 -4.23 12.24
C ILE B 533 -7.86 -2.85 12.87
N GLY B 534 -8.76 -2.49 13.77
CA GLY B 534 -8.69 -1.19 14.41
C GLY B 534 -7.45 -1.03 15.27
N MET B 535 -7.12 -2.04 16.06
CA MET B 535 -5.92 -1.96 16.88
C MET B 535 -4.66 -1.91 16.03
N THR B 536 -4.62 -2.68 14.93
CA THR B 536 -3.47 -2.63 14.04
C THR B 536 -3.34 -1.28 13.37
N ILE B 537 -4.46 -0.65 13.01
CA ILE B 537 -4.43 0.68 12.43
C ILE B 537 -3.84 1.67 13.43
N ILE B 538 -4.27 1.60 14.68
CA ILE B 538 -3.70 2.49 15.70
C ILE B 538 -2.21 2.28 15.84
N LYS B 539 -1.77 1.02 15.87
CA LYS B 539 -0.35 0.71 16.04
C LYS B 539 0.47 1.26 14.87
N ASN B 540 0.01 1.03 13.64
CA ASN B 540 0.77 1.49 12.48
C ASN B 540 0.80 3.02 12.41
N ASN B 541 -0.29 3.68 12.79
CA ASN B 541 -0.28 5.13 12.83
C ASN B 541 0.64 5.65 13.92
N MET B 542 0.78 4.92 15.03
CA MET B 542 1.81 5.26 15.99
C MET B 542 3.18 5.18 15.35
N ILE B 543 3.42 4.12 14.59
CA ILE B 543 4.76 3.86 14.06
C ILE B 543 5.15 4.93 13.04
N ASN B 544 4.28 5.21 12.07
CA ASN B 544 4.74 6.00 10.94
C ASN B 544 3.74 7.10 10.56
N ASN B 545 3.11 7.71 11.56
CA ASN B 545 2.30 8.90 11.29
C ASN B 545 2.40 9.93 12.40
N GLY B 546 3.38 9.83 13.29
CA GLY B 546 3.55 10.83 14.32
C GLY B 546 2.45 10.84 15.37
N MET B 547 1.73 9.73 15.51
CA MET B 547 0.65 9.64 16.47
C MET B 547 1.22 9.33 17.85
N GLY B 548 1.06 10.26 18.79
CA GLY B 548 1.65 10.14 20.09
C GLY B 548 0.94 9.11 20.95
N PRO B 549 1.52 8.80 22.11
CA PRO B 549 0.86 7.84 23.02
C PRO B 549 -0.49 8.30 23.52
N ALA B 550 -0.65 9.58 23.84
CA ALA B 550 -1.94 10.09 24.31
C ALA B 550 -2.98 9.99 23.22
N THR B 551 -2.63 10.40 22.00
CA THR B 551 -3.57 10.31 20.89
C THR B 551 -3.89 8.86 20.57
N ALA B 552 -2.93 7.96 20.71
CA ALA B 552 -3.19 6.55 20.46
C ALA B 552 -4.15 5.96 21.49
N GLN B 553 -3.97 6.31 22.77
CA GLN B 553 -4.91 5.85 23.79
C GLN B 553 -6.30 6.42 23.56
N THR B 554 -6.39 7.69 23.19
CA THR B 554 -7.68 8.28 22.86
C THR B 554 -8.30 7.59 21.65
N ALA B 555 -7.48 7.20 20.68
CA ALA B 555 -7.98 6.47 19.53
C ALA B 555 -8.50 5.10 19.94
N ILE B 556 -7.86 4.46 20.92
CA ILE B 556 -8.38 3.21 21.44
C ILE B 556 -9.77 3.43 22.04
N GLN B 557 -9.90 4.48 22.85
CA GLN B 557 -11.21 4.78 23.45
C GLN B 557 -12.27 5.06 22.39
N LEU B 558 -11.91 5.85 21.37
CA LEU B 558 -12.87 6.18 20.32
C LEU B 558 -13.26 4.95 19.52
N PHE B 559 -12.29 4.08 19.23
CA PHE B 559 -12.61 2.86 18.52
C PHE B 559 -13.53 1.98 19.33
N ILE B 560 -13.30 1.88 20.65
CA ILE B 560 -14.16 1.04 21.47
C ILE B 560 -15.58 1.60 21.51
N ALA B 561 -15.71 2.91 21.64
CA ALA B 561 -17.05 3.52 21.64
C ALA B 561 -17.77 3.25 20.33
N ASP B 562 -17.09 3.47 19.21
CA ASP B 562 -17.72 3.24 17.91
C ASP B 562 -18.02 1.76 17.71
N TYR B 563 -17.14 0.88 18.18
CA TYR B 563 -17.35 -0.56 18.07
C TYR B 563 -18.59 -0.99 18.85
N ARG B 564 -18.74 -0.48 20.07
CA ARG B 564 -19.90 -0.85 20.88
C ARG B 564 -21.19 -0.30 20.29
N TYR B 565 -21.16 0.90 19.70
CA TYR B 565 -22.37 1.41 19.08
C TYR B 565 -22.66 0.71 17.75
N THR B 566 -21.64 0.27 17.03
CA THR B 566 -21.85 -0.41 15.76
C THR B 566 -22.40 -1.81 15.97
N TYR B 567 -21.82 -2.56 16.92
CA TYR B 567 -22.20 -3.94 17.13
C TYR B 567 -23.12 -4.13 18.32
N LYS B 568 -23.60 -3.03 18.92
CA LYS B 568 -24.61 -3.07 19.98
C LYS B 568 -24.17 -3.99 21.12
N CYS B 569 -22.94 -3.81 21.56
CA CYS B 569 -22.30 -4.69 22.53
C CYS B 569 -21.74 -3.86 23.68
N HIS B 570 -22.56 -2.98 24.23
CA HIS B 570 -22.13 -2.12 25.33
C HIS B 570 -21.76 -2.97 26.55
N ARG B 571 -21.14 -2.30 27.53
CA ARG B 571 -20.64 -3.00 28.70
C ARG B 571 -21.77 -3.71 29.42
N GLY B 572 -21.45 -4.87 29.99
CA GLY B 572 -22.48 -5.69 30.61
C GLY B 572 -23.20 -5.02 31.75
N ASP B 573 -22.49 -4.17 32.51
CA ASP B 573 -23.09 -3.44 33.61
C ASP B 573 -23.79 -2.16 33.16
N SER B 574 -23.74 -1.83 31.87
CA SER B 574 -24.49 -0.69 31.37
C SER B 574 -25.97 -1.01 31.29
N LYS B 575 -26.80 0.02 31.42
CA LYS B 575 -28.25 -0.13 31.33
C LYS B 575 -28.78 0.21 29.95
N VAL B 576 -27.99 -0.03 28.91
CA VAL B 576 -28.43 0.28 27.55
C VAL B 576 -29.46 -0.75 27.12
N GLU B 577 -30.57 -0.28 26.54
CA GLU B 577 -31.61 -1.16 26.03
C GLU B 577 -31.23 -1.66 24.65
N GLY B 578 -31.60 -2.91 24.36
CA GLY B 578 -31.35 -3.51 23.06
C GLY B 578 -31.67 -4.98 23.07
N LYS B 579 -31.91 -5.54 21.88
CA LYS B 579 -32.19 -6.97 21.79
C LYS B 579 -31.00 -7.79 22.25
N ARG B 580 -29.80 -7.40 21.85
CA ARG B 580 -28.60 -8.10 22.27
C ARG B 580 -28.24 -7.80 23.72
N MET B 581 -28.59 -6.60 24.20
CA MET B 581 -28.16 -6.18 25.52
C MET B 581 -28.82 -6.99 26.64
N LYS B 582 -30.01 -7.53 26.42
CA LYS B 582 -30.61 -8.39 27.43
C LYS B 582 -29.75 -9.62 27.68
N ILE B 583 -29.38 -10.32 26.61
CA ILE B 583 -28.54 -11.49 26.75
C ILE B 583 -27.16 -11.11 27.24
N ILE B 584 -26.66 -9.94 26.83
CA ILE B 584 -25.35 -9.50 27.33
C ILE B 584 -25.39 -9.29 28.84
N LYS B 585 -26.47 -8.68 29.35
CA LYS B 585 -26.60 -8.51 30.79
C LYS B 585 -26.73 -9.84 31.51
N GLU B 586 -27.45 -10.79 30.90
CA GLU B 586 -27.54 -12.13 31.50
C GLU B 586 -26.17 -12.79 31.57
N LEU B 587 -25.38 -12.67 30.50
CA LEU B 587 -24.02 -13.21 30.52
C LEU B 587 -23.16 -12.52 31.56
N TRP B 588 -23.33 -11.20 31.70
CA TRP B 588 -22.58 -10.46 32.72
C TRP B 588 -22.90 -10.95 34.11
N GLU B 589 -24.19 -11.18 34.40
CA GLU B 589 -24.57 -11.68 35.71
C GLU B 589 -24.07 -13.10 35.94
N ASN B 590 -24.19 -13.96 34.92
CA ASN B 590 -23.77 -15.36 35.08
C ASN B 590 -22.26 -15.48 35.22
N THR B 591 -21.50 -14.77 34.39
CA THR B 591 -20.06 -14.96 34.31
C THR B 591 -19.39 -14.50 35.61
N LYS B 592 -18.48 -15.34 36.11
CA LYS B 592 -17.73 -15.02 37.32
C LYS B 592 -16.45 -14.25 37.01
N GLY B 593 -15.68 -14.71 36.03
CA GLY B 593 -14.52 -13.99 35.55
C GLY B 593 -14.88 -12.95 34.50
N ARG B 594 -15.43 -11.82 34.94
CA ARG B 594 -15.96 -10.83 34.01
C ARG B 594 -14.87 -10.15 33.20
N ASP B 595 -13.62 -10.20 33.63
CA ASP B 595 -12.56 -9.55 32.87
C ASP B 595 -12.14 -10.34 31.65
N GLY B 596 -12.58 -11.58 31.51
CA GLY B 596 -12.26 -12.39 30.36
C GLY B 596 -13.28 -12.38 29.25
N LEU B 597 -14.37 -11.64 29.41
CA LEU B 597 -15.37 -11.54 28.36
C LEU B 597 -14.91 -10.57 27.27
N LEU B 598 -15.19 -10.93 26.02
CA LEU B 598 -14.82 -10.07 24.91
C LEU B 598 -15.66 -8.81 24.91
N VAL B 599 -15.16 -7.77 24.23
CA VAL B 599 -15.90 -6.53 24.13
C VAL B 599 -17.21 -6.75 23.38
N ALA B 600 -17.21 -7.67 22.41
CA ALA B 600 -18.43 -8.01 21.68
C ALA B 600 -19.44 -8.76 22.54
N ASP B 601 -19.06 -9.23 23.73
CA ASP B 601 -19.97 -9.88 24.65
C ASP B 601 -20.10 -9.09 25.95
N GLY B 602 -19.90 -7.79 25.88
CA GLY B 602 -20.10 -6.93 27.04
C GLY B 602 -18.94 -6.85 28.00
N GLY B 603 -17.80 -7.42 27.66
CA GLY B 603 -16.64 -7.38 28.52
C GLY B 603 -15.96 -6.04 28.49
N PRO B 604 -15.02 -5.86 29.42
CA PRO B 604 -14.23 -4.63 29.44
C PRO B 604 -13.18 -4.60 28.35
N ASN B 605 -12.78 -3.40 27.97
CA ASN B 605 -11.66 -3.22 27.05
C ASN B 605 -10.37 -3.19 27.86
N ILE B 606 -9.46 -4.13 27.58
CA ILE B 606 -8.18 -4.21 28.27
C ILE B 606 -7.03 -3.79 27.39
N TYR B 607 -7.29 -3.35 26.16
CA TYR B 607 -6.22 -2.90 25.29
C TYR B 607 -5.59 -1.62 25.81
N ASN B 608 -4.27 -1.53 25.67
CA ASN B 608 -3.53 -0.30 25.88
C ASN B 608 -2.41 -0.28 24.86
N LEU B 609 -1.44 0.61 25.04
CA LEU B 609 -0.41 0.77 24.01
C LEU B 609 0.43 -0.48 23.84
N ARG B 610 0.82 -1.13 24.95
CA ARG B 610 1.81 -2.20 24.88
C ARG B 610 1.26 -3.44 24.20
N ASN B 611 -0.01 -3.78 24.43
CA ASN B 611 -0.59 -5.02 23.93
C ASN B 611 -1.46 -4.80 22.70
N LEU B 612 -1.13 -3.78 21.89
CA LEU B 612 -1.93 -3.46 20.72
C LEU B 612 -1.79 -4.48 19.61
N HIS B 613 -0.77 -5.33 19.67
CA HIS B 613 -0.48 -6.29 18.60
C HIS B 613 -0.96 -7.69 18.89
N ILE B 614 -1.62 -7.93 20.01
CA ILE B 614 -2.10 -9.26 20.38
C ILE B 614 -3.60 -9.33 20.10
N PRO B 615 -4.09 -10.36 19.42
CA PRO B 615 -5.53 -10.48 19.19
C PRO B 615 -6.31 -10.58 20.50
N GLU B 616 -7.57 -10.16 20.44
CA GLU B 616 -8.36 -10.02 21.67
C GLU B 616 -8.56 -11.36 22.37
N ILE B 617 -8.86 -12.42 21.62
CA ILE B 617 -9.12 -13.71 22.26
C ILE B 617 -7.86 -14.24 22.93
N VAL B 618 -6.72 -14.12 22.27
CA VAL B 618 -5.46 -14.54 22.87
C VAL B 618 -5.16 -13.69 24.10
N LEU B 619 -5.46 -12.40 24.03
CA LEU B 619 -5.14 -11.50 25.12
C LEU B 619 -5.95 -11.80 26.37
N LYS B 620 -7.18 -12.28 26.23
CA LYS B 620 -8.06 -12.55 27.36
C LYS B 620 -8.20 -14.04 27.66
N TYR B 621 -7.33 -14.87 27.08
CA TYR B 621 -7.51 -16.32 27.16
C TYR B 621 -7.37 -16.81 28.60
N ASN B 622 -6.42 -16.26 29.35
CA ASN B 622 -6.18 -16.74 30.71
C ASN B 622 -7.23 -16.26 31.69
N LEU B 623 -7.83 -15.09 31.44
CA LEU B 623 -8.86 -14.55 32.31
C LEU B 623 -10.25 -15.08 32.00
N MET B 624 -10.35 -15.97 31.02
CA MET B 624 -11.64 -16.41 30.51
C MET B 624 -12.21 -17.53 31.38
N ASP B 625 -13.53 -17.50 31.56
CA ASP B 625 -14.19 -18.61 32.25
C ASP B 625 -14.15 -19.86 31.38
N PRO B 626 -13.95 -21.03 31.98
CA PRO B 626 -13.91 -22.26 31.16
C PRO B 626 -15.19 -22.52 30.38
N GLU B 627 -16.35 -22.25 30.98
CA GLU B 627 -17.60 -22.45 30.26
C GLU B 627 -17.76 -21.46 29.13
N TYR B 628 -17.46 -20.18 29.40
CA TYR B 628 -17.51 -19.18 28.35
C TYR B 628 -16.47 -19.45 27.29
N LYS B 629 -15.27 -19.88 27.69
CA LYS B 629 -14.23 -20.22 26.72
C LYS B 629 -14.68 -21.35 25.82
N GLY B 630 -15.32 -22.38 26.40
CA GLY B 630 -15.79 -23.49 25.59
C GLY B 630 -16.91 -23.11 24.65
N ARG B 631 -17.83 -22.27 25.11
CA ARG B 631 -18.91 -21.81 24.23
C ARG B 631 -18.38 -20.93 23.11
N LEU B 632 -17.47 -20.01 23.44
CA LEU B 632 -16.95 -19.07 22.44
C LEU B 632 -16.13 -19.80 21.38
N LEU B 633 -15.17 -20.61 21.81
CA LEU B 633 -14.31 -21.35 20.89
C LEU B 633 -14.84 -22.76 20.64
N HIS B 634 -16.10 -22.87 20.27
CA HIS B 634 -16.67 -24.18 19.98
C HIS B 634 -16.31 -24.58 18.56
N PRO B 635 -15.67 -25.73 18.35
CA PRO B 635 -15.24 -26.11 16.99
C PRO B 635 -16.37 -26.27 16.00
N GLN B 636 -17.60 -26.46 16.47
CA GLN B 636 -18.73 -26.74 15.59
C GLN B 636 -19.81 -25.66 15.68
N ASN B 637 -19.45 -24.45 16.09
CA ASN B 637 -20.45 -23.40 16.18
C ASN B 637 -20.99 -23.05 14.80
N PRO B 638 -22.28 -22.81 14.67
CA PRO B 638 -22.89 -22.63 13.35
C PRO B 638 -22.76 -21.24 12.75
N PHE B 639 -22.01 -20.33 13.37
CA PHE B 639 -21.87 -18.99 12.84
C PHE B 639 -20.68 -18.84 11.92
N VAL B 640 -19.84 -19.86 11.79
CA VAL B 640 -18.69 -19.85 10.91
C VAL B 640 -18.87 -20.98 9.91
N GLY B 641 -18.70 -20.68 8.62
CA GLY B 641 -18.84 -21.69 7.60
C GLY B 641 -17.84 -22.81 7.75
N HIS B 642 -18.33 -24.04 7.87
CA HIS B 642 -17.49 -25.21 8.04
C HIS B 642 -17.32 -25.90 6.69
N LEU B 643 -16.07 -26.12 6.29
CA LEU B 643 -15.80 -26.74 5.01
C LEU B 643 -16.23 -28.20 5.03
N SER B 644 -16.99 -28.62 4.03
CA SER B 644 -17.48 -29.98 3.97
C SER B 644 -17.81 -30.32 2.52
N ILE B 645 -17.97 -31.61 2.25
CA ILE B 645 -18.29 -32.08 0.91
C ILE B 645 -19.71 -31.66 0.53
N MET B 663 -18.56 -35.18 6.96
CA MET B 663 -17.33 -35.01 7.71
C MET B 663 -17.01 -33.53 7.88
N ASP B 664 -17.44 -32.96 9.01
CA ASP B 664 -17.24 -31.56 9.31
C ASP B 664 -15.89 -31.35 10.00
N TYR B 665 -15.17 -30.32 9.58
CA TYR B 665 -13.91 -29.96 10.21
C TYR B 665 -14.13 -28.99 11.36
N ASP B 666 -13.06 -28.72 12.10
CA ASP B 666 -13.12 -27.87 13.27
C ASP B 666 -12.67 -26.46 12.89
N ALA B 667 -13.52 -25.47 13.13
CA ALA B 667 -13.16 -24.09 12.93
C ALA B 667 -12.64 -23.51 14.24
N VAL B 668 -11.40 -23.03 14.22
CA VAL B 668 -10.76 -22.62 15.46
C VAL B 668 -11.12 -21.21 15.88
N SER B 669 -11.43 -20.33 14.92
CA SER B 669 -11.89 -19.00 15.27
C SER B 669 -13.25 -19.07 15.95
N GLY B 670 -13.51 -18.11 16.84
CA GLY B 670 -14.68 -18.18 17.69
C GLY B 670 -16.01 -17.96 16.99
N THR B 671 -17.04 -17.67 17.76
CA THR B 671 -18.37 -17.43 17.22
C THR B 671 -18.56 -16.01 16.72
N HIS B 672 -17.57 -15.14 16.89
CA HIS B 672 -17.64 -13.76 16.41
C HIS B 672 -17.06 -13.60 15.02
N SER B 673 -16.67 -14.68 14.37
CA SER B 673 -16.17 -14.63 13.00
C SER B 673 -17.27 -14.90 12.00
N TRP B 674 -18.48 -14.45 12.31
CA TRP B 674 -19.64 -14.74 11.49
C TRP B 674 -19.55 -14.03 10.14
N ARG B 675 -20.45 -14.43 9.25
CA ARG B 675 -20.50 -13.90 7.89
C ARG B 675 -21.89 -13.34 7.63
N THR B 676 -21.94 -12.07 7.21
CA THR B 676 -23.19 -11.49 6.72
C THR B 676 -23.32 -11.87 5.26
N LYS B 677 -24.01 -12.98 5.00
CA LYS B 677 -24.14 -13.46 3.64
C LYS B 677 -24.86 -12.43 2.79
N ARG B 678 -24.13 -11.84 1.85
CA ARG B 678 -24.63 -10.73 1.06
C ARG B 678 -25.59 -11.27 0.01
N ASN B 679 -26.88 -11.28 0.37
CA ASN B 679 -27.94 -11.63 -0.57
C ASN B 679 -28.43 -10.34 -1.21
N ARG B 680 -27.73 -9.93 -2.27
CA ARG B 680 -28.03 -8.68 -2.96
C ARG B 680 -29.34 -8.85 -3.72
N SER B 681 -30.44 -8.36 -3.13
CA SER B 681 -31.75 -8.40 -3.77
C SER B 681 -32.03 -7.01 -4.32
N ILE B 682 -31.52 -6.75 -5.52
CA ILE B 682 -31.80 -5.50 -6.20
C ILE B 682 -33.28 -5.46 -6.56
N LEU B 683 -33.92 -4.33 -6.27
CA LEU B 683 -35.38 -4.25 -6.26
C LEU B 683 -35.96 -4.51 -7.65
N ASN B 684 -37.13 -5.14 -7.66
CA ASN B 684 -37.96 -5.38 -8.84
C ASN B 684 -37.33 -6.34 -9.84
N THR B 685 -36.25 -7.02 -9.48
CA THR B 685 -35.58 -7.96 -10.38
C THR B 685 -35.41 -9.29 -9.67
N ASP B 686 -36.01 -10.34 -10.22
CA ASP B 686 -35.94 -11.69 -9.66
C ASP B 686 -34.99 -12.51 -10.52
N GLN B 687 -33.79 -12.74 -10.02
CA GLN B 687 -32.77 -13.51 -10.75
C GLN B 687 -32.91 -14.98 -10.39
N ARG B 688 -33.40 -15.78 -11.34
CA ARG B 688 -33.54 -17.21 -11.14
C ARG B 688 -32.64 -18.05 -12.04
N ASN B 689 -32.13 -17.48 -13.13
CA ASN B 689 -31.26 -18.21 -14.05
C ASN B 689 -29.79 -17.88 -13.89
N MET B 690 -29.45 -16.63 -13.55
CA MET B 690 -28.08 -16.33 -13.17
C MET B 690 -27.68 -17.13 -11.93
N ILE B 691 -28.61 -17.22 -10.97
CA ILE B 691 -28.39 -18.01 -9.76
C ILE B 691 -28.15 -19.47 -10.12
N LEU B 692 -28.85 -19.98 -11.13
CA LEU B 692 -28.69 -21.37 -11.51
C LEU B 692 -27.26 -21.66 -12.00
N GLU B 693 -26.77 -20.83 -12.92
CA GLU B 693 -25.42 -21.03 -13.43
C GLU B 693 -24.38 -20.84 -12.33
N GLU B 694 -24.57 -19.83 -11.48
CA GLU B 694 -23.63 -19.62 -10.38
C GLU B 694 -23.61 -20.80 -9.42
N GLN B 695 -24.78 -21.36 -9.11
CA GLN B 695 -24.84 -22.50 -8.21
C GLN B 695 -24.24 -23.74 -8.85
N CYS B 696 -24.40 -23.91 -10.16
CA CYS B 696 -23.76 -25.03 -10.84
C CYS B 696 -22.24 -24.93 -10.73
N TYR B 697 -21.70 -23.73 -10.99
CA TYR B 697 -20.26 -23.53 -10.84
C TYR B 697 -19.83 -23.79 -9.40
N ALA B 698 -20.60 -23.31 -8.43
CA ALA B 698 -20.24 -23.47 -7.04
C ALA B 698 -20.21 -24.93 -6.61
N LYS B 699 -21.22 -25.70 -7.05
CA LYS B 699 -21.24 -27.13 -6.73
C LYS B 699 -20.07 -27.86 -7.36
N CYS B 700 -19.77 -27.55 -8.63
CA CYS B 700 -18.64 -28.21 -9.27
C CYS B 700 -17.33 -27.89 -8.56
N CYS B 701 -17.14 -26.63 -8.17
CA CYS B 701 -15.91 -26.25 -7.50
C CYS B 701 -15.82 -26.85 -6.10
N ASN B 702 -16.95 -26.95 -5.40
CA ASN B 702 -16.93 -27.57 -4.07
C ASN B 702 -16.60 -29.05 -4.16
N LEU B 703 -17.15 -29.75 -5.15
CA LEU B 703 -16.79 -31.15 -5.34
C LEU B 703 -15.31 -31.30 -5.70
N PHE B 704 -14.80 -30.39 -6.55
CA PHE B 704 -13.39 -30.43 -6.90
C PHE B 704 -12.50 -30.23 -5.69
N GLU B 705 -12.87 -29.29 -4.81
CA GLU B 705 -12.13 -29.10 -3.57
C GLU B 705 -12.22 -30.33 -2.68
N ALA B 706 -13.38 -30.98 -2.64
CA ALA B 706 -13.50 -32.21 -1.87
C ALA B 706 -12.55 -33.28 -2.38
N CYS B 707 -12.44 -33.43 -3.69
CA CYS B 707 -11.49 -34.39 -4.24
C CYS B 707 -10.06 -33.93 -4.05
N PHE B 708 -9.77 -32.68 -4.37
CA PHE B 708 -8.42 -32.13 -4.31
C PHE B 708 -8.38 -31.13 -3.16
N ASN B 709 -8.02 -31.62 -1.96
CA ASN B 709 -8.08 -30.80 -0.77
C ASN B 709 -7.08 -29.65 -0.79
N SER B 710 -6.08 -29.71 -1.65
CA SER B 710 -5.06 -28.67 -1.73
C SER B 710 -5.41 -27.57 -2.71
N ALA B 711 -6.52 -27.69 -3.43
CA ALA B 711 -6.83 -26.73 -4.49
C ALA B 711 -7.07 -25.34 -3.93
N SER B 712 -7.50 -25.24 -2.68
CA SER B 712 -7.77 -23.94 -2.06
C SER B 712 -6.50 -23.26 -1.56
N TYR B 713 -5.40 -24.00 -1.41
CA TYR B 713 -4.14 -23.44 -0.96
C TYR B 713 -3.21 -23.13 -2.13
N ARG B 714 -3.04 -24.08 -3.04
CA ARG B 714 -2.25 -23.88 -4.25
C ARG B 714 -3.16 -24.01 -5.46
N LYS B 715 -3.05 -23.07 -6.37
CA LYS B 715 -3.88 -23.11 -7.56
C LYS B 715 -3.53 -24.34 -8.38
N PRO B 716 -4.49 -25.23 -8.65
CA PRO B 716 -4.17 -26.41 -9.45
C PRO B 716 -3.79 -26.03 -10.87
N VAL B 717 -2.97 -26.88 -11.48
CA VAL B 717 -2.49 -26.68 -12.83
C VAL B 717 -2.82 -27.93 -13.63
N GLY B 718 -2.95 -27.76 -14.93
CA GLY B 718 -3.23 -28.88 -15.83
C GLY B 718 -4.15 -28.43 -16.94
N GLN B 719 -3.93 -29.02 -18.12
CA GLN B 719 -4.71 -28.69 -19.30
C GLN B 719 -5.83 -29.69 -19.56
N HIS B 720 -6.00 -30.68 -18.70
CA HIS B 720 -7.05 -31.68 -18.87
C HIS B 720 -8.32 -31.26 -18.15
N SER B 721 -9.41 -31.96 -18.46
CA SER B 721 -10.71 -31.64 -17.91
C SER B 721 -10.74 -31.85 -16.40
N MET B 722 -11.59 -31.09 -15.72
CA MET B 722 -11.77 -31.30 -14.29
C MET B 722 -12.38 -32.66 -14.00
N LEU B 723 -13.26 -33.14 -14.90
CA LEU B 723 -13.90 -34.43 -14.69
C LEU B 723 -12.88 -35.56 -14.68
N GLU B 724 -11.93 -35.55 -15.63
CA GLU B 724 -10.93 -36.60 -15.68
C GLU B 724 -9.97 -36.52 -14.48
N ALA B 725 -9.59 -35.31 -14.08
CA ALA B 725 -8.74 -35.17 -12.90
C ALA B 725 -9.43 -35.74 -11.67
N MET B 726 -10.69 -35.36 -11.46
CA MET B 726 -11.43 -35.87 -10.31
C MET B 726 -11.63 -37.37 -10.40
N ALA B 727 -11.89 -37.88 -11.60
CA ALA B 727 -12.10 -39.32 -11.76
C ALA B 727 -10.85 -40.10 -11.41
N HIS B 728 -9.68 -39.65 -11.89
CA HIS B 728 -8.45 -40.34 -11.57
C HIS B 728 -8.11 -40.23 -10.09
N ARG B 729 -8.34 -39.06 -9.49
CA ARG B 729 -8.08 -38.92 -8.06
C ARG B 729 -8.98 -39.85 -7.25
N LEU B 730 -10.26 -39.93 -7.61
CA LEU B 730 -11.18 -40.81 -6.91
C LEU B 730 -10.79 -42.27 -7.10
N ARG B 731 -10.39 -42.65 -8.32
CA ARG B 731 -10.00 -44.03 -8.57
C ARG B 731 -8.77 -44.42 -7.74
N MET B 732 -7.78 -43.53 -7.69
CA MET B 732 -6.61 -43.81 -6.86
C MET B 732 -6.98 -43.90 -5.39
N ASP B 733 -7.84 -43.00 -4.91
CA ASP B 733 -8.23 -43.03 -3.51
C ASP B 733 -8.95 -44.33 -3.17
N ALA B 734 -9.86 -44.77 -4.06
CA ALA B 734 -10.58 -46.02 -3.83
C ALA B 734 -9.62 -47.20 -3.83
N ARG B 735 -8.68 -47.23 -4.77
CA ARG B 735 -7.71 -48.32 -4.81
C ARG B 735 -6.88 -48.37 -3.53
N LEU B 736 -6.40 -47.21 -3.08
CA LEU B 736 -5.52 -47.17 -1.92
C LEU B 736 -6.26 -47.50 -0.63
N ASP B 737 -7.49 -47.01 -0.46
CA ASP B 737 -8.23 -47.31 0.76
C ASP B 737 -8.91 -48.66 0.71
N TYR B 738 -8.92 -49.33 -0.45
CA TYR B 738 -9.28 -50.74 -0.46
C TYR B 738 -8.06 -51.60 -0.12
N GLU B 739 -6.88 -51.21 -0.58
CA GLU B 739 -5.68 -51.97 -0.28
C GLU B 739 -5.22 -51.81 1.16
N SER B 740 -5.67 -50.74 1.83
CA SER B 740 -5.36 -50.54 3.24
C SER B 740 -6.43 -51.09 4.17
N GLY B 741 -7.51 -51.64 3.62
CA GLY B 741 -8.55 -52.21 4.45
C GLY B 741 -9.53 -51.21 5.01
N ARG B 742 -9.71 -50.06 4.36
CA ARG B 742 -10.69 -49.09 4.81
C ARG B 742 -12.08 -49.31 4.21
N MET B 743 -12.18 -50.03 3.10
CA MET B 743 -13.48 -50.33 2.50
C MET B 743 -13.53 -51.81 2.16
N SER B 744 -14.77 -52.32 2.10
CA SER B 744 -15.00 -53.75 1.90
C SER B 744 -14.88 -54.08 0.41
N LYS B 745 -15.23 -55.32 0.06
CA LYS B 745 -15.25 -55.71 -1.34
C LYS B 745 -16.47 -55.14 -2.06
N ASP B 746 -17.62 -55.12 -1.39
CA ASP B 746 -18.87 -54.76 -2.05
C ASP B 746 -18.91 -53.29 -2.43
N ASP B 747 -18.57 -52.41 -1.48
CA ASP B 747 -18.57 -50.99 -1.79
C ASP B 747 -17.46 -50.62 -2.77
N PHE B 748 -16.32 -51.33 -2.72
CA PHE B 748 -15.29 -51.11 -3.73
C PHE B 748 -15.78 -51.52 -5.12
N GLU B 749 -16.51 -52.63 -5.20
CA GLU B 749 -17.09 -53.02 -6.48
C GLU B 749 -18.06 -51.96 -6.98
N LYS B 750 -18.91 -51.43 -6.09
CA LYS B 750 -19.84 -50.37 -6.49
C LYS B 750 -19.09 -49.13 -6.94
N ALA B 751 -18.03 -48.74 -6.22
CA ALA B 751 -17.27 -47.54 -6.56
C ALA B 751 -16.57 -47.69 -7.92
N MET B 752 -15.95 -48.84 -8.16
CA MET B 752 -15.31 -49.06 -9.45
C MET B 752 -16.34 -49.14 -10.57
N ALA B 753 -17.51 -49.70 -10.29
CA ALA B 753 -18.56 -49.72 -11.30
C ALA B 753 -19.01 -48.31 -11.66
N HIS B 754 -19.19 -47.45 -10.66
CA HIS B 754 -19.57 -46.07 -10.94
C HIS B 754 -18.47 -45.32 -11.68
N LEU B 755 -17.22 -45.54 -11.30
CA LEU B 755 -16.11 -44.88 -11.99
C LEU B 755 -16.02 -45.33 -13.44
N GLY B 756 -16.25 -46.61 -13.70
CA GLY B 756 -16.27 -47.08 -15.08
C GLY B 756 -17.47 -46.58 -15.85
N GLU B 757 -18.59 -46.33 -15.16
CA GLU B 757 -19.79 -45.83 -15.83
C GLU B 757 -19.58 -44.42 -16.35
N ILE B 758 -18.63 -43.68 -15.78
CA ILE B 758 -18.29 -42.35 -16.25
C ILE B 758 -17.51 -42.45 -17.56
N MET C 10 -13.71 -40.54 2.55
CA MET C 10 -15.09 -40.66 2.08
C MET C 10 -15.11 -40.82 0.57
N THR C 11 -14.32 -41.77 0.08
CA THR C 11 -14.21 -41.97 -1.36
C THR C 11 -15.54 -42.39 -1.97
N LEU C 12 -16.24 -43.32 -1.31
CA LEU C 12 -17.51 -43.81 -1.85
C LEU C 12 -18.55 -42.70 -1.90
N ALA C 13 -18.61 -41.87 -0.85
CA ALA C 13 -19.54 -40.75 -0.84
C ALA C 13 -19.21 -39.76 -1.94
N LYS C 14 -17.92 -39.50 -2.18
CA LYS C 14 -17.54 -38.56 -3.23
C LYS C 14 -17.89 -39.11 -4.61
N ILE C 15 -17.71 -40.42 -4.83
CA ILE C 15 -18.09 -41.01 -6.11
C ILE C 15 -19.59 -40.93 -6.30
N GLU C 16 -20.37 -41.17 -5.23
CA GLU C 16 -21.82 -41.01 -5.33
C GLU C 16 -22.19 -39.57 -5.65
N LEU C 17 -21.50 -38.61 -5.02
CA LEU C 17 -21.76 -37.20 -5.29
C LEU C 17 -21.46 -36.86 -6.75
N LEU C 18 -20.36 -37.39 -7.29
CA LEU C 18 -20.03 -37.13 -8.68
C LEU C 18 -21.07 -37.73 -9.62
N LYS C 19 -21.54 -38.94 -9.31
CA LYS C 19 -22.59 -39.53 -10.14
C LYS C 19 -23.87 -38.71 -10.09
N GLN C 20 -24.24 -38.21 -8.91
CA GLN C 20 -25.42 -37.36 -8.81
C GLN C 20 -25.23 -36.06 -9.58
N LEU C 21 -24.04 -35.47 -9.49
CA LEU C 21 -23.78 -34.20 -10.17
C LEU C 21 -23.79 -34.36 -11.68
N LEU C 22 -23.32 -35.49 -12.20
CA LEU C 22 -23.27 -35.72 -13.64
C LEU C 22 -24.62 -36.10 -14.22
N ARG C 23 -25.71 -35.85 -13.49
CA ARG C 23 -27.06 -36.11 -13.99
C ARG C 23 -27.68 -34.90 -14.66
N ASP C 24 -26.98 -33.77 -14.70
CA ASP C 24 -27.47 -32.56 -15.33
C ASP C 24 -26.59 -32.20 -16.52
N ASN C 25 -27.21 -31.74 -17.61
CA ASN C 25 -26.46 -31.37 -18.79
C ASN C 25 -25.53 -30.19 -18.55
N GLU C 26 -25.86 -29.32 -17.59
CA GLU C 26 -25.03 -28.16 -17.30
C GLU C 26 -23.82 -28.51 -16.45
N ALA C 27 -24.02 -29.30 -15.39
CA ALA C 27 -22.89 -29.73 -14.58
C ALA C 27 -21.93 -30.60 -15.39
N LYS C 28 -22.48 -31.50 -16.22
CA LYS C 28 -21.63 -32.31 -17.07
C LYS C 28 -20.82 -31.45 -18.03
N THR C 29 -21.47 -30.45 -18.63
CA THR C 29 -20.77 -29.55 -19.54
C THR C 29 -19.67 -28.77 -18.83
N VAL C 30 -19.96 -28.28 -17.62
CA VAL C 30 -18.97 -27.53 -16.87
C VAL C 30 -17.78 -28.42 -16.52
N LEU C 31 -18.04 -29.65 -16.07
CA LEU C 31 -16.94 -30.52 -15.65
C LEU C 31 -16.12 -30.99 -16.85
N LYS C 32 -16.76 -31.24 -17.99
CA LYS C 32 -16.04 -31.72 -19.17
C LYS C 32 -15.27 -30.62 -19.88
N GLN C 33 -15.81 -29.40 -19.94
CA GLN C 33 -15.19 -28.35 -20.74
C GLN C 33 -14.15 -27.56 -19.96
N THR C 34 -14.38 -27.32 -18.68
CA THR C 34 -13.46 -26.52 -17.88
C THR C 34 -12.21 -27.35 -17.57
N THR C 35 -11.03 -26.82 -17.90
CA THR C 35 -9.81 -27.49 -17.54
C THR C 35 -9.46 -27.19 -16.08
N VAL C 36 -8.45 -27.90 -15.58
CA VAL C 36 -8.04 -27.72 -14.19
C VAL C 36 -7.50 -26.32 -13.95
N ASP C 37 -6.85 -25.73 -14.96
CA ASP C 37 -6.43 -24.34 -14.84
C ASP C 37 -7.64 -23.41 -14.73
N GLN C 38 -8.71 -23.68 -15.48
CA GLN C 38 -9.89 -22.84 -15.48
C GLN C 38 -10.73 -23.00 -14.22
N TYR C 39 -10.39 -23.94 -13.34
CA TYR C 39 -11.02 -23.98 -12.03
C TYR C 39 -10.75 -22.70 -11.27
N ASN C 40 -9.53 -22.17 -11.36
CA ASN C 40 -9.19 -20.93 -10.71
C ASN C 40 -9.99 -19.75 -11.24
N ILE C 41 -10.57 -19.89 -12.42
CA ILE C 41 -11.49 -18.89 -12.94
C ILE C 41 -12.90 -19.13 -12.43
N ILE C 42 -13.42 -20.34 -12.61
CA ILE C 42 -14.83 -20.58 -12.32
C ILE C 42 -15.12 -20.61 -10.82
N ARG C 43 -14.10 -20.74 -9.97
CA ARG C 43 -14.36 -20.65 -8.53
C ARG C 43 -14.65 -19.22 -8.07
N LYS C 44 -14.22 -18.22 -8.84
CA LYS C 44 -14.50 -16.83 -8.53
C LYS C 44 -15.74 -16.32 -9.25
N PHE C 45 -16.44 -17.19 -9.99
CA PHE C 45 -17.59 -16.77 -10.77
C PHE C 45 -18.66 -16.17 -9.86
N ASN C 46 -19.11 -14.97 -10.20
CA ASN C 46 -20.09 -14.27 -9.38
C ASN C 46 -20.76 -13.21 -10.24
N THR C 47 -22.06 -13.38 -10.50
CA THR C 47 -22.77 -12.44 -11.36
C THR C 47 -23.04 -11.10 -10.68
N SER C 48 -22.78 -10.99 -9.39
CA SER C 48 -23.07 -9.79 -8.62
C SER C 48 -21.78 -9.11 -8.19
N ARG C 49 -21.78 -7.79 -8.18
CA ARG C 49 -20.65 -7.01 -7.72
C ARG C 49 -20.61 -7.00 -6.20
N ILE C 50 -19.39 -7.08 -5.64
CA ILE C 50 -19.24 -6.97 -4.19
C ILE C 50 -19.58 -5.56 -3.76
N GLU C 51 -20.33 -5.46 -2.66
CA GLU C 51 -20.81 -4.16 -2.20
C GLU C 51 -19.64 -3.30 -1.75
N LYS C 52 -19.59 -2.07 -2.24
CA LYS C 52 -18.57 -1.13 -1.82
C LYS C 52 -18.96 -0.51 -0.49
N ASN C 53 -17.97 0.12 0.16
CA ASN C 53 -18.12 0.76 1.46
C ASN C 53 -18.69 -0.23 2.47
N PRO C 54 -17.89 -1.21 2.91
CA PRO C 54 -18.43 -2.23 3.84
C PRO C 54 -18.66 -1.71 5.24
N SER C 55 -18.02 -0.62 5.65
CA SER C 55 -18.30 -0.06 6.97
C SER C 55 -19.72 0.50 7.04
N LEU C 56 -20.13 1.23 6.00
CA LEU C 56 -21.51 1.69 5.93
C LEU C 56 -22.48 0.51 5.83
N ARG C 57 -22.14 -0.50 5.03
CA ARG C 57 -22.99 -1.67 4.91
C ARG C 57 -23.15 -2.38 6.25
N MET C 58 -22.08 -2.45 7.03
CA MET C 58 -22.15 -3.10 8.33
C MET C 58 -22.97 -2.27 9.32
N LYS C 59 -22.75 -0.96 9.36
CA LYS C 59 -23.58 -0.12 10.23
C LYS C 59 -25.05 -0.22 9.85
N TRP C 60 -25.35 -0.36 8.56
CA TRP C 60 -26.73 -0.52 8.13
C TRP C 60 -27.29 -1.89 8.50
N ALA C 61 -26.49 -2.94 8.33
CA ALA C 61 -26.98 -4.30 8.55
C ALA C 61 -27.12 -4.65 10.02
N MET C 62 -26.30 -4.05 10.88
CA MET C 62 -26.41 -4.35 12.31
C MET C 62 -27.72 -3.86 12.90
N CYS C 63 -28.43 -2.99 12.19
CA CYS C 63 -29.73 -2.50 12.59
C CYS C 63 -30.87 -3.32 11.99
N SER C 64 -30.55 -4.38 11.27
CA SER C 64 -31.54 -5.26 10.67
C SER C 64 -31.91 -6.38 11.64
N ASN C 65 -32.85 -7.23 11.20
CA ASN C 65 -33.33 -8.30 12.06
C ASN C 65 -32.37 -9.49 12.06
N PHE C 66 -32.08 -10.04 10.89
CA PHE C 66 -31.28 -11.26 10.75
C PHE C 66 -30.15 -11.01 9.76
N PRO C 67 -29.11 -10.28 10.16
CA PRO C 67 -28.01 -10.00 9.23
C PRO C 67 -27.01 -11.14 9.07
N LEU C 68 -27.02 -12.15 9.94
CA LEU C 68 -26.01 -13.18 9.96
C LEU C 68 -26.56 -14.48 9.38
N ALA C 69 -25.73 -15.21 8.67
CA ALA C 69 -26.11 -16.48 8.07
C ALA C 69 -25.68 -17.63 8.96
N LEU C 70 -26.58 -18.58 9.17
CA LEU C 70 -26.30 -19.78 9.96
C LEU C 70 -26.04 -20.96 9.02
N THR C 71 -25.05 -21.77 9.36
CA THR C 71 -24.85 -23.02 8.65
C THR C 71 -25.85 -24.05 9.15
N LYS C 72 -26.56 -24.69 8.23
CA LYS C 72 -27.54 -25.69 8.60
C LYS C 72 -26.85 -26.90 9.20
N GLY C 73 -27.42 -27.44 10.27
CA GLY C 73 -26.85 -28.59 10.94
C GLY C 73 -27.53 -28.83 12.26
N ASP C 74 -26.90 -29.70 13.06
CA ASP C 74 -27.43 -30.00 14.39
C ASP C 74 -27.13 -28.87 15.37
N MET C 75 -25.99 -28.21 15.23
CA MET C 75 -25.64 -27.14 16.15
C MET C 75 -26.52 -25.91 15.94
N ALA C 76 -26.95 -25.66 14.71
CA ALA C 76 -27.88 -24.55 14.49
C ALA C 76 -29.23 -24.83 15.13
N ASN C 77 -29.69 -26.08 15.12
CA ASN C 77 -30.99 -26.41 15.67
C ASN C 77 -31.06 -26.19 17.17
N ARG C 78 -29.93 -26.20 17.87
CA ARG C 78 -29.93 -25.97 19.30
C ARG C 78 -30.27 -24.53 19.66
N ILE C 79 -30.21 -23.61 18.70
CA ILE C 79 -30.60 -22.22 18.92
C ILE C 79 -32.11 -22.13 18.89
N PRO C 80 -32.76 -21.63 19.94
CA PRO C 80 -34.22 -21.50 19.92
C PRO C 80 -34.66 -20.39 18.98
N LEU C 81 -35.83 -20.59 18.37
CA LEU C 81 -36.39 -19.56 17.50
C LEU C 81 -36.70 -18.28 18.25
N GLU C 82 -36.98 -18.39 19.56
CA GLU C 82 -37.30 -17.23 20.36
C GLU C 82 -36.63 -17.39 21.71
N TYR C 83 -36.26 -16.27 22.32
CA TYR C 83 -35.68 -16.29 23.67
C TYR C 83 -36.11 -15.01 24.36
N LYS C 84 -37.06 -15.13 25.30
CA LYS C 84 -37.53 -14.00 26.09
C LYS C 84 -38.05 -12.87 25.22
N GLY C 85 -38.79 -13.23 24.17
CA GLY C 85 -39.36 -12.24 23.29
C GLY C 85 -38.39 -11.62 22.32
N ILE C 86 -37.21 -12.21 22.14
CA ILE C 86 -36.24 -11.77 21.16
C ILE C 86 -36.08 -12.90 20.15
N GLN C 87 -36.51 -12.65 18.92
CA GLN C 87 -36.36 -13.67 17.89
C GLN C 87 -34.90 -13.80 17.50
N LEU C 88 -34.39 -15.04 17.54
CA LEU C 88 -32.98 -15.28 17.29
C LEU C 88 -32.69 -15.67 15.86
N LYS C 89 -33.65 -16.26 15.15
CA LYS C 89 -33.42 -16.71 13.79
C LYS C 89 -34.75 -16.77 13.06
N THR C 90 -34.66 -16.90 11.75
CA THR C 90 -35.86 -17.01 10.93
C THR C 90 -36.59 -18.31 11.25
N ASN C 91 -37.92 -18.28 11.07
CA ASN C 91 -38.75 -19.43 11.38
C ASN C 91 -38.52 -20.52 10.33
N ALA C 92 -39.27 -21.61 10.44
CA ALA C 92 -39.06 -22.80 9.60
C ALA C 92 -39.52 -22.61 8.14
N GLU C 93 -39.82 -21.38 7.69
CA GLU C 93 -40.26 -21.19 6.32
C GLU C 93 -39.09 -21.29 5.34
N ASP C 94 -37.89 -20.93 5.78
CA ASP C 94 -36.72 -20.83 4.90
C ASP C 94 -35.64 -21.84 5.27
N ILE C 95 -36.04 -23.03 5.70
CA ILE C 95 -35.07 -24.08 5.99
C ILE C 95 -34.41 -24.57 4.70
N GLY C 96 -35.18 -24.67 3.62
CA GLY C 96 -34.65 -25.08 2.35
C GLY C 96 -34.91 -24.04 1.28
N THR C 97 -34.06 -24.09 0.24
CA THR C 97 -34.19 -23.29 -0.98
C THR C 97 -34.07 -21.79 -0.72
N LYS C 98 -33.87 -21.39 0.52
CA LYS C 98 -33.76 -19.97 0.84
C LYS C 98 -32.52 -19.62 1.65
N GLY C 99 -32.10 -20.49 2.56
CA GLY C 99 -30.98 -20.17 3.43
C GLY C 99 -31.41 -19.50 4.72
N GLN C 100 -31.06 -20.10 5.85
CA GLN C 100 -31.48 -19.59 7.14
C GLN C 100 -30.56 -18.46 7.59
N MET C 101 -31.13 -17.53 8.36
CA MET C 101 -30.40 -16.39 8.89
C MET C 101 -30.71 -16.23 10.37
N CYS C 102 -29.92 -15.38 11.04
CA CYS C 102 -30.05 -15.21 12.48
C CYS C 102 -29.62 -13.80 12.86
N SER C 103 -29.90 -13.44 14.10
CA SER C 103 -29.52 -12.15 14.66
C SER C 103 -28.23 -12.27 15.46
N ILE C 104 -27.67 -11.12 15.84
CA ILE C 104 -26.47 -11.11 16.67
C ILE C 104 -26.81 -11.53 18.09
N ALA C 105 -28.05 -11.29 18.52
CA ALA C 105 -28.49 -11.84 19.80
C ALA C 105 -28.37 -13.35 19.81
N ALA C 106 -28.44 -14.00 18.65
CA ALA C 106 -28.21 -15.44 18.58
C ALA C 106 -26.77 -15.79 18.93
N VAL C 107 -25.81 -15.00 18.43
CA VAL C 107 -24.41 -15.23 18.79
C VAL C 107 -24.20 -15.03 20.29
N THR C 108 -24.79 -13.98 20.85
CA THR C 108 -24.66 -13.75 22.28
C THR C 108 -25.31 -14.87 23.07
N TRP C 109 -26.45 -15.37 22.61
CA TRP C 109 -27.10 -16.50 23.27
C TRP C 109 -26.21 -17.73 23.22
N TRP C 110 -25.53 -17.97 22.09
CA TRP C 110 -24.63 -19.11 22.02
C TRP C 110 -23.48 -18.96 23.01
N ASN C 111 -22.92 -17.76 23.10
CA ASN C 111 -21.83 -17.56 24.07
C ASN C 111 -22.31 -17.67 25.50
N THR C 112 -23.60 -17.46 25.76
CA THR C 112 -24.10 -17.51 27.14
C THR C 112 -24.64 -18.88 27.53
N TYR C 113 -25.56 -19.43 26.74
CA TYR C 113 -26.22 -20.70 27.05
C TYR C 113 -26.00 -21.75 25.97
N GLY C 114 -24.97 -21.60 25.15
CA GLY C 114 -24.69 -22.58 24.12
C GLY C 114 -23.92 -23.76 24.65
N PRO C 115 -23.84 -24.81 23.84
CA PRO C 115 -23.09 -26.00 24.23
C PRO C 115 -21.60 -25.73 24.32
N ILE C 116 -20.94 -26.45 25.22
CA ILE C 116 -19.54 -26.21 25.54
C ILE C 116 -18.68 -27.27 24.86
N GLY C 117 -17.69 -26.83 24.10
CA GLY C 117 -16.78 -27.71 23.40
C GLY C 117 -15.34 -27.56 23.87
N ASP C 118 -14.46 -28.29 23.20
CA ASP C 118 -13.05 -28.32 23.55
C ASP C 118 -12.31 -27.17 22.87
N THR C 119 -11.62 -26.36 23.66
CA THR C 119 -10.82 -25.27 23.12
C THR C 119 -9.37 -25.70 22.91
N GLU C 120 -9.20 -26.85 22.28
CA GLU C 120 -7.89 -27.35 21.87
C GLU C 120 -7.87 -27.45 20.36
N GLY C 121 -6.83 -26.92 19.75
CA GLY C 121 -6.87 -26.68 18.33
C GLY C 121 -6.82 -25.20 18.07
N PHE C 122 -7.54 -24.43 18.90
CA PHE C 122 -7.34 -22.98 18.90
C PHE C 122 -5.97 -22.63 19.46
N GLU C 123 -5.50 -23.38 20.45
CA GLU C 123 -4.22 -23.10 21.06
C GLU C 123 -3.07 -23.43 20.12
N ARG C 124 -3.23 -24.44 19.26
CA ARG C 124 -2.16 -24.79 18.34
C ARG C 124 -2.18 -23.93 17.09
N VAL C 125 -3.37 -23.59 16.58
CA VAL C 125 -3.45 -22.78 15.37
C VAL C 125 -2.91 -21.38 15.63
N TYR C 126 -3.25 -20.79 16.78
CA TYR C 126 -2.82 -19.45 17.12
C TYR C 126 -1.65 -19.44 18.09
N GLU C 127 -0.78 -20.44 18.01
CA GLU C 127 0.35 -20.55 18.93
C GLU C 127 1.32 -19.39 18.75
N SER C 128 1.47 -18.88 17.54
CA SER C 128 2.37 -17.75 17.33
C SER C 128 1.93 -16.54 18.14
N PHE C 129 0.62 -16.29 18.20
CA PHE C 129 0.12 -15.17 18.98
C PHE C 129 0.33 -15.38 20.48
N PHE C 130 0.21 -16.62 20.94
CA PHE C 130 0.49 -16.91 22.34
C PHE C 130 1.96 -16.73 22.66
N LEU C 131 2.85 -17.06 21.73
CA LEU C 131 4.27 -16.78 21.94
C LEU C 131 4.52 -15.28 21.98
N ARG C 132 3.82 -14.52 21.14
CA ARG C 132 3.92 -13.06 21.18
C ARG C 132 3.46 -12.52 22.53
N LYS C 133 2.36 -13.05 23.04
CA LYS C 133 1.86 -12.64 24.36
C LYS C 133 2.83 -13.03 25.46
N MET C 134 3.46 -14.20 25.36
CA MET C 134 4.47 -14.61 26.33
C MET C 134 5.65 -13.65 26.32
N ARG C 135 6.12 -13.27 25.14
CA ARG C 135 7.22 -12.32 25.06
C ARG C 135 6.83 -10.98 25.67
N LEU C 136 5.59 -10.54 25.44
CA LEU C 136 5.15 -9.28 26.03
C LEU C 136 5.06 -9.37 27.56
N ASP C 137 4.49 -10.46 28.08
CA ASP C 137 4.25 -10.55 29.51
C ASP C 137 5.55 -10.72 30.30
N ASN C 138 6.45 -11.56 29.82
CA ASN C 138 7.74 -11.75 30.47
C ASN C 138 8.76 -10.73 30.00
N ALA C 139 8.38 -9.46 30.04
CA ALA C 139 9.22 -8.37 29.54
C ALA C 139 9.41 -7.32 30.62
N THR C 140 10.53 -6.63 30.56
CA THR C 140 10.88 -5.57 31.50
C THR C 140 10.93 -4.24 30.77
N TRP C 141 10.32 -3.23 31.37
CA TRP C 141 10.29 -1.88 30.81
C TRP C 141 11.25 -0.99 31.58
N GLY C 142 12.14 -0.33 30.86
CA GLY C 142 13.06 0.61 31.46
C GLY C 142 12.45 1.99 31.58
N ARG C 143 13.33 2.99 31.72
CA ARG C 143 12.85 4.35 31.85
C ARG C 143 12.54 4.94 30.48
N ILE C 144 11.91 6.12 30.48
CA ILE C 144 11.56 6.82 29.27
C ILE C 144 12.35 8.12 29.21
N THR C 145 12.92 8.40 28.04
CA THR C 145 13.78 9.54 27.82
C THR C 145 13.13 10.46 26.80
N PHE C 146 13.21 11.76 27.03
CA PHE C 146 12.69 12.75 26.10
C PHE C 146 13.87 13.46 25.45
N GLY C 147 13.92 13.41 24.12
CA GLY C 147 15.00 13.99 23.38
C GLY C 147 14.93 13.55 21.92
N PRO C 148 15.72 14.19 21.06
CA PRO C 148 15.63 13.90 19.63
C PRO C 148 15.98 12.45 19.32
N VAL C 149 15.17 11.84 18.46
CA VAL C 149 15.40 10.49 17.96
C VAL C 149 15.44 10.57 16.45
N GLU C 150 16.51 10.05 15.85
CA GLU C 150 16.68 10.06 14.40
C GLU C 150 16.39 8.65 13.90
N ARG C 151 15.27 8.49 13.19
CA ARG C 151 14.83 7.19 12.71
C ARG C 151 15.15 7.05 11.24
N VAL C 152 15.70 5.90 10.87
CA VAL C 152 15.98 5.57 9.47
C VAL C 152 14.99 4.52 9.03
N ARG C 153 14.57 4.59 7.78
CA ARG C 153 13.59 3.66 7.25
C ARG C 153 14.31 2.48 6.63
N LYS C 154 14.22 1.33 7.29
CA LYS C 154 14.91 0.12 6.88
C LYS C 154 13.90 -1.00 6.67
N ARG C 155 14.26 -1.95 5.83
CA ARG C 155 13.45 -3.15 5.67
C ARG C 155 13.78 -4.09 6.82
N VAL C 156 12.80 -4.37 7.67
CA VAL C 156 12.99 -5.13 8.89
C VAL C 156 11.99 -6.27 8.94
N LEU C 157 12.35 -7.31 9.70
CA LEU C 157 11.47 -8.45 9.92
C LEU C 157 10.37 -8.08 10.91
N LEU C 158 9.13 -8.41 10.57
CA LEU C 158 8.00 -7.98 11.39
C LEU C 158 7.91 -8.79 12.67
N ASN C 159 7.82 -10.11 12.56
CA ASN C 159 7.66 -10.95 13.73
C ASN C 159 8.75 -12.00 13.77
N PRO C 160 9.17 -12.40 14.97
CA PRO C 160 10.20 -13.44 15.08
C PRO C 160 9.70 -14.75 14.49
N LEU C 161 10.63 -15.53 13.96
CA LEU C 161 10.30 -16.73 13.22
C LEU C 161 11.12 -17.91 13.70
N THR C 162 10.54 -19.10 13.57
CA THR C 162 11.26 -20.33 13.92
C THR C 162 12.34 -20.63 12.89
N LYS C 163 11.93 -20.91 11.65
CA LYS C 163 12.85 -21.22 10.56
C LYS C 163 12.46 -20.37 9.36
N GLU C 164 13.15 -19.25 9.17
CA GLU C 164 12.86 -18.36 8.05
C GLU C 164 13.20 -19.06 6.74
N MET C 165 12.22 -19.13 5.84
CA MET C 165 12.39 -19.79 4.55
C MET C 165 11.85 -18.91 3.45
N PRO C 166 12.40 -19.00 2.24
CA PRO C 166 11.81 -18.30 1.11
C PRO C 166 10.42 -18.83 0.84
N PRO C 167 9.49 -17.97 0.41
CA PRO C 167 8.09 -18.38 0.30
C PRO C 167 7.85 -19.57 -0.61
N ASP C 168 8.65 -19.75 -1.65
CA ASP C 168 8.48 -20.91 -2.52
C ASP C 168 8.84 -22.21 -1.80
N GLU C 169 10.00 -22.24 -1.15
CA GLU C 169 10.40 -23.41 -0.38
C GLU C 169 9.42 -23.67 0.76
N ALA C 170 8.96 -22.60 1.43
CA ALA C 170 7.99 -22.78 2.50
C ALA C 170 6.68 -23.34 1.96
N SER C 171 6.24 -22.88 0.80
CA SER C 171 5.03 -23.42 0.19
C SER C 171 5.19 -24.89 -0.12
N ASN C 172 6.35 -25.28 -0.66
CA ASN C 172 6.58 -26.69 -0.95
C ASN C 172 6.62 -27.53 0.34
N VAL C 173 7.22 -26.99 1.40
CA VAL C 173 7.29 -27.70 2.67
C VAL C 173 5.90 -27.89 3.25
N ILE C 174 5.07 -26.84 3.21
CA ILE C 174 3.70 -26.93 3.69
C ILE C 174 2.92 -27.95 2.86
N MET C 175 3.13 -27.94 1.54
CA MET C 175 2.48 -28.90 0.67
C MET C 175 2.88 -30.33 1.04
N GLU C 176 4.15 -30.54 1.39
CA GLU C 176 4.60 -31.85 1.83
C GLU C 176 3.95 -32.24 3.16
N ILE C 177 3.83 -31.29 4.09
CA ILE C 177 3.30 -31.60 5.41
C ILE C 177 1.82 -31.95 5.33
N LEU C 178 1.04 -31.15 4.61
CA LEU C 178 -0.41 -31.22 4.70
C LEU C 178 -1.07 -31.93 3.53
N PHE C 179 -0.51 -31.86 2.34
CA PHE C 179 -1.08 -32.51 1.16
C PHE C 179 -0.01 -33.31 0.42
N PRO C 180 0.55 -34.33 1.08
CA PRO C 180 1.64 -35.09 0.42
C PRO C 180 1.19 -35.81 -0.84
N LYS C 181 -0.06 -36.28 -0.91
CA LYS C 181 -0.50 -37.02 -2.08
C LYS C 181 -0.59 -36.12 -3.31
N GLU C 182 -1.15 -34.93 -3.14
CA GLU C 182 -1.29 -33.96 -4.23
C GLU C 182 -0.20 -32.89 -4.17
N ALA C 183 1.06 -33.32 -4.22
CA ALA C 183 2.19 -32.41 -4.05
C ALA C 183 2.92 -32.12 -5.35
N GLY C 184 3.34 -33.14 -6.09
CA GLY C 184 4.03 -32.91 -7.35
C GLY C 184 5.46 -33.40 -7.36
N ILE C 185 6.31 -32.73 -8.14
CA ILE C 185 7.70 -33.17 -8.27
C ILE C 185 8.45 -32.91 -6.97
N PRO C 186 9.24 -33.87 -6.48
CA PRO C 186 9.98 -33.67 -5.24
C PRO C 186 11.19 -32.75 -5.40
N ARG C 187 10.98 -31.44 -5.30
CA ARG C 187 12.07 -30.49 -5.44
C ARG C 187 13.17 -30.78 -4.43
N GLU C 188 14.42 -30.64 -4.87
CA GLU C 188 15.55 -31.02 -4.05
C GLU C 188 15.65 -30.17 -2.79
N SER C 189 15.42 -28.86 -2.91
CA SER C 189 15.58 -27.96 -1.78
C SER C 189 14.65 -28.34 -0.65
N THR C 190 13.44 -28.81 -0.97
CA THR C 190 12.49 -29.22 0.05
C THR C 190 13.02 -30.38 0.89
N TRP C 191 13.86 -31.23 0.33
CA TRP C 191 14.45 -32.32 1.11
C TRP C 191 15.38 -31.80 2.19
N ILE C 192 15.92 -30.58 2.03
CA ILE C 192 16.81 -30.00 3.02
C ILE C 192 16.13 -29.92 4.38
N HIS C 193 14.86 -29.53 4.40
CA HIS C 193 14.09 -29.42 5.63
C HIS C 193 13.37 -30.71 5.99
N ARG C 194 13.78 -31.84 5.39
CA ARG C 194 13.00 -33.07 5.50
C ARG C 194 12.67 -33.40 6.96
N GLU C 195 13.68 -33.38 7.82
CA GLU C 195 13.47 -33.71 9.23
C GLU C 195 12.35 -32.85 9.80
N LEU C 196 12.46 -31.53 9.63
CA LEU C 196 11.41 -30.63 10.11
C LEU C 196 10.04 -31.07 9.59
N ILE C 197 9.96 -31.30 8.27
CA ILE C 197 8.72 -31.77 7.67
C ILE C 197 8.16 -32.93 8.48
N LYS C 198 8.98 -33.96 8.65
CA LYS C 198 8.54 -35.15 9.36
C LYS C 198 7.93 -34.79 10.71
N GLU C 199 8.64 -33.96 11.48
CA GLU C 199 8.15 -33.58 12.80
C GLU C 199 6.74 -33.04 12.71
N LYS C 200 6.52 -32.05 11.84
CA LYS C 200 5.21 -31.43 11.75
C LYS C 200 4.15 -32.47 11.41
N ARG C 201 4.48 -33.39 10.49
CA ARG C 201 3.49 -34.39 10.12
C ARG C 201 3.10 -35.24 11.31
N GLU C 202 4.09 -35.64 12.11
CA GLU C 202 3.77 -36.46 13.28
C GLU C 202 2.98 -35.68 14.32
N LYS C 203 3.01 -34.35 14.26
CA LYS C 203 2.21 -33.54 15.17
C LYS C 203 0.81 -33.27 14.62
N LEU C 204 0.53 -33.66 13.38
CA LEU C 204 -0.75 -33.36 12.75
C LEU C 204 -1.39 -34.62 12.18
N LYS C 205 -1.16 -35.77 12.83
CA LYS C 205 -1.68 -37.03 12.31
C LYS C 205 -3.19 -37.12 12.48
N GLY C 206 -3.71 -36.71 13.62
CA GLY C 206 -5.14 -36.83 13.89
C GLY C 206 -5.81 -35.51 14.20
N THR C 207 -5.37 -34.44 13.55
CA THR C 207 -5.95 -33.12 13.74
C THR C 207 -7.13 -32.96 12.79
N MET C 208 -8.30 -32.65 13.35
CA MET C 208 -9.51 -32.47 12.56
C MET C 208 -9.72 -31.03 12.11
N ILE C 209 -8.77 -30.14 12.42
CA ILE C 209 -8.87 -28.76 11.96
C ILE C 209 -8.80 -28.74 10.43
N THR C 210 -9.51 -27.78 9.83
CA THR C 210 -9.55 -27.70 8.37
C THR C 210 -8.15 -27.46 7.82
N PRO C 211 -7.77 -28.16 6.75
CA PRO C 211 -6.37 -28.12 6.30
C PRO C 211 -5.86 -26.72 5.94
N ILE C 212 -6.73 -25.86 5.41
CA ILE C 212 -6.27 -24.56 4.94
C ILE C 212 -5.88 -23.66 6.11
N VAL C 213 -6.61 -23.76 7.22
CA VAL C 213 -6.25 -22.98 8.40
C VAL C 213 -4.90 -23.44 8.94
N LEU C 214 -4.66 -24.76 8.94
CA LEU C 214 -3.36 -25.28 9.33
C LEU C 214 -2.27 -24.80 8.38
N ALA C 215 -2.57 -24.75 7.08
CA ALA C 215 -1.59 -24.28 6.11
C ALA C 215 -1.18 -22.85 6.39
N TYR C 216 -2.15 -21.99 6.70
CA TYR C 216 -1.79 -20.60 6.99
C TYR C 216 -1.16 -20.44 8.37
N MET C 217 -1.48 -21.33 9.32
CA MET C 217 -0.73 -21.37 10.57
C MET C 217 0.73 -21.68 10.32
N LEU C 218 1.00 -22.71 9.52
CA LEU C 218 2.38 -23.07 9.20
C LEU C 218 3.07 -21.95 8.42
N GLU C 219 2.36 -21.32 7.48
CA GLU C 219 2.96 -20.23 6.72
C GLU C 219 3.30 -19.06 7.62
N ARG C 220 2.41 -18.74 8.57
CA ARG C 220 2.72 -17.71 9.55
C ARG C 220 3.92 -18.10 10.40
N GLU C 221 4.11 -19.40 10.63
CA GLU C 221 5.25 -19.87 11.42
C GLU C 221 6.55 -19.94 10.62
N LEU C 222 6.49 -20.03 9.29
CA LEU C 222 7.66 -20.33 8.48
C LEU C 222 8.04 -19.26 7.47
N VAL C 223 7.17 -18.30 7.17
CA VAL C 223 7.43 -17.30 6.14
C VAL C 223 7.65 -15.95 6.81
N ALA C 224 8.77 -15.31 6.49
CA ALA C 224 9.08 -14.00 7.02
C ALA C 224 8.26 -12.92 6.32
N ARG C 225 7.89 -11.90 7.08
CA ARG C 225 7.24 -10.70 6.55
C ARG C 225 8.17 -9.53 6.82
N ARG C 226 8.80 -9.02 5.78
CA ARG C 226 9.75 -7.92 5.90
C ARG C 226 9.14 -6.67 5.30
N ARG C 227 9.13 -5.58 6.07
CA ARG C 227 8.51 -4.33 5.64
C ARG C 227 9.46 -3.18 5.92
N PHE C 228 9.35 -2.13 5.12
CA PHE C 228 10.07 -0.89 5.37
C PHE C 228 9.41 -0.17 6.53
N LEU C 229 10.18 0.11 7.58
CA LEU C 229 9.68 0.78 8.76
C LEU C 229 10.72 1.75 9.28
N PRO C 230 10.30 2.82 9.93
CA PRO C 230 11.26 3.69 10.63
C PRO C 230 11.71 3.06 11.94
N VAL C 231 13.03 2.95 12.11
CA VAL C 231 13.63 2.31 13.26
C VAL C 231 14.72 3.22 13.83
N ALA C 232 15.07 2.95 15.09
CA ALA C 232 16.17 3.66 15.74
C ALA C 232 16.82 2.72 16.75
N GLY C 233 17.83 1.99 16.30
CA GLY C 233 18.73 1.27 17.19
C GLY C 233 18.27 -0.08 17.68
N ALA C 234 17.15 -0.61 17.20
CA ALA C 234 16.73 -1.95 17.59
C ALA C 234 15.90 -2.54 16.46
N THR C 235 16.53 -3.41 15.66
CA THR C 235 15.91 -3.93 14.46
C THR C 235 15.60 -5.42 14.52
N SER C 236 15.88 -6.07 15.65
CA SER C 236 15.47 -7.45 15.81
C SER C 236 13.96 -7.55 15.92
N ALA C 237 13.41 -8.66 15.39
CA ALA C 237 11.96 -8.79 15.28
C ALA C 237 11.27 -8.70 16.64
N GLU C 238 11.95 -9.13 17.71
CA GLU C 238 11.37 -9.02 19.05
C GLU C 238 11.18 -7.56 19.45
N PHE C 239 12.02 -6.66 18.93
CA PHE C 239 11.80 -5.24 19.15
C PHE C 239 10.90 -4.63 18.09
N ILE C 240 10.87 -5.21 16.89
CA ILE C 240 10.00 -4.69 15.84
C ILE C 240 8.54 -4.90 16.19
N GLU C 241 8.21 -6.00 16.87
CA GLU C 241 6.82 -6.22 17.26
C GLU C 241 6.34 -5.21 18.30
N MET C 242 7.25 -4.54 19.01
CA MET C 242 6.91 -3.51 19.98
C MET C 242 7.32 -2.12 19.50
N LEU C 243 7.80 -2.01 18.26
CA LEU C 243 8.25 -0.76 17.66
C LEU C 243 7.37 0.44 18.00
N HIS C 244 6.04 0.24 18.03
CA HIS C 244 5.16 1.37 18.29
C HIS C 244 5.34 1.94 19.69
N CYS C 245 5.62 1.09 20.69
CA CYS C 245 5.93 1.55 22.02
C CYS C 245 7.41 1.84 22.22
N LEU C 246 8.27 1.45 21.27
CA LEU C 246 9.70 1.62 21.46
C LEU C 246 10.11 3.09 21.50
N GLN C 247 9.77 3.84 20.45
CA GLN C 247 10.20 5.23 20.40
C GLN C 247 9.29 6.02 19.49
N GLY C 248 9.38 7.34 19.62
CA GLY C 248 8.76 8.26 18.70
C GLY C 248 9.81 9.14 18.06
N GLU C 249 9.43 10.33 17.62
CA GLU C 249 10.42 11.27 17.10
C GLU C 249 11.10 12.06 18.21
N ASN C 250 10.51 12.09 19.41
CA ASN C 250 11.03 12.93 20.49
C ASN C 250 11.12 12.20 21.81
N TRP C 251 10.97 10.88 21.82
CA TRP C 251 11.05 10.12 23.06
C TRP C 251 11.49 8.70 22.75
N ARG C 252 12.08 8.06 23.74
CA ARG C 252 12.51 6.68 23.66
C ARG C 252 12.08 5.94 24.91
N GLN C 253 11.70 4.68 24.75
CA GLN C 253 11.29 3.83 25.86
C GLN C 253 12.18 2.59 25.86
N ILE C 254 12.83 2.32 26.99
CA ILE C 254 13.69 1.15 27.10
C ILE C 254 12.82 -0.08 27.32
N TYR C 255 13.01 -1.08 26.48
CA TYR C 255 12.19 -2.29 26.51
C TYR C 255 13.10 -3.50 26.46
N HIS C 256 12.86 -4.46 27.36
CA HIS C 256 13.62 -5.71 27.39
C HIS C 256 12.68 -6.86 27.09
N PRO C 257 12.64 -7.35 25.86
CA PRO C 257 11.69 -8.42 25.52
C PRO C 257 12.05 -9.73 26.17
N GLY C 258 11.04 -10.58 26.29
CA GLY C 258 11.23 -11.94 26.77
C GLY C 258 11.73 -12.86 25.68
N GLY C 259 11.79 -14.14 26.02
CA GLY C 259 12.31 -15.13 25.11
C GLY C 259 13.83 -15.19 25.11
N ASN C 260 14.37 -15.95 24.16
CA ASN C 260 15.79 -16.14 24.01
C ASN C 260 16.28 -15.55 22.70
N LYS C 261 17.43 -14.88 22.75
CA LYS C 261 17.97 -14.14 21.62
C LYS C 261 19.11 -14.91 20.97
N LEU C 262 19.17 -14.87 19.65
CA LEU C 262 20.24 -15.53 18.92
C LEU C 262 21.58 -14.86 19.18
N THR C 263 22.66 -15.62 18.99
CA THR C 263 23.98 -15.08 19.21
C THR C 263 24.40 -14.10 18.12
N GLU C 264 23.83 -14.26 16.92
CA GLU C 264 24.13 -13.32 15.84
C GLU C 264 23.71 -11.90 16.20
N SER C 265 22.52 -11.77 16.79
CA SER C 265 22.05 -10.44 17.19
C SER C 265 22.97 -9.83 18.25
N ARG C 266 23.39 -10.64 19.23
CA ARG C 266 24.28 -10.13 20.26
C ARG C 266 25.62 -9.70 19.67
N SER C 267 26.17 -10.50 18.75
CA SER C 267 27.45 -10.14 18.15
C SER C 267 27.34 -8.85 17.33
N GLN C 268 26.27 -8.72 16.55
CA GLN C 268 26.10 -7.51 15.74
C GLN C 268 25.92 -6.29 16.62
N SER C 269 25.11 -6.40 17.68
CA SER C 269 24.92 -5.27 18.57
C SER C 269 26.21 -4.92 19.30
N MET C 270 26.98 -5.94 19.68
CA MET C 270 28.27 -5.70 20.32
C MET C 270 29.21 -4.94 19.39
N ILE C 271 29.24 -5.32 18.12
CA ILE C 271 30.10 -4.63 17.15
C ILE C 271 29.66 -3.19 16.99
N VAL C 272 28.35 -2.95 16.87
CA VAL C 272 27.85 -1.59 16.71
C VAL C 272 28.22 -0.73 17.92
N ALA C 273 28.01 -1.28 19.12
CA ALA C 273 28.34 -0.54 20.34
C ALA C 273 29.82 -0.23 20.42
N CYS C 274 30.67 -1.22 20.10
CA CYS C 274 32.10 -0.99 20.15
C CYS C 274 32.52 0.08 19.15
N ARG C 275 31.97 0.06 17.94
CA ARG C 275 32.29 1.08 16.95
C ARG C 275 31.88 2.46 17.43
N LYS C 276 30.68 2.58 18.01
CA LYS C 276 30.24 3.87 18.51
C LYS C 276 31.13 4.39 19.63
N ILE C 277 31.52 3.49 20.54
CA ILE C 277 32.40 3.89 21.63
C ILE C 277 33.75 4.35 21.10
N ILE C 278 34.28 3.65 20.09
CA ILE C 278 35.55 4.05 19.50
C ILE C 278 35.42 5.43 18.86
N ARG C 279 34.33 5.65 18.10
CA ARG C 279 34.17 6.93 17.43
C ARG C 279 34.07 8.08 18.44
N ARG C 280 33.34 7.87 19.54
CA ARG C 280 33.26 8.91 20.55
C ARG C 280 34.60 9.11 21.25
N SER C 281 35.35 8.03 21.46
CA SER C 281 36.55 8.10 22.30
C SER C 281 37.70 8.79 21.60
N ILE C 282 37.93 8.46 20.32
CA ILE C 282 39.14 8.87 19.61
C ILE C 282 39.19 10.38 19.42
N VAL C 283 38.14 11.08 19.86
CA VAL C 283 38.10 12.53 19.74
C VAL C 283 38.52 13.24 21.02
N ALA C 284 38.63 12.53 22.12
CA ALA C 284 38.88 13.13 23.42
C ALA C 284 40.34 13.06 23.80
N SER C 285 40.75 13.97 24.69
CA SER C 285 42.05 13.82 25.33
C SER C 285 42.05 12.55 26.16
N ASN C 286 43.10 11.74 25.99
CA ASN C 286 43.19 10.42 26.58
C ASN C 286 41.99 9.58 26.16
N PRO C 287 41.93 9.16 24.88
CA PRO C 287 40.79 8.35 24.44
C PRO C 287 40.67 7.01 25.12
N LEU C 288 41.76 6.47 25.67
CA LEU C 288 41.68 5.19 26.37
C LEU C 288 40.83 5.29 27.63
N GLU C 289 41.03 6.35 28.41
CA GLU C 289 40.27 6.51 29.65
C GLU C 289 38.78 6.67 29.36
N LEU C 290 38.45 7.51 28.38
CA LEU C 290 37.06 7.71 28.00
C LEU C 290 36.45 6.41 27.46
N ALA C 291 37.21 5.69 26.63
CA ALA C 291 36.68 4.45 26.07
C ALA C 291 36.39 3.43 27.16
N VAL C 292 37.29 3.29 28.13
CA VAL C 292 37.05 2.37 29.24
C VAL C 292 35.85 2.81 30.06
N GLU C 293 35.75 4.12 30.34
CA GLU C 293 34.63 4.61 31.13
C GLU C 293 33.29 4.36 30.44
N ILE C 294 33.23 4.58 29.13
CA ILE C 294 31.99 4.35 28.40
C ILE C 294 31.68 2.87 28.30
N ALA C 295 32.70 2.05 28.09
CA ALA C 295 32.47 0.61 27.97
C ALA C 295 32.01 -0.01 29.28
N ASN C 296 32.46 0.52 30.42
CA ASN C 296 32.07 -0.07 31.70
C ASN C 296 30.62 0.19 32.04
N LYS C 297 29.97 1.13 31.36
CA LYS C 297 28.57 1.46 31.61
C LYS C 297 27.71 1.23 30.39
N THR C 298 28.09 0.27 29.55
CA THR C 298 27.36 -0.06 28.33
C THR C 298 26.65 -1.39 28.50
N VAL C 299 25.36 -1.43 28.18
CA VAL C 299 24.55 -2.62 28.32
C VAL C 299 23.98 -2.98 26.96
N ILE C 300 24.20 -4.21 26.52
CA ILE C 300 23.61 -4.72 25.29
C ILE C 300 22.34 -5.45 25.67
N ASP C 301 21.19 -4.93 25.21
CA ASP C 301 19.88 -5.44 25.59
C ASP C 301 19.72 -5.39 27.11
N THR C 302 20.22 -6.40 27.81
CA THR C 302 20.14 -6.45 29.26
C THR C 302 21.44 -6.79 29.96
N GLU C 303 22.44 -7.32 29.25
CA GLU C 303 23.71 -7.69 29.85
C GLU C 303 24.76 -6.61 29.62
N PRO C 304 25.75 -6.51 30.51
CA PRO C 304 26.82 -5.53 30.30
C PRO C 304 27.68 -5.90 29.10
N LEU C 305 28.37 -4.88 28.57
CA LEU C 305 29.15 -5.05 27.36
C LEU C 305 30.31 -6.02 27.59
N LYS C 306 30.93 -5.97 28.76
CA LYS C 306 32.09 -6.83 29.02
C LYS C 306 31.72 -8.31 29.00
N SER C 307 30.55 -8.65 29.56
CA SER C 307 30.11 -10.04 29.55
C SER C 307 29.86 -10.54 28.13
N CYS C 308 29.24 -9.71 27.30
CA CYS C 308 29.01 -10.08 25.90
C CYS C 308 30.33 -10.21 25.15
N LEU C 309 31.28 -9.33 25.43
CA LEU C 309 32.60 -9.43 24.80
C LEU C 309 33.30 -10.72 25.18
N ALA C 310 33.21 -11.11 26.46
CA ALA C 310 33.88 -12.33 26.91
C ALA C 310 33.20 -13.57 26.36
N ALA C 311 31.86 -13.61 26.42
CA ALA C 311 31.15 -14.85 26.06
C ALA C 311 31.17 -15.11 24.57
N ILE C 312 31.17 -14.07 23.75
CA ILE C 312 31.12 -14.22 22.30
C ILE C 312 32.53 -14.20 21.76
N ASP C 313 32.91 -15.28 21.08
CA ASP C 313 34.21 -15.37 20.39
C ASP C 313 34.01 -14.84 18.98
N GLY C 314 34.36 -13.58 18.77
CA GLY C 314 34.18 -12.97 17.47
C GLY C 314 34.20 -11.46 17.60
N GLY C 315 33.78 -10.81 16.52
CA GLY C 315 33.74 -9.36 16.51
C GLY C 315 34.52 -8.77 15.35
N ASP C 316 35.01 -7.55 15.53
CA ASP C 316 35.77 -6.85 14.51
C ASP C 316 36.92 -6.12 15.20
N VAL C 317 37.52 -5.18 14.48
CA VAL C 317 38.67 -4.44 15.04
C VAL C 317 38.25 -3.70 16.30
N ALA C 318 37.13 -2.98 16.25
CA ALA C 318 36.69 -2.19 17.40
C ALA C 318 36.39 -3.06 18.60
N CYS C 319 35.80 -4.24 18.36
CA CYS C 319 35.57 -5.17 19.46
C CYS C 319 36.87 -5.59 20.12
N ASP C 320 37.90 -5.86 19.33
CA ASP C 320 39.20 -6.23 19.90
C ASP C 320 39.82 -5.07 20.66
N ILE C 321 39.68 -3.85 20.16
CA ILE C 321 40.22 -2.69 20.88
C ILE C 321 39.53 -2.55 22.23
N ILE C 322 38.20 -2.70 22.26
CA ILE C 322 37.47 -2.61 23.52
C ILE C 322 37.84 -3.76 24.45
N ARG C 323 38.06 -4.95 23.89
CA ARG C 323 38.48 -6.09 24.70
C ARG C 323 39.82 -5.81 25.36
N ALA C 324 40.77 -5.27 24.60
CA ALA C 324 42.07 -4.95 25.17
C ALA C 324 41.97 -3.86 26.22
N ALA C 325 41.15 -2.83 25.96
CA ALA C 325 41.00 -1.74 26.93
C ALA C 325 40.37 -2.23 28.22
N LEU C 326 39.40 -3.13 28.14
CA LEU C 326 38.77 -3.70 29.32
C LEU C 326 39.63 -4.75 30.00
N GLY C 327 40.74 -5.15 29.39
CA GLY C 327 41.63 -6.11 30.01
C GLY C 327 41.42 -7.54 29.61
N LEU C 328 40.62 -7.79 28.57
CA LEU C 328 40.36 -9.15 28.10
C LEU C 328 41.31 -9.48 26.95
N LYS C 329 41.21 -10.71 26.47
CA LYS C 329 42.04 -11.18 25.37
C LYS C 329 41.35 -10.96 24.04
N ILE C 330 42.11 -10.53 23.05
CA ILE C 330 41.55 -10.26 21.73
C ILE C 330 41.35 -11.58 20.99
N ARG C 331 40.40 -11.57 20.06
CA ARG C 331 40.12 -12.72 19.20
C ARG C 331 40.08 -12.18 17.78
N GLN C 332 41.21 -12.27 17.07
CA GLN C 332 41.28 -11.72 15.74
C GLN C 332 40.55 -12.62 14.75
N ARG C 333 39.28 -12.91 15.04
CA ARG C 333 38.46 -13.78 14.23
C ARG C 333 37.34 -12.95 13.60
N GLN C 334 37.17 -13.11 12.29
CA GLN C 334 36.18 -12.37 11.53
C GLN C 334 35.06 -13.32 11.07
N ARG C 335 34.06 -12.74 10.43
CA ARG C 335 32.93 -13.48 9.87
C ARG C 335 32.67 -12.99 8.46
N PHE C 336 32.35 -13.92 7.57
CA PHE C 336 31.94 -13.60 6.20
C PHE C 336 30.63 -14.32 5.87
N GLY C 337 29.71 -14.34 6.82
CA GLY C 337 28.41 -14.98 6.63
C GLY C 337 28.45 -16.47 6.87
N ARG C 338 28.97 -17.23 5.91
CA ARG C 338 29.17 -18.66 6.06
C ARG C 338 30.63 -19.02 6.23
N LEU C 339 31.51 -18.03 6.32
CA LEU C 339 32.93 -18.23 6.50
C LEU C 339 33.38 -17.56 7.79
N GLU C 340 34.15 -18.27 8.62
CA GLU C 340 34.78 -17.70 9.79
C GLU C 340 36.28 -17.68 9.56
N LEU C 341 36.86 -16.48 9.55
CA LEU C 341 38.28 -16.30 9.29
C LEU C 341 38.94 -15.75 10.55
N LYS C 342 40.06 -16.35 10.93
CA LYS C 342 40.87 -15.89 12.06
C LYS C 342 42.25 -15.52 11.55
N ARG C 343 42.65 -14.27 11.76
CA ARG C 343 43.92 -13.81 11.23
C ARG C 343 45.09 -14.45 11.96
N ILE C 344 46.17 -14.68 11.23
CA ILE C 344 47.43 -15.14 11.82
C ILE C 344 48.46 -14.02 11.86
N SER C 345 48.78 -13.45 10.70
CA SER C 345 49.77 -12.39 10.61
C SER C 345 49.51 -11.57 9.35
N GLY C 346 49.58 -10.25 9.48
CA GLY C 346 49.39 -9.39 8.35
C GLY C 346 48.48 -8.21 8.63
N ARG C 347 48.98 -7.01 8.39
CA ARG C 347 48.23 -5.78 8.59
C ARG C 347 48.01 -5.11 7.24
N GLY C 348 46.78 -4.66 7.02
CA GLY C 348 46.44 -4.01 5.77
C GLY C 348 45.40 -2.93 5.98
N PHE C 349 45.18 -2.15 4.93
CA PHE C 349 44.26 -1.02 4.96
C PHE C 349 43.23 -1.17 3.85
N LYS C 350 42.03 -0.68 4.13
CA LYS C 350 40.93 -0.69 3.17
C LYS C 350 40.88 0.66 2.46
N ASN C 351 41.00 0.65 1.15
CA ASN C 351 40.89 1.84 0.33
C ASN C 351 39.77 1.67 -0.67
N ASP C 352 38.98 2.71 -0.85
CA ASP C 352 37.81 2.67 -1.74
C ASP C 352 38.23 3.14 -3.13
N GLU C 353 38.16 2.24 -4.10
CA GLU C 353 38.46 2.56 -5.49
C GLU C 353 37.34 2.03 -6.38
N GLU C 354 37.31 2.53 -7.62
CA GLU C 354 36.33 2.09 -8.59
C GLU C 354 36.81 0.81 -9.27
N ILE C 355 35.97 -0.22 -9.23
CA ILE C 355 36.33 -1.55 -9.72
C ILE C 355 35.33 -1.96 -10.79
N LEU C 356 35.85 -2.49 -11.90
CA LEU C 356 35.01 -3.00 -12.97
C LEU C 356 34.57 -4.43 -12.64
N ILE C 357 33.37 -4.79 -13.11
CA ILE C 357 32.83 -6.13 -12.95
C ILE C 357 32.63 -6.73 -14.34
N GLY C 358 32.31 -8.02 -14.37
CA GLY C 358 32.18 -8.71 -15.63
C GLY C 358 31.06 -8.18 -16.51
N ASN C 359 30.01 -7.62 -15.89
CA ASN C 359 28.91 -7.05 -16.66
C ASN C 359 29.29 -5.73 -17.33
N GLY C 360 30.45 -5.17 -17.02
CA GLY C 360 30.86 -3.90 -17.57
C GLY C 360 30.54 -2.71 -16.68
N THR C 361 29.95 -2.93 -15.51
CA THR C 361 29.60 -1.85 -14.60
C THR C 361 30.76 -1.54 -13.66
N ILE C 362 30.82 -0.28 -13.23
CA ILE C 362 31.88 0.21 -12.34
C ILE C 362 31.24 0.48 -10.98
N GLN C 363 31.81 -0.11 -9.94
CA GLN C 363 31.29 0.02 -8.58
C GLN C 363 32.39 0.48 -7.65
N LYS C 364 32.05 1.39 -6.74
CA LYS C 364 33.02 1.88 -5.76
C LYS C 364 33.12 0.88 -4.62
N ILE C 365 34.24 0.17 -4.56
CA ILE C 365 34.43 -0.92 -3.60
C ILE C 365 35.65 -0.62 -2.75
N GLY C 366 35.56 -0.93 -1.46
CA GLY C 366 36.69 -0.85 -0.57
C GLY C 366 37.48 -2.14 -0.52
N ILE C 367 38.69 -2.13 -1.10
CA ILE C 367 39.53 -3.31 -1.18
C ILE C 367 40.70 -3.13 -0.22
N TRP C 368 41.11 -4.23 0.41
CA TRP C 368 42.21 -4.21 1.36
C TRP C 368 43.53 -4.51 0.66
N ASP C 369 44.57 -3.79 1.07
CA ASP C 369 45.90 -3.91 0.50
C ASP C 369 46.81 -4.70 1.44
N GLY C 370 47.86 -5.28 0.87
CA GLY C 370 48.84 -6.02 1.64
C GLY C 370 48.60 -7.52 1.56
N GLU C 371 49.55 -8.26 2.12
CA GLU C 371 49.52 -9.71 2.16
C GLU C 371 49.12 -10.17 3.55
N GLU C 372 48.10 -11.02 3.64
CA GLU C 372 47.58 -11.47 4.93
C GLU C 372 47.25 -12.94 4.86
N GLU C 373 47.16 -13.56 6.04
CA GLU C 373 46.83 -14.99 6.14
C GLU C 373 45.76 -15.21 7.19
N PHE C 374 44.78 -16.04 6.84
CA PHE C 374 43.64 -16.33 7.70
C PHE C 374 43.39 -17.83 7.74
N HIS C 375 43.19 -18.37 8.94
CA HIS C 375 42.63 -19.71 9.09
C HIS C 375 41.13 -19.61 8.90
N VAL C 376 40.61 -20.35 7.92
CA VAL C 376 39.23 -20.23 7.48
C VAL C 376 38.49 -21.52 7.80
N ARG C 377 37.24 -21.37 8.27
CA ARG C 377 36.38 -22.50 8.58
C ARG C 377 34.98 -22.24 8.05
N CYS C 378 34.38 -23.27 7.47
CA CYS C 378 33.01 -23.20 6.95
C CYS C 378 32.33 -24.52 7.29
N GLY C 379 31.43 -24.48 8.27
CA GLY C 379 30.77 -25.69 8.73
C GLY C 379 31.75 -26.68 9.31
N GLU C 380 31.98 -27.79 8.60
CA GLU C 380 32.94 -28.80 8.98
C GLU C 380 34.16 -28.80 8.07
N CYS C 381 34.44 -27.68 7.43
CA CYS C 381 35.55 -27.56 6.50
C CYS C 381 36.56 -26.54 7.05
N ARG C 382 37.84 -26.85 6.89
CA ARG C 382 38.90 -25.99 7.39
C ARG C 382 39.96 -25.78 6.33
N GLY C 383 40.72 -24.70 6.50
CA GLY C 383 41.82 -24.43 5.61
C GLY C 383 42.55 -23.17 6.04
N ILE C 384 43.55 -22.82 5.24
CA ILE C 384 44.30 -21.58 5.42
C ILE C 384 44.26 -20.82 4.10
N LEU C 385 44.37 -19.50 4.18
CA LEU C 385 44.25 -18.65 2.99
C LEU C 385 45.24 -17.50 3.10
N LYS C 386 46.12 -17.38 2.12
CA LYS C 386 47.03 -16.26 1.98
C LYS C 386 46.61 -15.42 0.79
N LYS C 387 46.49 -14.12 0.99
CA LYS C 387 45.98 -13.22 -0.04
C LYS C 387 46.87 -11.99 -0.11
N SER C 388 46.85 -11.36 -1.29
CA SER C 388 47.52 -10.08 -1.49
C SER C 388 46.51 -9.08 -2.03
N LYS C 389 46.96 -7.86 -2.34
CA LYS C 389 46.07 -6.82 -2.85
C LYS C 389 45.62 -7.16 -4.26
N MET C 390 44.32 -7.37 -4.44
CA MET C 390 43.71 -7.62 -5.75
C MET C 390 44.40 -8.78 -6.47
N LYS C 391 44.90 -9.74 -5.71
CA LYS C 391 45.54 -10.91 -6.30
C LYS C 391 45.55 -12.02 -5.25
N LEU C 392 44.82 -13.10 -5.52
CA LEU C 392 44.81 -14.24 -4.62
C LEU C 392 46.14 -14.99 -4.71
N GLU C 393 46.66 -15.40 -3.55
CA GLU C 393 47.93 -16.10 -3.49
C GLU C 393 47.75 -17.61 -3.34
N LYS C 394 47.11 -18.06 -2.26
CA LYS C 394 47.08 -19.48 -1.97
C LYS C 394 45.90 -19.80 -1.07
N LEU C 395 45.29 -20.97 -1.28
CA LEU C 395 44.27 -21.48 -0.36
C LEU C 395 44.52 -22.97 -0.16
N LEU C 396 44.93 -23.35 1.04
CA LEU C 396 45.11 -24.74 1.42
C LEU C 396 43.83 -25.23 2.10
N ILE C 397 43.39 -26.41 1.70
CA ILE C 397 42.11 -26.98 2.12
C ILE C 397 42.36 -28.30 2.83
N ASN C 398 41.62 -28.54 3.91
CA ASN C 398 41.61 -29.84 4.56
C ASN C 398 40.44 -30.66 4.05
N SER C 399 40.50 -31.96 4.33
CA SER C 399 39.45 -32.86 3.87
C SER C 399 38.12 -32.54 4.54
N ALA C 400 37.07 -32.44 3.74
CA ALA C 400 35.76 -32.06 4.24
C ALA C 400 34.70 -32.49 3.23
N LYS C 401 33.43 -32.33 3.60
CA LYS C 401 32.33 -32.73 2.75
C LYS C 401 32.27 -31.84 1.51
N LYS C 402 31.73 -32.40 0.42
CA LYS C 402 31.91 -31.81 -0.90
C LYS C 402 31.22 -30.46 -1.03
N GLU C 403 29.94 -30.38 -0.66
CA GLU C 403 29.23 -29.12 -0.81
C GLU C 403 29.81 -28.05 0.08
N ASP C 404 30.16 -28.41 1.33
CA ASP C 404 30.84 -27.47 2.21
C ASP C 404 32.20 -27.09 1.64
N MET C 405 32.87 -28.06 0.99
CA MET C 405 34.15 -27.78 0.35
C MET C 405 34.01 -26.68 -0.70
N ARG C 406 33.05 -26.82 -1.62
CA ARG C 406 32.91 -25.82 -2.67
C ARG C 406 32.37 -24.51 -2.12
N ASP C 407 31.53 -24.56 -1.08
CA ASP C 407 31.06 -23.33 -0.44
C ASP C 407 32.22 -22.56 0.17
N LEU C 408 33.11 -23.25 0.89
CA LEU C 408 34.29 -22.60 1.44
C LEU C 408 35.18 -22.07 0.33
N ILE C 409 35.32 -22.82 -0.76
CA ILE C 409 36.16 -22.39 -1.87
C ILE C 409 35.65 -21.08 -2.45
N ILE C 410 34.35 -21.00 -2.72
CA ILE C 410 33.80 -19.78 -3.31
C ILE C 410 33.84 -18.63 -2.32
N LEU C 411 33.58 -18.92 -1.04
CA LEU C 411 33.63 -17.86 -0.03
C LEU C 411 35.03 -17.28 0.08
N CYS C 412 36.06 -18.14 0.03
CA CYS C 412 37.43 -17.64 0.09
C CYS C 412 37.82 -16.89 -1.17
N MET C 413 37.43 -17.41 -2.34
CA MET C 413 37.86 -16.77 -3.58
C MET C 413 37.16 -15.44 -3.82
N VAL C 414 35.94 -15.27 -3.30
CA VAL C 414 35.32 -13.95 -3.33
C VAL C 414 35.81 -13.07 -2.20
N PHE C 415 36.38 -13.66 -1.14
CA PHE C 415 36.97 -12.87 -0.07
C PHE C 415 38.28 -12.24 -0.50
N SER C 416 38.99 -12.88 -1.43
CA SER C 416 40.31 -12.39 -1.84
C SER C 416 40.24 -11.06 -2.58
N GLN C 417 39.11 -10.74 -3.21
CA GLN C 417 38.94 -9.51 -3.98
C GLN C 417 39.96 -9.43 -5.13
N ASP C 418 39.92 -10.45 -5.99
CA ASP C 418 40.84 -10.56 -7.11
C ASP C 418 40.11 -10.27 -8.41
N THR C 419 40.89 -10.05 -9.47
CA THR C 419 40.32 -9.64 -10.75
C THR C 419 39.59 -10.78 -11.44
N ARG C 420 40.06 -12.02 -11.26
CA ARG C 420 39.35 -13.14 -11.87
C ARG C 420 37.94 -13.26 -11.34
N MET C 421 37.76 -13.10 -10.02
CA MET C 421 36.42 -13.15 -9.44
C MET C 421 35.56 -12.01 -9.95
N PHE C 422 36.13 -10.80 -10.04
CA PHE C 422 35.36 -9.65 -10.48
C PHE C 422 34.89 -9.81 -11.93
N GLN C 423 35.77 -10.28 -12.80
CA GLN C 423 35.42 -10.42 -14.22
C GLN C 423 34.71 -11.74 -14.51
N GLY C 424 34.61 -12.64 -13.55
CA GLY C 424 33.80 -13.83 -13.72
C GLY C 424 32.34 -13.64 -13.39
N VAL C 425 31.92 -12.41 -13.11
CA VAL C 425 30.54 -12.11 -12.76
C VAL C 425 29.78 -11.78 -14.03
N ARG C 426 28.80 -12.61 -14.37
CA ARG C 426 27.95 -12.36 -15.55
C ARG C 426 26.52 -12.66 -15.16
N GLY C 427 25.66 -11.65 -15.28
CA GLY C 427 24.27 -11.82 -14.94
C GLY C 427 23.57 -10.51 -14.59
N GLU C 428 22.86 -10.50 -13.47
CA GLU C 428 22.13 -9.32 -13.02
C GLU C 428 22.38 -9.17 -11.52
N ILE C 429 23.32 -8.28 -11.17
CA ILE C 429 23.65 -8.00 -9.78
C ILE C 429 23.48 -6.49 -9.56
N ASN C 430 22.72 -6.13 -8.52
CA ASN C 430 22.50 -4.75 -8.15
C ASN C 430 22.96 -4.54 -6.71
N PHE C 431 23.71 -3.47 -6.48
CA PHE C 431 24.19 -3.13 -5.15
C PHE C 431 23.38 -2.02 -4.50
N LEU C 432 22.28 -1.61 -5.11
CA LEU C 432 21.41 -0.58 -4.57
C LEU C 432 20.08 -1.18 -4.18
N ASN C 433 19.54 -0.73 -3.05
CA ASN C 433 18.20 -1.12 -2.67
C ASN C 433 17.18 -0.46 -3.58
N ARG C 434 15.96 -0.99 -3.54
CA ARG C 434 14.86 -0.37 -4.29
C ARG C 434 14.62 1.06 -3.84
N ALA C 435 14.91 1.37 -2.57
CA ALA C 435 14.84 2.72 -2.04
C ALA C 435 16.14 3.49 -2.22
N GLY C 436 17.03 3.03 -3.09
CA GLY C 436 18.28 3.72 -3.32
C GLY C 436 19.21 3.74 -2.12
N GLN C 437 19.28 2.64 -1.38
CA GLN C 437 20.21 2.48 -0.28
C GLN C 437 21.28 1.47 -0.66
N LEU C 438 22.49 1.71 -0.18
CA LEU C 438 23.64 0.91 -0.59
C LEU C 438 23.59 -0.48 0.02
N LEU C 439 23.87 -1.49 -0.79
CA LEU C 439 24.08 -2.85 -0.33
C LEU C 439 25.56 -3.18 -0.46
N SER C 440 26.12 -3.81 0.57
CA SER C 440 27.55 -4.08 0.58
C SER C 440 27.92 -4.98 -0.59
N PRO C 441 28.80 -4.54 -1.48
CA PRO C 441 29.05 -5.31 -2.71
C PRO C 441 29.60 -6.70 -2.45
N MET C 442 30.48 -6.85 -1.45
CA MET C 442 31.08 -8.15 -1.20
C MET C 442 30.04 -9.18 -0.77
N TYR C 443 29.11 -8.78 0.09
CA TYR C 443 28.07 -9.69 0.51
C TYR C 443 27.14 -10.05 -0.64
N GLN C 444 26.85 -9.09 -1.53
CA GLN C 444 26.01 -9.39 -2.68
C GLN C 444 26.71 -10.38 -3.62
N LEU C 445 28.01 -10.19 -3.85
CA LEU C 445 28.74 -11.14 -4.68
C LEU C 445 28.78 -12.52 -4.04
N GLN C 446 28.94 -12.57 -2.72
CA GLN C 446 28.91 -13.84 -2.02
C GLN C 446 27.55 -14.53 -2.19
N ARG C 447 26.47 -13.76 -2.10
CA ARG C 447 25.14 -14.34 -2.27
C ARG C 447 24.93 -14.83 -3.70
N TYR C 448 25.40 -14.06 -4.68
CA TYR C 448 25.22 -14.44 -6.07
C TYR C 448 25.99 -15.71 -6.41
N PHE C 449 27.26 -15.78 -6.00
CA PHE C 449 28.12 -16.90 -6.39
C PHE C 449 27.77 -18.20 -5.69
N LEU C 450 26.87 -18.17 -4.71
CA LEU C 450 26.42 -19.42 -4.10
C LEU C 450 25.55 -20.24 -5.04
N ASN C 451 24.80 -19.59 -5.93
CA ASN C 451 23.91 -20.29 -6.84
C ASN C 451 24.39 -20.30 -8.29
N ARG C 452 25.40 -19.50 -8.62
CA ARG C 452 25.93 -19.41 -9.99
C ARG C 452 27.45 -19.39 -9.96
N SER C 453 28.05 -20.34 -9.23
CA SER C 453 29.50 -20.47 -9.21
C SER C 453 30.06 -21.20 -10.42
N ASN C 454 29.20 -21.79 -11.26
CA ASN C 454 29.68 -22.51 -12.42
C ASN C 454 30.41 -21.59 -13.38
N ASP C 455 29.84 -20.40 -13.63
CA ASP C 455 30.51 -19.41 -14.48
C ASP C 455 31.83 -18.97 -13.85
N LEU C 456 31.85 -18.81 -12.53
CA LEU C 456 33.07 -18.40 -11.85
C LEU C 456 34.17 -19.43 -12.02
N PHE C 457 33.85 -20.71 -11.82
CA PHE C 457 34.85 -21.76 -11.96
C PHE C 457 35.29 -21.92 -13.41
N ASP C 458 34.39 -21.75 -14.37
CA ASP C 458 34.79 -21.79 -15.77
C ASP C 458 35.74 -20.64 -16.10
N GLN C 459 35.45 -19.43 -15.60
CA GLN C 459 36.31 -18.29 -15.86
C GLN C 459 37.65 -18.42 -15.16
N TRP C 460 37.68 -19.11 -14.00
CA TRP C 460 38.89 -19.19 -13.21
C TRP C 460 40.01 -19.91 -13.95
N GLY C 461 39.68 -21.02 -14.60
CA GLY C 461 40.66 -21.82 -15.31
C GLY C 461 41.23 -22.93 -14.44
N TYR C 462 42.21 -23.63 -15.00
CA TYR C 462 42.83 -24.75 -14.32
C TYR C 462 44.31 -24.80 -14.70
N GLU C 463 44.98 -25.84 -14.21
CA GLU C 463 46.37 -26.14 -14.56
C GLU C 463 46.64 -27.58 -14.18
N GLU C 464 47.89 -28.00 -14.34
CA GLU C 464 48.28 -29.34 -13.93
C GLU C 464 48.32 -29.44 -12.40
N SER C 465 47.90 -30.60 -11.90
CA SER C 465 47.82 -30.79 -10.46
C SER C 465 49.23 -30.94 -9.87
N PRO C 466 49.46 -30.45 -8.65
CA PRO C 466 50.75 -30.68 -7.99
C PRO C 466 50.93 -32.14 -7.63
N LYS C 467 52.19 -32.52 -7.46
CA LYS C 467 52.55 -33.93 -7.26
C LYS C 467 53.32 -34.15 -5.97
N ALA C 468 52.83 -33.59 -4.87
CA ALA C 468 53.47 -33.77 -3.57
C ALA C 468 53.11 -35.15 -3.01
N SER C 469 53.45 -35.38 -1.74
CA SER C 469 53.23 -36.70 -1.14
C SER C 469 51.77 -36.92 -0.75
N GLU C 470 51.26 -36.09 0.17
CA GLU C 470 49.91 -36.23 0.68
C GLU C 470 48.97 -35.17 0.11
N LEU C 471 49.33 -34.59 -1.04
CA LEU C 471 48.57 -33.53 -1.67
C LEU C 471 48.01 -34.02 -3.01
N HIS C 472 46.73 -33.74 -3.25
CA HIS C 472 46.09 -34.02 -4.53
C HIS C 472 45.23 -32.83 -4.92
N GLY C 473 45.05 -32.66 -6.23
CA GLY C 473 44.20 -31.59 -6.74
C GLY C 473 42.74 -32.01 -6.84
N ILE C 474 41.86 -31.02 -6.78
CA ILE C 474 40.42 -31.24 -6.83
C ILE C 474 39.82 -30.27 -7.85
N ASN C 475 38.84 -30.77 -8.62
CA ASN C 475 38.16 -30.00 -9.65
C ASN C 475 36.71 -29.74 -9.23
N GLU C 476 36.03 -28.91 -10.01
CA GLU C 476 34.61 -28.66 -9.80
C GLU C 476 33.75 -29.89 -10.12
N SER C 477 34.33 -30.92 -10.71
CA SER C 477 33.66 -32.18 -11.01
C SER C 477 33.38 -33.03 -9.76
N MET C 478 33.53 -32.41 -8.59
CA MET C 478 33.29 -33.04 -7.28
C MET C 478 33.81 -34.48 -7.24
N ASN C 479 35.05 -34.64 -7.68
CA ASN C 479 35.72 -35.93 -7.68
C ASN C 479 37.21 -35.71 -7.84
N ALA C 480 37.99 -36.73 -7.48
CA ALA C 480 39.43 -36.70 -7.67
C ALA C 480 39.75 -36.60 -9.16
N SER C 481 40.25 -35.44 -9.59
CA SER C 481 40.53 -35.18 -10.98
C SER C 481 42.01 -34.87 -11.18
N ASP C 482 42.49 -35.13 -12.39
CA ASP C 482 43.88 -34.84 -12.73
C ASP C 482 44.17 -33.35 -12.77
N TYR C 483 43.16 -32.53 -13.02
CA TYR C 483 43.34 -31.09 -13.17
C TYR C 483 42.77 -30.36 -11.95
N THR C 484 43.43 -29.28 -11.55
CA THR C 484 42.99 -28.45 -10.45
C THR C 484 43.08 -26.99 -10.86
N LEU C 485 42.21 -26.17 -10.27
CA LEU C 485 42.19 -24.75 -10.61
C LEU C 485 43.31 -24.01 -9.87
N LYS C 486 43.60 -22.80 -10.36
CA LYS C 486 44.75 -22.06 -9.87
C LYS C 486 44.55 -21.62 -8.43
N GLY C 487 45.55 -21.87 -7.59
CA GLY C 487 45.60 -21.35 -6.25
C GLY C 487 45.16 -22.30 -5.14
N VAL C 488 44.43 -23.36 -5.47
CA VAL C 488 43.89 -24.26 -4.46
C VAL C 488 44.82 -25.46 -4.31
N VAL C 489 45.20 -25.75 -3.08
CA VAL C 489 46.08 -26.86 -2.74
C VAL C 489 45.47 -27.59 -1.56
N VAL C 490 45.40 -28.92 -1.65
CA VAL C 490 44.77 -29.74 -0.61
C VAL C 490 45.86 -30.34 0.27
N THR C 491 45.77 -30.09 1.57
CA THR C 491 46.68 -30.65 2.57
C THR C 491 45.90 -31.59 3.47
N ARG C 492 46.32 -32.85 3.52
CA ARG C 492 45.59 -33.84 4.31
C ARG C 492 45.94 -33.76 5.79
N ASN C 493 47.01 -33.04 6.15
CA ASN C 493 47.38 -32.86 7.54
C ASN C 493 47.95 -31.47 7.78
N LYS C 505 50.00 -11.69 24.34
CA LYS C 505 49.64 -10.55 25.17
C LYS C 505 49.83 -9.27 24.37
N VAL C 506 48.75 -8.51 24.20
CA VAL C 506 48.77 -7.26 23.46
C VAL C 506 48.37 -6.13 24.41
N SER C 507 49.16 -5.06 24.42
CA SER C 507 48.93 -3.92 25.28
C SER C 507 48.45 -2.74 24.43
N ILE C 508 47.39 -2.08 24.90
CA ILE C 508 46.75 -0.99 24.16
C ILE C 508 47.23 0.34 24.72
N THR C 509 47.63 1.24 23.83
CA THR C 509 48.23 2.51 24.24
C THR C 509 47.16 3.59 24.41
N LYS C 510 47.61 4.83 24.57
CA LYS C 510 46.71 5.94 24.88
C LYS C 510 45.75 6.23 23.73
N ASN C 511 46.23 6.14 22.49
CA ASN C 511 45.42 6.47 21.32
C ASN C 511 44.70 5.25 20.76
N LEU C 512 44.40 4.27 21.61
CA LEU C 512 43.61 3.10 21.24
C LEU C 512 44.25 2.31 20.10
N SER C 513 45.57 2.17 20.16
CA SER C 513 46.32 1.33 19.23
C SER C 513 46.80 0.09 19.95
N LEU C 514 46.70 -1.06 19.29
CA LEU C 514 47.12 -2.34 19.84
C LEU C 514 48.54 -2.63 19.38
N ILE C 515 49.46 -2.79 20.33
CA ILE C 515 50.85 -3.06 20.03
C ILE C 515 51.26 -4.35 20.72
N LYS C 516 52.16 -5.09 20.08
CA LYS C 516 52.69 -6.32 20.64
C LYS C 516 53.71 -5.99 21.74
N ARG C 517 54.38 -7.02 22.26
CA ARG C 517 55.46 -6.81 23.20
C ARG C 517 56.70 -6.21 22.55
N THR C 518 56.74 -6.15 21.21
CA THR C 518 57.91 -5.72 20.47
C THR C 518 57.84 -4.26 20.04
N GLY C 519 56.70 -3.81 19.54
CA GLY C 519 56.55 -2.45 19.06
C GLY C 519 55.69 -2.36 17.82
N GLU C 520 55.53 -3.47 17.11
CA GLU C 520 54.66 -3.49 15.95
C GLU C 520 53.21 -3.31 16.36
N VAL C 521 52.47 -2.54 15.57
CA VAL C 521 51.07 -2.26 15.82
C VAL C 521 50.23 -3.23 15.01
N ILE C 522 49.32 -3.94 15.69
CA ILE C 522 48.46 -4.90 14.99
C ILE C 522 47.26 -4.18 14.37
N MET C 523 46.45 -3.55 15.22
CA MET C 523 45.28 -2.81 14.76
C MET C 523 45.20 -1.50 15.52
N GLY C 524 44.75 -0.45 14.82
CA GLY C 524 44.58 0.85 15.42
C GLY C 524 43.13 1.32 15.35
N ALA C 525 42.90 2.50 15.92
CA ALA C 525 41.57 3.08 15.90
C ALA C 525 41.18 3.54 14.50
N ASN C 526 42.16 3.86 13.65
CA ASN C 526 41.87 4.23 12.28
C ASN C 526 41.42 3.03 11.45
N ASP C 527 41.52 1.83 11.97
CA ASP C 527 41.10 0.62 11.26
C ASP C 527 39.62 0.31 11.41
N VAL C 528 38.91 1.00 12.32
CA VAL C 528 37.50 0.71 12.50
C VAL C 528 36.70 1.28 11.34
N SER C 529 35.66 0.56 10.94
CA SER C 529 34.86 0.98 9.79
C SER C 529 34.11 2.27 10.10
N GLU C 530 33.94 3.07 9.05
CA GLU C 530 33.23 4.35 9.16
C GLU C 530 31.72 4.19 9.08
N LEU C 531 31.23 2.97 8.88
CA LEU C 531 29.80 2.76 8.68
C LEU C 531 29.00 3.04 9.93
N GLU C 532 27.87 3.69 9.76
CA GLU C 532 26.87 3.84 10.81
C GLU C 532 25.77 2.82 10.57
N SER C 533 25.51 1.99 11.58
CA SER C 533 24.54 0.91 11.46
C SER C 533 23.66 0.87 12.69
N GLN C 534 22.50 0.25 12.52
CA GLN C 534 21.54 0.07 13.61
C GLN C 534 21.77 -1.29 14.26
N ALA C 535 21.91 -1.30 15.58
CA ALA C 535 22.08 -2.55 16.28
C ALA C 535 20.81 -3.37 16.25
N GLN C 536 20.97 -4.70 16.19
CA GLN C 536 19.80 -5.57 16.28
C GLN C 536 19.12 -5.46 17.64
N LEU C 537 19.91 -5.36 18.70
CA LEU C 537 19.39 -5.26 20.06
C LEU C 537 19.53 -3.83 20.56
N MET C 538 18.68 -3.46 21.51
CA MET C 538 18.72 -2.12 22.08
C MET C 538 19.97 -1.96 22.94
N ILE C 539 20.79 -0.97 22.60
CA ILE C 539 22.01 -0.66 23.34
C ILE C 539 21.73 0.50 24.27
N THR C 540 22.17 0.39 25.52
CA THR C 540 21.94 1.41 26.54
C THR C 540 23.26 1.82 27.14
N TYR C 541 23.49 3.12 27.24
CA TYR C 541 24.70 3.67 27.84
C TYR C 541 24.29 4.31 29.17
N ASP C 542 24.42 3.55 30.26
CA ASP C 542 23.98 4.02 31.56
C ASP C 542 24.91 5.10 32.10
N THR C 543 24.91 6.24 31.43
CA THR C 543 25.72 7.39 31.80
C THR C 543 24.92 8.66 31.56
N PRO C 544 25.17 9.72 32.33
CA PRO C 544 24.46 10.99 32.08
C PRO C 544 24.81 11.63 30.76
N LYS C 545 25.83 11.16 30.06
CA LYS C 545 26.22 11.67 28.75
C LYS C 545 25.94 10.64 27.66
N MET C 546 24.76 10.02 27.73
CA MET C 546 24.37 9.02 26.73
C MET C 546 24.20 9.64 25.36
N TRP C 547 23.70 10.87 25.28
CA TRP C 547 23.40 11.50 24.00
C TRP C 547 24.64 11.70 23.14
N GLU C 548 25.83 11.63 23.74
CA GLU C 548 27.06 11.73 22.96
C GLU C 548 27.29 10.51 22.09
N MET C 549 26.55 9.43 22.29
CA MET C 549 26.67 8.23 21.46
C MET C 549 25.60 8.15 20.38
N GLY C 550 24.81 9.20 20.21
CA GLY C 550 23.74 9.19 19.23
C GLY C 550 24.24 9.47 17.82
N THR C 551 23.29 9.61 16.90
CA THR C 551 23.62 9.86 15.50
C THR C 551 23.99 11.34 15.34
N THR C 552 24.19 11.76 14.09
CA THR C 552 24.70 13.11 13.84
C THR C 552 23.64 14.17 14.14
N LYS C 553 22.41 13.96 13.68
CA LYS C 553 21.36 14.96 13.91
C LYS C 553 21.06 15.11 15.40
N GLU C 554 20.97 13.98 16.12
CA GLU C 554 20.71 14.04 17.56
C GLU C 554 21.84 14.77 18.28
N LEU C 555 23.09 14.47 17.90
CA LEU C 555 24.23 15.13 18.53
C LEU C 555 24.22 16.63 18.27
N VAL C 556 23.92 17.04 17.03
CA VAL C 556 23.89 18.46 16.71
C VAL C 556 22.80 19.16 17.50
N GLN C 557 21.61 18.55 17.55
CA GLN C 557 20.52 19.18 18.28
C GLN C 557 20.83 19.29 19.76
N ASN C 558 21.37 18.23 20.38
CA ASN C 558 21.69 18.29 21.79
C ASN C 558 22.79 19.30 22.08
N THR C 559 23.81 19.38 21.21
CA THR C 559 24.87 20.36 21.40
C THR C 559 24.32 21.78 21.32
N TYR C 560 23.49 22.06 20.32
CA TYR C 560 22.97 23.42 20.17
C TYR C 560 21.98 23.77 21.28
N GLN C 561 21.22 22.78 21.77
CA GLN C 561 20.36 23.03 22.92
C GLN C 561 21.20 23.35 24.16
N TRP C 562 22.31 22.64 24.35
CA TRP C 562 23.20 22.97 25.45
C TRP C 562 23.77 24.37 25.31
N VAL C 563 24.13 24.76 24.09
CA VAL C 563 24.65 26.11 23.87
C VAL C 563 23.58 27.15 24.20
N LEU C 564 22.35 26.91 23.79
CA LEU C 564 21.26 27.84 24.09
C LEU C 564 21.01 27.93 25.59
N LYS C 565 21.06 26.80 26.29
CA LYS C 565 20.79 26.81 27.72
C LYS C 565 21.83 27.62 28.47
N ASN C 566 23.10 27.51 28.07
CA ASN C 566 24.20 28.24 28.71
C ASN C 566 24.65 29.42 27.89
N LEU C 567 23.72 30.05 27.15
CA LEU C 567 24.11 31.12 26.23
C LEU C 567 24.67 32.32 26.99
N VAL C 568 24.06 32.68 28.11
CA VAL C 568 24.46 33.90 28.83
C VAL C 568 25.90 33.78 29.32
N THR C 569 26.22 32.66 29.98
CA THR C 569 27.56 32.49 30.52
C THR C 569 28.59 32.34 29.41
N LEU C 570 28.23 31.65 28.32
CA LEU C 570 29.15 31.54 27.19
C LEU C 570 29.46 32.90 26.59
N LYS C 571 28.43 33.74 26.43
CA LYS C 571 28.65 35.07 25.87
C LYS C 571 29.49 35.92 26.82
N ALA C 572 29.23 35.85 28.12
CA ALA C 572 30.00 36.63 29.08
C ALA C 572 31.46 36.20 29.07
N GLN C 573 31.70 34.88 29.06
CA GLN C 573 33.06 34.36 29.05
C GLN C 573 33.78 34.73 27.77
N PHE C 574 33.08 34.70 26.64
CA PHE C 574 33.69 35.05 25.36
C PHE C 574 34.03 36.53 25.29
N LEU C 575 33.12 37.39 25.77
CA LEU C 575 33.36 38.82 25.71
C LEU C 575 34.37 39.29 26.75
N LEU C 576 34.61 38.49 27.80
CA LEU C 576 35.64 38.81 28.77
C LEU C 576 36.93 38.03 28.51
N GLY C 577 36.85 36.71 28.49
CA GLY C 577 37.99 35.86 28.23
C GLY C 577 38.29 35.77 26.75
N LYS C 578 39.22 34.88 26.43
CA LYS C 578 39.63 34.73 25.03
C LYS C 578 39.59 33.29 24.53
N GLU C 579 39.98 32.31 25.34
CA GLU C 579 40.18 30.96 24.85
C GLU C 579 39.51 29.86 25.66
N ASP C 580 39.24 30.06 26.94
CA ASP C 580 38.74 28.97 27.77
C ASP C 580 37.30 28.60 27.47
N MET C 581 36.54 29.47 26.81
CA MET C 581 35.15 29.16 26.50
C MET C 581 35.02 28.31 25.24
N PHE C 582 36.13 28.00 24.58
CA PHE C 582 36.12 27.12 23.42
C PHE C 582 36.25 25.65 23.78
N GLN C 583 36.62 25.33 25.02
CA GLN C 583 36.86 23.95 25.46
C GLN C 583 35.73 23.54 26.40
N TRP C 584 34.86 22.65 25.92
CA TRP C 584 33.75 22.15 26.73
C TRP C 584 33.45 20.72 26.31
N ASP C 585 32.74 20.01 27.19
CA ASP C 585 32.43 18.60 26.95
C ASP C 585 31.41 18.44 25.82
N ALA C 586 30.42 19.34 25.76
CA ALA C 586 29.46 19.28 24.67
C ALA C 586 30.14 19.45 23.32
N PHE C 587 31.09 20.38 23.24
CA PHE C 587 31.83 20.56 21.99
C PHE C 587 32.72 19.37 21.70
N GLU C 588 33.23 18.70 22.73
CA GLU C 588 34.00 17.48 22.53
C GLU C 588 33.15 16.38 21.92
N ALA C 589 31.90 16.26 22.35
CA ALA C 589 30.98 15.34 21.69
C ALA C 589 30.67 15.78 20.27
N PHE C 590 30.52 17.09 20.05
CA PHE C 590 30.21 17.60 18.73
C PHE C 590 31.34 17.34 17.74
N GLU C 591 32.58 17.37 18.20
CA GLU C 591 33.73 17.17 17.30
C GLU C 591 33.75 15.76 16.72
N SER C 592 33.11 14.78 17.37
CA SER C 592 33.16 13.42 16.88
C SER C 592 32.40 13.23 15.58
N ILE C 593 31.52 14.18 15.21
CA ILE C 593 30.79 14.07 13.95
C ILE C 593 31.36 14.98 12.87
N ILE C 594 32.30 15.85 13.20
CA ILE C 594 33.06 16.55 12.17
C ILE C 594 34.09 15.60 11.58
N PRO C 595 34.12 15.40 10.27
CA PRO C 595 35.17 14.56 9.67
C PRO C 595 36.54 15.12 10.03
N GLN C 596 37.44 14.22 10.42
CA GLN C 596 38.70 14.62 11.04
C GLN C 596 39.61 15.40 10.09
N LYS C 597 39.46 15.23 8.79
CA LYS C 597 40.27 15.98 7.85
C LYS C 597 40.02 17.48 7.97
N MET C 598 38.76 17.88 8.15
CA MET C 598 38.37 19.29 8.10
C MET C 598 38.20 19.92 9.47
N ALA C 599 38.40 19.18 10.56
CA ALA C 599 38.07 19.70 11.89
C ALA C 599 38.94 20.91 12.24
N GLY C 600 40.25 20.80 12.02
CA GLY C 600 41.13 21.91 12.36
C GLY C 600 40.90 23.14 11.50
N GLN C 601 40.65 22.93 10.21
CA GLN C 601 40.37 24.06 9.31
C GLN C 601 39.06 24.74 9.69
N TYR C 602 38.02 23.96 10.00
CA TYR C 602 36.77 24.54 10.48
C TYR C 602 36.99 25.31 11.76
N SER C 603 37.79 24.77 12.68
CA SER C 603 38.03 25.46 13.94
C SER C 603 38.74 26.78 13.71
N GLY C 604 39.75 26.79 12.83
CA GLY C 604 40.43 28.03 12.54
C GLY C 604 39.51 29.08 11.94
N PHE C 605 38.71 28.66 10.95
CA PHE C 605 37.76 29.58 10.32
C PHE C 605 36.79 30.15 11.35
N ALA C 606 36.16 29.28 12.15
CA ALA C 606 35.15 29.73 13.08
C ALA C 606 35.73 30.59 14.19
N ARG C 607 36.93 30.26 14.67
CA ARG C 607 37.58 31.09 15.68
C ARG C 607 37.88 32.48 15.12
N ALA C 608 38.36 32.55 13.88
CA ALA C 608 38.63 33.84 13.28
C ALA C 608 37.34 34.66 13.14
N VAL C 609 36.25 34.01 12.73
CA VAL C 609 34.99 34.73 12.58
C VAL C 609 34.51 35.27 13.93
N LEU C 610 34.55 34.44 14.96
CA LEU C 610 34.10 34.90 16.28
C LEU C 610 34.99 36.02 16.80
N LYS C 611 36.30 35.89 16.60
CA LYS C 611 37.20 36.93 17.07
C LYS C 611 36.95 38.25 16.36
N GLN C 612 36.72 38.22 15.05
CA GLN C 612 36.43 39.45 14.34
C GLN C 612 35.08 40.03 14.75
N MET C 613 34.14 39.16 15.13
CA MET C 613 32.89 39.67 15.68
C MET C 613 33.13 40.40 16.99
N ARG C 614 33.96 39.83 17.87
CA ARG C 614 34.19 40.46 19.17
C ARG C 614 34.99 41.76 19.03
N ASP C 615 35.97 41.78 18.13
CA ASP C 615 36.91 42.91 18.08
C ASP C 615 36.21 44.20 17.67
N GLN C 616 35.33 44.14 16.68
CA GLN C 616 34.61 45.32 16.21
C GLN C 616 33.31 45.56 16.95
N GLU C 617 33.03 44.77 17.98
CA GLU C 617 31.84 44.83 18.83
C GLU C 617 30.56 44.44 18.11
N VAL C 618 30.63 44.12 16.82
CA VAL C 618 29.45 43.62 16.10
C VAL C 618 29.25 42.16 16.54
N MET C 619 28.21 41.93 17.34
CA MET C 619 27.94 40.62 17.89
C MET C 619 26.59 40.14 17.40
N LYS C 620 26.57 39.05 16.64
CA LYS C 620 25.35 38.43 16.17
C LYS C 620 25.14 37.15 16.94
N THR C 621 24.06 37.09 17.72
CA THR C 621 23.85 35.94 18.59
C THR C 621 23.61 34.66 17.79
N ASP C 622 22.86 34.75 16.69
CA ASP C 622 22.59 33.57 15.88
C ASP C 622 23.88 32.99 15.31
N GLN C 623 24.75 33.85 14.78
CA GLN C 623 25.99 33.36 14.18
C GLN C 623 26.96 32.85 15.23
N PHE C 624 27.01 33.53 16.39
CA PHE C 624 27.84 33.05 17.49
C PHE C 624 27.39 31.67 17.93
N ILE C 625 26.09 31.46 18.08
CA ILE C 625 25.57 30.14 18.44
C ILE C 625 25.93 29.12 17.37
N LYS C 626 25.74 29.48 16.10
CA LYS C 626 25.97 28.52 15.02
C LYS C 626 27.42 28.09 14.95
N LEU C 627 28.36 29.03 15.09
CA LEU C 627 29.76 28.73 14.89
C LEU C 627 30.52 28.37 16.17
N LEU C 628 29.89 28.48 17.33
CA LEU C 628 30.60 28.18 18.57
C LEU C 628 31.06 26.72 18.67
N PRO C 629 30.22 25.71 18.39
CA PRO C 629 30.71 24.33 18.53
C PRO C 629 31.90 23.99 17.66
N PHE C 630 32.07 24.66 16.52
CA PHE C 630 33.18 24.35 15.63
C PHE C 630 34.51 24.89 16.15
N CYS C 631 34.50 25.77 17.15
CA CYS C 631 35.73 26.34 17.67
C CYS C 631 36.31 25.49 18.80
N PHE C 632 36.38 24.18 18.61
CA PHE C 632 36.87 23.31 19.67
C PHE C 632 38.17 22.60 19.32
N SER C 633 38.30 22.10 18.10
CA SER C 633 39.53 21.44 17.70
C SER C 633 40.66 22.46 17.62
N PRO C 634 41.90 22.02 17.79
CA PRO C 634 43.03 22.93 17.62
C PRO C 634 43.05 23.53 16.22
N PRO C 635 43.31 24.83 16.11
CA PRO C 635 43.21 25.49 14.79
C PRO C 635 44.24 24.98 13.80
N LYS C 636 43.88 25.01 12.53
CA LYS C 636 44.76 24.61 11.43
C LYS C 636 44.69 25.72 10.38
N LEU C 637 45.63 26.65 10.47
CA LEU C 637 45.68 27.77 9.54
C LEU C 637 46.42 27.35 8.26
N ARG C 638 46.59 28.31 7.36
CA ARG C 638 47.34 28.09 6.13
C ARG C 638 48.78 28.57 6.30
N SER C 639 49.54 28.57 5.20
CA SER C 639 50.95 28.95 5.27
C SER C 639 51.13 30.41 5.70
N ASN C 640 50.29 31.30 5.17
CA ASN C 640 50.39 32.71 5.52
C ASN C 640 49.79 33.03 6.89
N GLY C 641 49.14 32.05 7.53
CA GLY C 641 48.47 32.26 8.79
C GLY C 641 46.99 32.54 8.67
N GLU C 642 46.51 32.88 7.48
CA GLU C 642 45.10 33.12 7.29
C GLU C 642 44.33 31.79 7.31
N PRO C 643 43.20 31.73 7.98
CA PRO C 643 42.44 30.47 8.03
C PRO C 643 41.75 30.19 6.71
N TYR C 644 41.39 28.92 6.54
CA TYR C 644 40.61 28.54 5.38
C TYR C 644 39.25 29.22 5.43
N GLN C 645 38.66 29.42 4.26
CA GLN C 645 37.33 30.03 4.14
C GLN C 645 36.35 28.99 3.63
N PHE C 646 35.12 29.04 4.14
CA PHE C 646 34.13 28.04 3.81
C PHE C 646 32.78 28.70 3.55
N LEU C 647 32.00 28.05 2.70
CA LEU C 647 30.59 28.39 2.51
C LEU C 647 29.68 27.50 3.33
N LYS C 648 30.03 26.23 3.49
CA LYS C 648 29.28 25.33 4.34
C LYS C 648 30.23 24.33 4.99
N LEU C 649 29.85 23.87 6.17
CA LEU C 649 30.64 22.96 6.98
C LEU C 649 29.94 21.61 7.02
N VAL C 650 30.57 20.60 6.45
CA VAL C 650 29.95 19.29 6.26
C VAL C 650 30.18 18.43 7.50
N LEU C 651 29.17 17.65 7.85
CA LEU C 651 29.22 16.73 8.99
C LEU C 651 29.08 15.30 8.49
N LYS C 652 29.34 14.36 9.38
CA LYS C 652 29.39 12.95 9.00
C LYS C 652 28.01 12.42 8.68
N GLY C 653 27.90 11.71 7.55
CA GLY C 653 26.72 10.93 7.25
C GLY C 653 25.60 11.73 6.61
N GLY C 654 25.13 11.29 5.45
CA GLY C 654 24.00 11.92 4.81
C GLY C 654 24.32 13.23 4.13
N GLY C 655 23.70 13.46 2.97
CA GLY C 655 23.96 14.67 2.21
C GLY C 655 23.29 15.92 2.74
N GLU C 656 22.35 15.77 3.67
CA GLU C 656 21.65 16.90 4.27
C GLU C 656 22.29 17.39 5.55
N ASN C 657 23.39 16.76 5.98
CA ASN C 657 24.04 17.10 7.25
C ASN C 657 25.15 18.10 6.97
N PHE C 658 24.81 19.38 7.00
CA PHE C 658 25.81 20.43 6.86
C PHE C 658 25.26 21.69 7.51
N ILE C 659 26.18 22.61 7.80
CA ILE C 659 25.85 23.89 8.41
C ILE C 659 26.27 24.99 7.45
N GLU C 660 25.32 25.78 6.98
CA GLU C 660 25.63 26.89 6.10
C GLU C 660 26.11 28.07 6.92
N VAL C 661 27.24 28.65 6.51
CA VAL C 661 27.84 29.74 7.28
C VAL C 661 26.98 31.00 7.18
N ARG C 662 26.40 31.25 6.00
CA ARG C 662 25.64 32.48 5.75
C ARG C 662 24.14 32.25 5.86
N LYS C 663 23.61 31.30 5.09
CA LYS C 663 22.19 31.07 5.00
C LYS C 663 21.75 30.07 6.07
N GLY C 664 20.50 29.62 5.97
CA GLY C 664 20.02 28.53 6.79
C GLY C 664 20.47 27.18 6.25
N SER C 665 20.06 26.13 6.94
CA SER C 665 20.51 24.79 6.64
C SER C 665 19.45 23.82 7.15
N PRO C 666 19.42 22.58 6.63
CA PRO C 666 18.52 21.58 7.21
C PRO C 666 18.76 21.31 8.68
N LEU C 667 19.95 21.60 9.20
CA LEU C 667 20.24 21.43 10.61
C LEU C 667 20.15 22.71 11.42
N PHE C 668 20.37 23.87 10.80
CA PHE C 668 20.43 25.12 11.55
C PHE C 668 19.89 26.24 10.66
N SER C 669 18.81 26.87 11.10
CA SER C 669 18.22 27.99 10.38
C SER C 669 17.76 29.01 11.41
N TYR C 670 17.72 30.28 11.01
CA TYR C 670 17.34 31.34 11.94
C TYR C 670 16.40 32.32 11.26
N ASN C 671 15.28 32.61 11.92
CA ASN C 671 14.34 33.60 11.43
C ASN C 671 14.44 34.84 12.30
N PRO C 672 15.03 35.93 11.78
CA PRO C 672 15.11 37.17 12.57
C PRO C 672 13.78 37.88 12.75
N GLN C 673 12.80 37.62 11.89
CA GLN C 673 11.48 38.23 12.07
C GLN C 673 10.86 37.77 13.38
N THR C 674 10.81 36.46 13.60
CA THR C 674 10.29 35.90 14.84
C THR C 674 11.37 35.62 15.86
N GLU C 675 12.64 35.81 15.50
CA GLU C 675 13.78 35.46 16.35
C GLU C 675 13.69 34.01 16.79
N VAL C 676 13.44 33.12 15.83
CA VAL C 676 13.21 31.72 16.11
C VAL C 676 14.29 30.88 15.43
N LEU C 677 14.93 30.02 16.21
CA LEU C 677 16.02 29.17 15.75
C LEU C 677 15.46 27.78 15.47
N THR C 678 15.57 27.33 14.23
CA THR C 678 15.13 26.01 13.84
C THR C 678 16.36 25.11 13.78
N ILE C 679 16.45 24.16 14.70
CA ILE C 679 17.56 23.23 14.79
C ILE C 679 16.99 21.83 14.57
N CYS C 680 17.35 21.21 13.45
CA CYS C 680 16.96 19.85 13.13
C CYS C 680 15.43 19.67 13.21
N GLY C 681 14.71 20.70 12.78
CA GLY C 681 13.26 20.65 12.78
C GLY C 681 12.58 21.07 14.06
N ARG C 682 13.33 21.46 15.09
CA ARG C 682 12.78 21.89 16.36
C ARG C 682 12.95 23.39 16.50
N MET C 683 11.90 24.07 16.98
CA MET C 683 11.90 25.52 17.09
C MET C 683 12.26 25.94 18.51
N MET C 684 13.23 26.83 18.63
CA MET C 684 13.65 27.39 19.91
C MET C 684 13.51 28.90 19.84
N SER C 685 12.87 29.49 20.82
CA SER C 685 12.66 30.93 20.83
C SER C 685 13.92 31.62 21.35
N LEU C 686 14.59 32.36 20.48
CA LEU C 686 15.72 33.17 20.89
C LEU C 686 15.30 34.51 21.45
N LYS C 687 14.00 34.80 21.44
CA LYS C 687 13.48 36.06 21.97
C LYS C 687 13.74 36.15 23.48
N GLY C 688 14.03 37.35 23.93
CA GLY C 688 14.40 37.56 25.32
C GLY C 688 15.89 37.55 25.56
N LYS C 689 16.57 36.53 25.05
CA LYS C 689 18.03 36.46 25.12
C LYS C 689 18.68 37.08 23.90
N ILE C 690 18.26 38.30 23.58
CA ILE C 690 18.65 38.94 22.32
C ILE C 690 18.31 40.42 22.37
N GLU C 691 19.10 41.23 21.67
CA GLU C 691 18.80 42.64 21.51
C GLU C 691 18.24 42.88 20.12
N ASP C 692 17.14 43.64 20.04
CA ASP C 692 16.50 43.89 18.75
C ASP C 692 17.39 44.71 17.82
N GLU C 693 18.39 45.40 18.37
CA GLU C 693 19.35 46.10 17.52
C GLU C 693 20.09 45.14 16.60
N GLU C 694 20.22 43.87 17.01
CA GLU C 694 20.85 42.89 16.14
C GLU C 694 20.04 42.64 14.88
N ARG C 695 18.73 42.94 14.89
CA ARG C 695 17.98 42.90 13.63
C ARG C 695 18.49 43.96 12.67
N ASN C 696 18.91 45.12 13.19
CA ASN C 696 19.54 46.17 12.40
C ASN C 696 21.06 46.06 12.37
N ARG C 697 21.60 44.86 12.56
CA ARG C 697 23.05 44.65 12.57
C ARG C 697 23.44 43.79 11.37
N SER C 698 24.50 44.22 10.69
CA SER C 698 24.87 43.60 9.42
C SER C 698 25.35 42.17 9.61
N MET C 699 24.88 41.27 8.74
CA MET C 699 25.25 39.87 8.81
C MET C 699 26.66 39.63 8.27
N GLY C 700 27.07 40.37 7.24
CA GLY C 700 28.33 40.15 6.58
C GLY C 700 29.55 40.32 7.47
N ASN C 701 29.38 40.90 8.66
CA ASN C 701 30.49 40.99 9.61
C ASN C 701 30.89 39.63 10.18
N ALA C 702 30.07 38.59 10.00
CA ALA C 702 30.32 37.30 10.62
C ALA C 702 30.11 36.17 9.62
N VAL C 703 30.66 36.35 8.42
CA VAL C 703 30.51 35.36 7.36
C VAL C 703 31.89 34.97 6.86
N LEU C 704 32.86 35.87 7.00
CA LEU C 704 34.21 35.64 6.50
C LEU C 704 35.22 36.05 7.56
N ALA C 705 36.40 35.42 7.48
CA ALA C 705 37.43 35.56 8.50
C ALA C 705 38.32 36.75 8.17
N GLY C 706 38.23 37.81 8.96
CA GLY C 706 39.00 39.02 8.70
C GLY C 706 38.38 39.94 7.69
N PHE C 707 37.06 39.86 7.49
CA PHE C 707 36.35 40.67 6.50
C PHE C 707 35.24 41.44 7.19
N LEU C 708 35.06 42.69 6.79
CA LEU C 708 34.01 43.54 7.34
C LEU C 708 33.28 44.24 6.20
N VAL C 709 31.97 44.44 6.40
CA VAL C 709 31.14 45.07 5.37
C VAL C 709 31.55 46.53 5.21
N SER C 710 31.64 46.98 3.95
CA SER C 710 31.94 48.37 3.65
C SER C 710 30.73 49.17 3.20
N GLY C 711 29.88 48.59 2.36
CA GLY C 711 28.73 49.29 1.84
C GLY C 711 27.86 48.44 0.94
N LYS C 712 27.23 49.06 -0.05
CA LYS C 712 26.27 48.39 -0.91
C LYS C 712 26.99 47.72 -2.07
N TYR C 713 26.24 47.26 -3.06
CA TYR C 713 26.82 46.65 -4.25
C TYR C 713 27.50 47.73 -5.10
N ASP C 714 28.73 47.45 -5.55
CA ASP C 714 29.46 48.36 -6.42
C ASP C 714 29.63 47.72 -7.79
N PRO C 715 29.04 48.28 -8.85
CA PRO C 715 29.30 47.75 -10.20
C PRO C 715 30.76 47.89 -10.63
N ASP C 716 31.56 48.70 -9.95
CA ASP C 716 32.96 48.86 -10.31
C ASP C 716 33.72 47.54 -10.24
N LEU C 717 33.54 46.81 -9.13
CA LEU C 717 34.27 45.56 -8.95
C LEU C 717 33.68 44.44 -9.80
N GLY C 718 32.37 44.39 -9.94
CA GLY C 718 31.72 43.45 -10.86
C GLY C 718 31.21 42.22 -10.12
N ASP C 719 31.71 41.05 -10.51
CA ASP C 719 31.14 39.79 -10.07
C ASP C 719 31.39 39.54 -8.59
N PHE C 720 30.54 38.71 -8.00
CA PHE C 720 30.76 38.26 -6.63
C PHE C 720 31.92 37.27 -6.59
N LYS C 721 32.87 37.52 -5.70
CA LYS C 721 34.06 36.68 -5.60
C LYS C 721 33.74 35.39 -4.86
N THR C 722 34.37 34.30 -5.30
CA THR C 722 34.23 33.01 -4.66
C THR C 722 35.24 32.88 -3.53
N ILE C 723 35.25 31.71 -2.89
CA ILE C 723 36.18 31.48 -1.77
C ILE C 723 37.61 31.45 -2.26
N GLU C 724 37.88 30.69 -3.34
CA GLU C 724 39.24 30.57 -3.85
C GLU C 724 39.75 31.89 -4.42
N GLU C 725 38.85 32.71 -4.96
CA GLU C 725 39.23 34.04 -5.42
C GLU C 725 39.29 35.07 -4.30
N LEU C 726 38.84 34.72 -3.09
CA LEU C 726 38.85 35.66 -1.97
C LEU C 726 39.98 35.41 -0.98
N GLU C 727 40.41 34.16 -0.82
CA GLU C 727 41.50 33.89 0.11
C GLU C 727 42.81 34.51 -0.35
N LYS C 728 42.97 34.71 -1.65
CA LYS C 728 44.21 35.24 -2.21
C LYS C 728 44.24 36.76 -2.28
N LEU C 729 43.16 37.44 -1.91
CA LEU C 729 43.18 38.89 -1.89
C LEU C 729 44.09 39.40 -0.77
N LYS C 730 44.88 40.42 -1.09
CA LYS C 730 45.74 41.06 -0.11
C LYS C 730 44.92 41.93 0.83
N PRO C 731 45.43 42.20 2.04
CA PRO C 731 44.68 43.04 2.98
C PRO C 731 44.43 44.43 2.42
N GLY C 732 43.28 45.00 2.78
CA GLY C 732 42.89 46.30 2.27
C GLY C 732 42.26 46.28 0.89
N GLU C 733 41.91 45.11 0.37
CA GLU C 733 41.35 44.98 -0.97
C GLU C 733 39.84 44.76 -0.88
N LYS C 734 39.10 45.52 -1.69
CA LYS C 734 37.64 45.41 -1.69
C LYS C 734 37.19 44.22 -2.53
N ALA C 735 35.99 43.74 -2.23
CA ALA C 735 35.42 42.60 -2.95
C ALA C 735 33.92 42.56 -2.72
N ASN C 736 33.20 42.02 -3.70
CA ASN C 736 31.76 41.83 -3.59
C ASN C 736 31.47 40.41 -3.15
N ILE C 737 30.75 40.27 -2.04
CA ILE C 737 30.40 38.98 -1.47
C ILE C 737 28.88 38.92 -1.35
N LEU C 738 28.27 37.92 -1.98
CA LEU C 738 26.84 37.71 -1.87
C LEU C 738 26.54 36.93 -0.60
N LEU C 739 25.91 37.59 0.37
CA LEU C 739 25.55 36.90 1.61
C LEU C 739 24.50 35.83 1.36
N TYR C 740 23.33 36.25 0.89
CA TYR C 740 22.30 35.30 0.46
C TYR C 740 21.47 35.96 -0.63
N GLN C 741 20.43 35.25 -1.06
CA GLN C 741 19.70 35.64 -2.26
C GLN C 741 19.15 37.06 -2.13
N GLY C 742 19.50 37.91 -3.09
CA GLY C 742 19.04 39.27 -3.09
C GLY C 742 19.69 40.18 -2.08
N LYS C 743 20.87 39.82 -1.58
CA LYS C 743 21.61 40.65 -0.62
C LYS C 743 23.05 40.83 -1.09
N PRO C 744 23.27 41.67 -2.11
CA PRO C 744 24.64 41.96 -2.53
C PRO C 744 25.31 42.94 -1.58
N VAL C 745 26.47 42.56 -1.06
CA VAL C 745 27.19 43.35 -0.08
C VAL C 745 28.67 43.37 -0.48
N LYS C 746 29.30 44.53 -0.35
CA LYS C 746 30.74 44.65 -0.59
C LYS C 746 31.49 44.56 0.73
N VAL C 747 32.62 43.85 0.70
CA VAL C 747 33.38 43.53 1.91
C VAL C 747 34.84 43.95 1.70
N VAL C 748 35.52 44.18 2.82
CA VAL C 748 36.92 44.56 2.82
C VAL C 748 37.67 43.69 3.82
N LYS C 749 38.89 43.31 3.48
CA LYS C 749 39.72 42.54 4.39
C LYS C 749 40.10 43.38 5.61
C02 K1F F 19 -15.26 23.47 -17.91
C04 K1F F 19 -14.51 24.51 -18.44
C06 K1F F 19 -13.89 25.84 -20.31
C07 K1F F 19 -13.03 26.56 -19.49
C1' K1F F 19 -11.99 27.03 -17.32
C4' K1F F 19 -10.95 26.86 -15.22
C5' K1F F 19 -11.53 26.04 -14.09
C3' K1F F 19 -11.53 28.26 -15.38
C2' K1F F 19 -12.66 28.01 -16.36
C22 K1F F 19 -13.65 25.23 -17.63
N01 K1F F 19 -14.95 23.14 -16.66
N05 K1F F 19 -14.64 24.80 -19.75
N08 K1F F 19 -12.91 26.23 -18.14
O03 K1F F 19 -16.14 22.92 -18.56
O4' K1F F 19 -11.23 26.17 -16.48
O5' K1F F 19 -10.58 25.80 -13.06
O3' K1F F 19 -10.55 29.07 -16.04
O2' K1F F 19 -13.17 29.14 -17.02
O23 K1F F 19 -13.56 24.94 -16.44
P K1F F 19 -9.37 24.78 -13.26
OP1 K1F F 19 -8.40 25.35 -14.22
OP3 K1F F 19 -8.90 24.38 -11.92
C02 K1F F 20 -16.97 31.23 -21.37
C04 K1F F 20 -15.65 31.52 -21.68
C06 K1F F 20 -14.06 32.93 -22.72
C07 K1F F 20 -13.04 32.11 -22.28
C1' K1F F 20 -12.28 30.10 -21.04
C4' K1F F 20 -10.84 29.95 -19.20
C5' K1F F 20 -10.43 31.16 -18.39
C3' K1F F 20 -10.04 29.73 -20.48
C2' K1F F 20 -10.88 30.49 -21.49
C22 K1F F 20 -14.63 30.69 -21.22
N01 K1F F 20 -17.17 30.08 -20.73
N05 K1F F 20 -15.37 32.62 -22.40
N08 K1F F 20 -13.35 30.98 -21.52
O03 K1F F 20 -17.88 32.00 -21.68
O4' K1F F 20 -12.23 30.14 -19.62
O5' K1F F 20 -11.15 31.25 -17.16
O3' K1F F 20 -10.10 28.33 -20.81
O2' K1F F 20 -10.63 30.18 -22.85
O23 K1F F 20 -14.88 29.69 -20.55
P K1F F 20 -10.52 30.66 -15.82
OP1 K1F F 20 -9.11 31.09 -15.74
OP3 K1F F 20 -11.44 31.00 -14.70
MG MG G . -2.56 16.32 -13.41
MG MG H . -0.63 15.22 -9.92
MG MG I . 2.98 17.88 -7.19
N2 GTA J . 40.85 -7.63 7.74
O6 GTA J . 40.90 -8.18 3.17
C6 GTA J . 40.26 -8.12 4.22
C5 GTA J . 38.93 -8.24 4.24
N7 GTA J . 38.02 -8.45 3.28
C7 GTA J . 38.20 -8.61 1.82
C8 GTA J . 36.82 -8.49 3.84
N9 GTA J . 36.97 -8.31 5.14
C4 GTA J . 38.27 -8.16 5.39
N3 GTA J . 38.91 -7.96 6.56
C2 GTA J . 40.23 -7.83 6.59
N1 GTA J . 40.96 -7.91 5.41
O3A GTA J . 35.03 -8.60 8.46
C1A GTA J . 35.90 -8.30 6.15
C2A GTA J . 35.76 -6.99 6.87
C3A GTA J . 34.61 -7.46 7.71
C4A GTA J . 33.68 -7.88 6.58
C5A GTA J . 33.05 -6.64 5.94
O4A GTA J . 34.57 -8.46 5.58
O2A GTA J . 36.91 -6.74 7.69
P1 GTA J . 33.89 -4.97 4.12
O11 GTA J . 32.64 -4.31 3.68
O12 GTA J . 35.03 -5.05 3.17
O13 GTA J . 34.42 -4.26 5.46
O15 GTA J . 33.55 -6.45 4.63
P2 GTA J . 33.63 -3.05 6.18
O22 GTA J . 33.55 -1.90 5.25
O21 GTA J . 34.19 -2.87 7.53
O23 GTA J . 32.14 -3.66 6.36
P3 GTA J . 31.21 -3.15 7.55
O32 GTA J . 31.74 -3.67 8.83
O31 GTA J . 30.99 -1.70 7.39
O33 GTA J . 29.82 -3.92 7.25
C5B GTA J . 29.77 -5.34 7.45
C4B GTA J . 28.40 -5.79 7.96
O4B GTA J . 28.57 -7.08 8.60
C3B GTA J . 27.93 -4.93 9.12
O3B GTA J . 26.70 -5.45 9.64
C2B GTA J . 29.02 -5.31 10.06
O2B GTA J . 28.77 -4.81 11.38
C1B GTA J . 28.84 -6.80 10.01
N9C GTA J . 30.06 -7.47 10.52
C8C GTA J . 31.29 -7.10 10.22
N7C GTA J . 32.14 -7.92 10.84
C5C GTA J . 31.42 -8.80 11.52
C6C GTA J . 31.80 -9.82 12.29
N6C GTA J . 33.10 -10.01 12.42
N1C GTA J . 30.90 -10.61 12.89
C2C GTA J . 29.54 -10.35 12.70
N3C GTA J . 29.18 -9.27 11.90
C4C GTA J . 30.13 -8.53 11.32
#